data_6MGI
#
_entry.id   6MGI
#
_cell.length_a   152.087
_cell.length_b   170.679
_cell.length_c   244.622
_cell.angle_alpha   90.00
_cell.angle_beta   90.00
_cell.angle_gamma   90.00
#
_symmetry.space_group_name_H-M   'C 2 2 21'
#
loop_
_entity.id
_entity.type
_entity.pdbx_description
1 polymer 'Phosphoenolpyruvate carboxylase'
2 non-polymer GLYCINE
3 non-polymer 6-O-phosphono-alpha-D-glucopyranose
4 non-polymer 1,2-ETHANEDIOL
5 non-polymer '2-PHOSPHOGLYCOLIC ACID'
6 non-polymer GLYCEROL
7 water water
#
_entity_poly.entity_id   1
_entity_poly.type   'polypeptide(L)'
_entity_poly.pdbx_seq_one_letter_code
;MASTKAPGPGEKHHSIDAQLRQLVPGKVSEDDKLIEYDALLVDRFLNILQDLHGPSLREFVQECYEVSADYEGKGDTTKL
GELGAKLTGLAPADAILVASSILHMLNLANLAEEVQIAHRRRNSKLKKGGFADEGSATTESDIEETLKRLVSEVGKSPEE
VFEALKNQTVDLVFTAHPTQSARRSLLQKNARIRNCLTQLNAKDITDDDKQELDEALQREIQAAFRTDEIRRAQPTPQDE
MRYGMSYIHETVWKGVPKFLRRVDTALKNIGINERLPYNVSLIRFSSWMGGDRDGNPRVTPEVTRDVCLLARMMAANLYI
DQIEELMFELSMWRCNDELRVRAEELHSSSGSKVTKYYIEFWKQIPPNEPYRVILGHVRDKLYNTRERARHLLASGVSEI
SAESSFTSIEEFLEPLELCYKSLCDCGDKAIADGSLLDLLRQVFTFGLSLVKLDIRQESERHTDVIDAITTHLGIGSYRE
WSEDKRQEWLLSELRGKRPLLPPDLPQTEEIADVIGAFHVLAELPPDSFGPYIISMATAPSDVLAVELLQRECGVRQPLP
VVPLFERLADLQSAPASVERLFSVDWYMDRIKGKQQVMVGYSDSGKDAGRLSAAWQLYRAQEEMAQVAKRYGVKLTLFHG
RGGTVGRGGGPTHLAILSQPPDTINGSIRVTVQGEVIEFCFGEEHLCFQTLQRFTAATLEHGMHPPVSPKPEWRKLMDEM
AVVATEEYRSVVVKEARFVEYFRSATPETEYGRMNIGSRPAKRRPGGGITTLRAIPWIFSWTQTRFHLPVWLGVGAAFKF
AIDKDVRNFQVLKEMYNEWPFFRVTLDLLEMVFAKGDPGIAGLYDELLVAEELKPFGKQLRDKYVETQQLLLQIAGHKDI
LEGDPFLKQGLVLRNPYITTLNVFQAYTLKRIRDPNFKVTPQPPLSKEFADENKPAGLVKLNPASEYPPGLEDTLILTMK
GIAAGMQNTG
;
_entity_poly.pdbx_strand_id   A,B
#
loop_
_chem_comp.id
_chem_comp.type
_chem_comp.name
_chem_comp.formula
EDO non-polymer 1,2-ETHANEDIOL 'C2 H6 O2'
G6P D-saccharide, alpha linking 6-O-phosphono-alpha-D-glucopyranose 'C6 H13 O9 P'
GOL non-polymer GLYCEROL 'C3 H8 O3'
PGA non-polymer '2-PHOSPHOGLYCOLIC ACID' 'C2 H5 O6 P'
#
# COMPACT_ATOMS: atom_id res chain seq x y z
N ILE A 35 -14.78 -16.89 -21.75
CA ILE A 35 -14.69 -18.25 -22.25
C ILE A 35 -13.28 -18.80 -22.05
N GLU A 36 -12.31 -17.89 -21.90
CA GLU A 36 -10.94 -18.27 -21.60
C GLU A 36 -10.53 -17.99 -20.16
N TYR A 37 -11.05 -16.92 -19.55
CA TYR A 37 -10.83 -16.72 -18.12
C TYR A 37 -11.57 -17.77 -17.31
N ASP A 38 -12.76 -18.16 -17.78
CA ASP A 38 -13.55 -19.15 -17.07
C ASP A 38 -12.89 -20.53 -17.10
N ALA A 39 -12.54 -21.00 -18.31
CA ALA A 39 -11.87 -22.28 -18.44
C ALA A 39 -10.52 -22.30 -17.72
N LEU A 40 -9.92 -21.12 -17.52
CA LEU A 40 -8.64 -21.06 -16.80
C LEU A 40 -8.83 -21.38 -15.32
N LEU A 41 -9.68 -20.62 -14.64
CA LEU A 41 -9.85 -20.79 -13.20
C LEU A 41 -10.47 -22.14 -12.87
N VAL A 42 -11.46 -22.56 -13.65
CA VAL A 42 -12.07 -23.87 -13.44
C VAL A 42 -11.04 -24.98 -13.65
N ASP A 43 -10.12 -24.79 -14.59
CA ASP A 43 -9.01 -25.73 -14.75
C ASP A 43 -8.18 -25.80 -13.48
N ARG A 44 -7.82 -24.64 -12.93
CA ARG A 44 -7.03 -24.61 -11.69
C ARG A 44 -7.79 -25.27 -10.55
N PHE A 45 -9.09 -25.02 -10.43
CA PHE A 45 -9.84 -25.58 -9.32
C PHE A 45 -9.91 -27.10 -9.41
N LEU A 46 -10.29 -27.62 -10.57
CA LEU A 46 -10.42 -29.07 -10.73
C LEU A 46 -9.08 -29.76 -10.49
N ASN A 47 -7.97 -29.10 -10.82
CA ASN A 47 -6.67 -29.65 -10.49
C ASN A 47 -6.45 -29.68 -8.99
N ILE A 48 -6.77 -28.58 -8.30
CA ILE A 48 -6.67 -28.54 -6.85
C ILE A 48 -7.61 -29.57 -6.23
N LEU A 49 -8.79 -29.75 -6.81
CA LEU A 49 -9.72 -30.76 -6.31
C LEU A 49 -9.14 -32.17 -6.46
N GLN A 50 -8.57 -32.46 -7.63
CA GLN A 50 -8.00 -33.79 -7.86
C GLN A 50 -6.79 -34.03 -6.98
N ASP A 51 -5.95 -33.01 -6.79
CA ASP A 51 -4.78 -33.16 -5.94
C ASP A 51 -5.16 -33.49 -4.51
N LEU A 52 -6.22 -32.87 -3.99
CA LEU A 52 -6.55 -32.98 -2.58
C LEU A 52 -7.50 -34.14 -2.26
N HIS A 53 -8.45 -34.43 -3.15
CA HIS A 53 -9.46 -35.45 -2.86
C HIS A 53 -9.46 -36.61 -3.85
N GLY A 54 -8.64 -36.56 -4.89
CA GLY A 54 -8.54 -37.66 -5.82
C GLY A 54 -9.26 -37.41 -7.12
N PRO A 55 -9.15 -38.34 -8.06
CA PRO A 55 -9.73 -38.12 -9.39
C PRO A 55 -11.21 -38.46 -9.46
N SER A 56 -11.67 -39.34 -8.56
CA SER A 56 -13.07 -39.72 -8.56
C SER A 56 -13.96 -38.52 -8.26
N LEU A 57 -13.59 -37.73 -7.25
CA LEU A 57 -14.38 -36.54 -6.93
C LEU A 57 -14.33 -35.51 -8.05
N ARG A 58 -13.23 -35.46 -8.81
CA ARG A 58 -13.17 -34.55 -9.95
C ARG A 58 -14.09 -35.01 -11.07
N GLU A 59 -14.03 -36.30 -11.42
CA GLU A 59 -14.87 -36.80 -12.50
C GLU A 59 -16.35 -36.67 -12.17
N PHE A 60 -16.72 -36.95 -10.91
CA PHE A 60 -18.10 -36.81 -10.48
C PHE A 60 -18.62 -35.40 -10.73
N VAL A 61 -17.85 -34.39 -10.31
CA VAL A 61 -18.27 -33.01 -10.47
C VAL A 61 -18.40 -32.66 -11.95
N GLN A 62 -17.46 -33.12 -12.77
CA GLN A 62 -17.55 -32.87 -14.21
C GLN A 62 -18.72 -33.63 -14.82
N GLU A 63 -19.00 -34.85 -14.33
CA GLU A 63 -20.15 -35.59 -14.83
C GLU A 63 -21.45 -34.85 -14.56
N CYS A 64 -21.58 -34.26 -13.37
CA CYS A 64 -22.75 -33.46 -13.05
C CYS A 64 -22.95 -32.33 -14.05
N TYR A 65 -21.85 -31.68 -14.46
CA TYR A 65 -21.96 -30.58 -15.42
C TYR A 65 -22.47 -31.08 -16.78
N GLU A 66 -21.93 -32.20 -17.26
CA GLU A 66 -22.35 -32.73 -18.56
C GLU A 66 -23.84 -33.08 -18.57
N VAL A 67 -24.31 -33.73 -17.51
CA VAL A 67 -25.72 -34.11 -17.43
C VAL A 67 -26.61 -32.86 -17.39
N SER A 68 -26.27 -31.91 -16.52
CA SER A 68 -27.03 -30.67 -16.44
C SER A 68 -26.94 -29.89 -17.75
N ALA A 69 -25.77 -29.92 -18.41
CA ALA A 69 -25.63 -29.23 -19.69
C ALA A 69 -26.57 -29.80 -20.74
N ASP A 70 -26.93 -31.08 -20.63
CA ASP A 70 -27.90 -31.65 -21.54
C ASP A 70 -29.32 -31.20 -21.23
N TYR A 71 -29.65 -31.00 -19.95
CA TYR A 71 -30.94 -30.41 -19.61
C TYR A 71 -31.04 -29.00 -20.17
N GLU A 72 -30.03 -28.17 -19.91
CA GLU A 72 -30.06 -26.78 -20.34
C GLU A 72 -30.04 -26.68 -21.86
N GLY A 73 -29.33 -27.57 -22.53
CA GLY A 73 -29.16 -27.51 -23.97
C GLY A 73 -30.30 -28.14 -24.75
N LYS A 74 -30.91 -29.19 -24.21
CA LYS A 74 -31.96 -29.91 -24.89
C LYS A 74 -33.34 -29.68 -24.31
N GLY A 75 -33.45 -29.46 -23.00
CA GLY A 75 -34.73 -29.48 -22.33
C GLY A 75 -35.16 -30.87 -21.89
N ASP A 76 -34.22 -31.81 -21.79
CA ASP A 76 -34.52 -33.18 -21.38
C ASP A 76 -34.78 -33.19 -19.89
N THR A 77 -36.06 -33.27 -19.52
CA THR A 77 -36.40 -33.31 -18.10
C THR A 77 -35.97 -34.61 -17.43
N THR A 78 -35.67 -35.66 -18.19
CA THR A 78 -35.15 -36.88 -17.58
C THR A 78 -33.73 -36.71 -17.06
N LYS A 79 -32.99 -35.71 -17.55
CA LYS A 79 -31.65 -35.46 -17.03
C LYS A 79 -31.70 -35.02 -15.57
N LEU A 80 -32.76 -34.33 -15.15
CA LEU A 80 -32.92 -33.98 -13.75
C LEU A 80 -33.06 -35.21 -12.86
N GLY A 81 -33.74 -36.25 -13.36
CA GLY A 81 -33.77 -37.51 -12.63
C GLY A 81 -32.43 -38.21 -12.62
N GLU A 82 -31.64 -38.03 -13.68
CA GLU A 82 -30.27 -38.56 -13.68
C GLU A 82 -29.43 -37.85 -12.63
N LEU A 83 -29.54 -36.52 -12.53
CA LEU A 83 -28.85 -35.79 -11.50
C LEU A 83 -29.30 -36.23 -10.11
N GLY A 84 -30.62 -36.36 -9.93
CA GLY A 84 -31.13 -36.80 -8.64
C GLY A 84 -30.60 -38.16 -8.25
N ALA A 85 -30.43 -39.06 -9.21
CA ALA A 85 -29.89 -40.38 -8.91
C ALA A 85 -28.47 -40.29 -8.38
N LYS A 86 -27.62 -39.50 -9.04
CA LYS A 86 -26.22 -39.40 -8.63
C LYS A 86 -26.09 -38.72 -7.27
N LEU A 87 -26.81 -37.61 -7.06
CA LEU A 87 -26.64 -36.82 -5.85
C LEU A 87 -27.21 -37.49 -4.62
N THR A 88 -28.11 -38.47 -4.78
CA THR A 88 -28.60 -39.25 -3.66
C THR A 88 -27.64 -40.40 -3.35
N GLY A 89 -27.48 -40.71 -2.06
CA GLY A 89 -26.67 -41.82 -1.63
C GLY A 89 -25.22 -41.50 -1.38
N LEU A 90 -24.77 -40.29 -1.69
CA LEU A 90 -23.38 -39.93 -1.43
C LEU A 90 -23.08 -40.03 0.06
N ALA A 91 -21.82 -40.32 0.39
CA ALA A 91 -21.37 -40.27 1.77
C ALA A 91 -21.51 -38.84 2.28
N PRO A 92 -21.72 -38.66 3.59
CA PRO A 92 -21.92 -37.30 4.13
C PRO A 92 -20.81 -36.33 3.77
N ALA A 93 -19.55 -36.75 3.90
CA ALA A 93 -18.44 -35.86 3.56
C ALA A 93 -18.40 -35.54 2.07
N ASP A 94 -18.57 -36.57 1.22
CA ASP A 94 -18.57 -36.33 -0.22
C ASP A 94 -19.68 -35.36 -0.61
N ALA A 95 -20.86 -35.49 -0.01
CA ALA A 95 -21.97 -34.59 -0.33
C ALA A 95 -21.61 -33.14 -0.04
N ILE A 96 -20.95 -32.88 1.10
CA ILE A 96 -20.50 -31.52 1.41
C ILE A 96 -19.47 -31.06 0.40
N LEU A 97 -18.54 -31.96 0.03
CA LEU A 97 -17.48 -31.58 -0.90
C LEU A 97 -18.04 -31.29 -2.29
N VAL A 98 -19.03 -32.08 -2.74
CA VAL A 98 -19.65 -31.83 -4.03
C VAL A 98 -20.32 -30.47 -4.04
N ALA A 99 -21.13 -30.19 -3.01
CA ALA A 99 -21.81 -28.90 -2.93
C ALA A 99 -20.82 -27.75 -2.81
N SER A 100 -19.74 -27.94 -2.05
CA SER A 100 -18.75 -26.88 -1.88
C SER A 100 -17.98 -26.63 -3.16
N SER A 101 -17.65 -27.69 -3.91
CA SER A 101 -16.91 -27.53 -5.15
C SER A 101 -17.70 -26.71 -6.16
N ILE A 102 -18.97 -27.06 -6.36
CA ILE A 102 -19.81 -26.33 -7.31
C ILE A 102 -20.00 -24.90 -6.84
N LEU A 103 -20.12 -24.70 -5.53
CA LEU A 103 -20.21 -23.33 -5.00
C LEU A 103 -18.96 -22.53 -5.35
N HIS A 104 -17.79 -23.13 -5.21
CA HIS A 104 -16.56 -22.41 -5.53
C HIS A 104 -16.40 -22.20 -7.02
N MET A 105 -16.88 -23.14 -7.84
CA MET A 105 -16.73 -22.99 -9.29
C MET A 105 -17.70 -21.95 -9.84
N LEU A 106 -18.92 -21.89 -9.29
CA LEU A 106 -19.82 -20.80 -9.65
C LEU A 106 -19.23 -19.46 -9.21
N ASN A 107 -18.63 -19.42 -8.03
CA ASN A 107 -17.96 -18.21 -7.57
C ASN A 107 -16.80 -17.85 -8.48
N LEU A 108 -16.01 -18.84 -8.89
CA LEU A 108 -14.91 -18.59 -9.82
C LEU A 108 -15.44 -18.11 -11.17
N ALA A 109 -16.55 -18.70 -11.63
CA ALA A 109 -17.16 -18.24 -12.88
C ALA A 109 -17.54 -16.78 -12.80
N ASN A 110 -18.10 -16.35 -11.66
CA ASN A 110 -18.41 -14.94 -11.46
C ASN A 110 -17.16 -14.09 -11.55
N LEU A 111 -16.12 -14.44 -10.78
CA LEU A 111 -14.87 -13.69 -10.81
C LEU A 111 -14.29 -13.62 -12.22
N ALA A 112 -14.36 -14.73 -12.97
CA ALA A 112 -13.85 -14.72 -14.34
C ALA A 112 -14.62 -13.75 -15.23
N GLU A 113 -15.91 -13.54 -14.95
CA GLU A 113 -16.70 -12.61 -15.74
C GLU A 113 -16.43 -11.16 -15.34
N GLU A 114 -16.30 -10.90 -14.03
CA GLU A 114 -15.99 -9.55 -13.57
C GLU A 114 -14.68 -9.05 -14.16
N VAL A 115 -13.71 -9.94 -14.36
CA VAL A 115 -12.46 -9.54 -15.00
C VAL A 115 -12.67 -9.37 -16.50
N GLN A 116 -13.54 -10.17 -17.10
CA GLN A 116 -13.75 -10.10 -18.55
C GLN A 116 -14.41 -8.79 -18.96
N ILE A 117 -15.39 -8.33 -18.17
CA ILE A 117 -16.11 -7.10 -18.54
C ILE A 117 -15.23 -5.89 -18.28
N ALA A 118 -14.44 -5.93 -17.20
CA ALA A 118 -13.45 -4.87 -16.97
C ALA A 118 -12.48 -4.76 -18.12
N HIS A 119 -12.03 -5.91 -18.63
CA HIS A 119 -11.12 -5.93 -19.77
C HIS A 119 -11.79 -5.38 -21.03
N ARG A 120 -13.08 -5.70 -21.22
CA ARG A 120 -13.79 -5.21 -22.40
C ARG A 120 -14.08 -3.73 -22.29
N ARG A 121 -14.47 -3.26 -21.09
CA ARG A 121 -14.68 -1.83 -20.88
C ARG A 121 -13.40 -1.05 -21.17
N ARG A 122 -12.25 -1.60 -20.77
CA ARG A 122 -10.97 -0.96 -21.07
C ARG A 122 -10.74 -0.90 -22.58
N ASN A 123 -10.97 -2.02 -23.27
CA ASN A 123 -10.76 -2.05 -24.72
C ASN A 123 -11.75 -1.16 -25.46
N SER A 124 -12.96 -0.98 -24.92
CA SER A 124 -13.93 -0.10 -25.54
C SER A 124 -13.54 1.37 -25.46
N LYS A 125 -12.52 1.71 -24.67
CA LYS A 125 -12.02 3.07 -24.56
C LYS A 125 -10.71 3.28 -25.30
N LEU A 126 -10.36 2.36 -26.21
CA LEU A 126 -9.10 2.44 -26.93
C LEU A 126 -9.27 2.02 -28.38
N SER A 141 -22.61 7.14 -21.07
CA SER A 141 -22.38 6.43 -19.82
C SER A 141 -21.17 7.01 -19.08
N ASP A 142 -20.10 7.26 -19.84
CA ASP A 142 -18.93 7.92 -19.30
C ASP A 142 -19.27 9.33 -18.86
N ILE A 143 -18.52 9.83 -17.86
CA ILE A 143 -18.82 11.17 -17.35
C ILE A 143 -18.36 12.25 -18.32
N GLU A 144 -17.29 11.99 -19.08
CA GLU A 144 -16.88 12.96 -20.09
C GLU A 144 -17.78 12.89 -21.32
N GLU A 145 -18.22 11.68 -21.68
CA GLU A 145 -19.18 11.55 -22.77
C GLU A 145 -20.51 12.22 -22.42
N THR A 146 -20.96 12.05 -21.17
CA THR A 146 -22.20 12.69 -20.75
C THR A 146 -22.07 14.21 -20.77
N LEU A 147 -20.91 14.74 -20.39
CA LEU A 147 -20.72 16.18 -20.44
C LEU A 147 -20.67 16.70 -21.87
N LYS A 148 -20.03 15.95 -22.77
CA LYS A 148 -20.00 16.34 -24.18
C LYS A 148 -21.40 16.30 -24.78
N ARG A 149 -22.13 15.20 -24.55
CA ARG A 149 -23.49 15.08 -25.08
C ARG A 149 -24.41 16.15 -24.53
N LEU A 150 -24.20 16.55 -23.27
CA LEU A 150 -25.03 17.58 -22.67
C LEU A 150 -24.73 18.97 -23.21
N VAL A 151 -23.56 19.18 -23.80
CA VAL A 151 -23.23 20.47 -24.39
C VAL A 151 -23.50 20.50 -25.89
N SER A 152 -23.13 19.44 -26.60
CA SER A 152 -23.25 19.46 -28.05
C SER A 152 -24.66 19.13 -28.51
N GLU A 153 -25.24 18.04 -28.03
CA GLU A 153 -26.49 17.53 -28.58
C GLU A 153 -27.72 18.17 -27.95
N VAL A 154 -27.82 18.15 -26.62
CA VAL A 154 -28.97 18.79 -25.97
C VAL A 154 -28.79 20.29 -25.84
N GLY A 155 -27.60 20.81 -26.16
CA GLY A 155 -27.42 22.24 -26.32
C GLY A 155 -27.23 23.06 -25.06
N LYS A 156 -26.91 22.42 -23.94
CA LYS A 156 -26.62 23.18 -22.72
C LYS A 156 -25.23 23.80 -22.82
N SER A 157 -25.04 24.90 -22.09
CA SER A 157 -23.76 25.57 -22.10
C SER A 157 -22.81 24.92 -21.09
N PRO A 158 -21.50 25.02 -21.30
CA PRO A 158 -20.55 24.46 -20.33
C PRO A 158 -20.70 25.05 -18.94
N GLU A 159 -21.08 26.32 -18.85
CA GLU A 159 -21.19 26.97 -17.55
C GLU A 159 -22.41 26.50 -16.77
N GLU A 160 -23.54 26.22 -17.45
CA GLU A 160 -24.69 25.69 -16.74
C GLU A 160 -24.56 24.20 -16.44
N VAL A 161 -23.72 23.48 -17.18
CA VAL A 161 -23.35 22.13 -16.76
C VAL A 161 -22.41 22.19 -15.56
N PHE A 162 -21.49 23.17 -15.56
CA PHE A 162 -20.64 23.40 -14.40
C PHE A 162 -21.48 23.77 -13.18
N GLU A 163 -22.44 24.68 -13.36
CA GLU A 163 -23.30 25.08 -12.25
C GLU A 163 -24.18 23.92 -11.77
N ALA A 164 -24.54 23.00 -12.66
CA ALA A 164 -25.33 21.85 -12.25
C ALA A 164 -24.51 20.90 -11.38
N LEU A 165 -23.25 20.68 -11.73
CA LEU A 165 -22.41 19.79 -10.94
C LEU A 165 -22.14 20.35 -9.55
N LYS A 166 -21.91 21.67 -9.46
CA LYS A 166 -21.61 22.28 -8.16
C LYS A 166 -22.78 22.19 -7.19
N ASN A 167 -23.99 21.92 -7.68
CA ASN A 167 -25.16 21.78 -6.83
C ASN A 167 -25.68 20.35 -6.79
N GLN A 168 -24.95 19.40 -7.35
CA GLN A 168 -25.37 18.01 -7.32
C GLN A 168 -24.77 17.29 -6.12
N THR A 169 -25.53 16.34 -5.59
CA THR A 169 -25.06 15.52 -4.47
C THR A 169 -25.81 14.20 -4.49
N VAL A 170 -25.06 13.10 -4.58
CA VAL A 170 -25.61 11.75 -4.58
C VAL A 170 -25.10 11.06 -3.33
N ASP A 171 -25.97 10.90 -2.33
CA ASP A 171 -25.61 10.22 -1.09
C ASP A 171 -25.88 8.72 -1.24
N LEU A 172 -24.82 7.92 -1.10
CA LEU A 172 -24.91 6.47 -1.18
C LEU A 172 -24.88 5.92 0.25
N VAL A 173 -25.92 5.16 0.61
CA VAL A 173 -26.17 4.77 1.98
C VAL A 173 -25.89 3.28 2.13
N PHE A 174 -24.78 2.93 2.78
CA PHE A 174 -24.45 1.54 3.02
C PHE A 174 -25.34 0.95 4.10
N THR A 175 -25.94 -0.19 3.82
CA THR A 175 -26.77 -0.89 4.79
C THR A 175 -26.34 -2.34 4.90
N ALA A 176 -26.58 -2.92 6.07
CA ALA A 176 -26.24 -4.31 6.37
C ALA A 176 -27.46 -5.21 6.19
N HIS A 177 -28.18 -5.04 5.10
CA HIS A 177 -29.29 -5.94 4.79
C HIS A 177 -28.75 -7.34 4.57
N PRO A 178 -29.36 -8.37 5.16
CA PRO A 178 -28.75 -9.71 5.16
C PRO A 178 -28.74 -10.39 3.80
N THR A 179 -28.06 -9.78 2.82
CA THR A 179 -27.98 -10.35 1.48
C THR A 179 -26.60 -10.84 1.09
N GLN A 180 -25.59 -10.64 1.92
CA GLN A 180 -24.22 -11.04 1.60
C GLN A 180 -24.02 -12.48 2.05
N SER A 181 -24.21 -13.42 1.11
CA SER A 181 -24.12 -14.84 1.44
C SER A 181 -22.69 -15.33 1.58
N ALA A 182 -21.69 -14.51 1.26
CA ALA A 182 -20.30 -14.92 1.34
C ALA A 182 -19.66 -14.26 2.57
N ARG A 183 -18.95 -15.05 3.36
CA ARG A 183 -18.28 -14.51 4.52
C ARG A 183 -17.03 -13.73 4.09
N ARG A 184 -16.64 -12.78 4.95
CA ARG A 184 -15.59 -11.85 4.59
C ARG A 184 -14.26 -12.55 4.32
N SER A 185 -14.03 -13.70 4.97
CA SER A 185 -12.85 -14.50 4.65
C SER A 185 -12.82 -14.85 3.17
N LEU A 186 -13.96 -15.32 2.64
CA LEU A 186 -14.00 -15.75 1.24
C LEU A 186 -13.98 -14.55 0.29
N LEU A 187 -14.68 -13.47 0.63
CA LEU A 187 -14.63 -12.27 -0.21
C LEU A 187 -13.22 -11.71 -0.31
N GLN A 188 -12.48 -11.74 0.80
CA GLN A 188 -11.11 -11.26 0.80
C GLN A 188 -10.25 -12.05 -0.18
N LYS A 189 -10.46 -13.37 -0.24
CA LYS A 189 -9.73 -14.19 -1.21
C LYS A 189 -10.11 -13.81 -2.64
N ASN A 190 -11.39 -13.48 -2.87
CA ASN A 190 -11.85 -13.13 -4.21
C ASN A 190 -11.09 -11.93 -4.76
N ALA A 191 -10.78 -10.96 -3.90
CA ALA A 191 -9.99 -9.81 -4.34
C ALA A 191 -8.64 -10.25 -4.90
N ARG A 192 -7.96 -11.16 -4.19
CA ARG A 192 -6.63 -11.60 -4.60
C ARG A 192 -6.70 -12.50 -5.82
N ILE A 193 -7.75 -13.32 -5.95
CA ILE A 193 -7.89 -14.16 -7.14
C ILE A 193 -8.08 -13.27 -8.37
N ARG A 194 -8.93 -12.24 -8.26
CA ARG A 194 -9.10 -11.31 -9.37
C ARG A 194 -7.81 -10.54 -9.63
N ASN A 195 -7.09 -10.17 -8.55
CA ASN A 195 -5.84 -9.43 -8.72
C ASN A 195 -4.79 -10.28 -9.43
N CYS A 196 -4.65 -11.54 -9.03
CA CYS A 196 -3.76 -12.45 -9.73
C CYS A 196 -4.17 -12.59 -11.19
N LEU A 197 -5.47 -12.81 -11.44
CA LEU A 197 -5.95 -13.04 -12.79
C LEU A 197 -5.73 -11.83 -13.69
N THR A 198 -5.83 -10.62 -13.14
CA THR A 198 -5.58 -9.43 -13.94
C THR A 198 -4.12 -9.31 -14.32
N GLN A 199 -3.23 -9.35 -13.32
CA GLN A 199 -1.80 -9.24 -13.60
C GLN A 199 -1.31 -10.38 -14.50
N LEU A 200 -1.97 -11.53 -14.43
CA LEU A 200 -1.56 -12.69 -15.22
C LEU A 200 -1.78 -12.49 -16.71
N ASN A 201 -2.64 -11.54 -17.10
CA ASN A 201 -2.98 -11.33 -18.51
C ASN A 201 -2.40 -10.03 -19.05
N ALA A 202 -1.41 -9.46 -18.36
CA ALA A 202 -0.64 -8.38 -18.95
C ALA A 202 0.31 -8.95 -20.00
N LYS A 203 0.51 -8.20 -21.08
CA LYS A 203 1.44 -8.61 -22.13
C LYS A 203 2.88 -8.23 -21.81
N ASP A 204 3.15 -7.91 -20.54
CA ASP A 204 4.41 -7.30 -20.10
C ASP A 204 5.30 -8.28 -19.34
N ILE A 205 4.72 -9.30 -18.71
CA ILE A 205 5.38 -10.04 -17.65
C ILE A 205 6.30 -11.12 -18.21
N THR A 206 7.30 -11.47 -17.40
CA THR A 206 8.25 -12.53 -17.72
C THR A 206 7.60 -13.91 -17.56
N ASP A 207 8.23 -14.91 -18.18
CA ASP A 207 7.79 -16.29 -17.97
C ASP A 207 7.90 -16.69 -16.50
N ASP A 208 8.89 -16.16 -15.79
CA ASP A 208 9.08 -16.50 -14.38
C ASP A 208 8.03 -15.83 -13.50
N ASP A 209 7.72 -14.55 -13.74
CA ASP A 209 6.64 -13.90 -13.00
C ASP A 209 5.30 -14.53 -13.36
N LYS A 210 5.08 -14.82 -14.63
CA LYS A 210 3.90 -15.59 -15.04
C LYS A 210 3.81 -16.90 -14.26
N GLN A 211 4.95 -17.56 -14.06
CA GLN A 211 4.97 -18.82 -13.32
C GLN A 211 4.66 -18.62 -11.84
N GLU A 212 5.12 -17.50 -11.26
CA GLU A 212 4.85 -17.23 -9.84
C GLU A 212 3.46 -16.68 -9.63
N LEU A 213 2.92 -15.93 -10.60
CA LEU A 213 1.58 -15.40 -10.47
C LEU A 213 0.52 -16.50 -10.51
N ASP A 214 0.76 -17.58 -11.28
CA ASP A 214 -0.19 -18.68 -11.30
C ASP A 214 -0.05 -19.49 -10.02
N GLU A 215 1.17 -19.73 -9.56
CA GLU A 215 1.34 -20.42 -8.28
C GLU A 215 0.59 -19.69 -7.18
N ALA A 216 0.65 -18.36 -7.17
CA ALA A 216 -0.11 -17.58 -6.21
C ALA A 216 -1.61 -17.70 -6.46
N LEU A 217 -2.01 -17.82 -7.73
CA LEU A 217 -3.42 -17.98 -8.05
C LEU A 217 -3.94 -19.35 -7.60
N GLN A 218 -3.16 -20.41 -7.84
CA GLN A 218 -3.56 -21.74 -7.39
C GLN A 218 -3.64 -21.82 -5.88
N ARG A 219 -2.73 -21.15 -5.18
CA ARG A 219 -2.76 -21.22 -3.72
C ARG A 219 -3.85 -20.35 -3.11
N GLU A 220 -4.32 -19.33 -3.84
CA GLU A 220 -5.45 -18.54 -3.37
C GLU A 220 -6.77 -19.28 -3.56
N ILE A 221 -6.93 -19.93 -4.71
CA ILE A 221 -8.11 -20.77 -4.93
C ILE A 221 -8.15 -21.90 -3.90
N GLN A 222 -7.00 -22.50 -3.60
CA GLN A 222 -6.95 -23.54 -2.60
C GLN A 222 -7.29 -22.99 -1.21
N ALA A 223 -6.81 -21.79 -0.89
CA ALA A 223 -7.09 -21.20 0.41
C ALA A 223 -8.59 -21.00 0.63
N ALA A 224 -9.33 -20.66 -0.44
CA ALA A 224 -10.77 -20.51 -0.32
C ALA A 224 -11.46 -21.86 -0.23
N PHE A 225 -10.98 -22.85 -0.98
CA PHE A 225 -11.61 -24.17 -0.98
C PHE A 225 -11.51 -24.84 0.38
N ARG A 226 -10.44 -24.58 1.13
CA ARG A 226 -10.20 -25.21 2.42
C ARG A 226 -10.64 -24.35 3.59
N THR A 227 -11.44 -23.32 3.33
CA THR A 227 -12.04 -22.51 4.37
C THR A 227 -13.48 -22.96 4.56
N ASP A 228 -13.94 -22.97 5.82
CA ASP A 228 -15.34 -23.26 6.11
C ASP A 228 -16.21 -22.17 5.50
N GLU A 229 -16.96 -22.52 4.46
CA GLU A 229 -17.83 -21.54 3.82
C GLU A 229 -18.99 -21.14 4.72
N ILE A 230 -19.37 -22.00 5.65
CA ILE A 230 -20.57 -21.81 6.46
C ILE A 230 -20.20 -20.99 7.70
N ARG A 231 -20.80 -19.81 7.83
CA ARG A 231 -20.63 -18.98 9.01
C ARG A 231 -21.33 -19.63 10.19
N ARG A 232 -20.54 -20.17 11.13
CA ARG A 232 -21.09 -21.00 12.20
C ARG A 232 -21.70 -20.20 13.34
N ALA A 233 -21.55 -18.88 13.34
CA ALA A 233 -22.09 -18.06 14.41
C ALA A 233 -22.71 -16.80 13.83
N GLN A 234 -23.84 -16.39 14.40
CA GLN A 234 -24.51 -15.20 13.92
C GLN A 234 -23.64 -13.97 14.13
N PRO A 235 -23.58 -13.06 13.17
CA PRO A 235 -22.79 -11.83 13.35
C PRO A 235 -23.50 -10.86 14.27
N THR A 236 -22.72 -9.90 14.76
CA THR A 236 -22.96 -8.79 15.65
C THR A 236 -23.18 -7.51 14.84
N PRO A 237 -24.10 -6.62 15.22
CA PRO A 237 -24.23 -5.34 14.51
C PRO A 237 -22.91 -4.59 14.37
N GLN A 238 -21.98 -4.77 15.30
CA GLN A 238 -20.64 -4.22 15.13
C GLN A 238 -19.87 -4.96 14.05
N ASP A 239 -20.09 -6.27 13.91
CA ASP A 239 -19.45 -7.02 12.83
C ASP A 239 -19.97 -6.55 11.47
N GLU A 240 -21.30 -6.41 11.35
CA GLU A 240 -21.88 -5.94 10.10
C GLU A 240 -21.35 -4.56 9.73
N MET A 241 -21.20 -3.67 10.72
CA MET A 241 -20.65 -2.35 10.45
C MET A 241 -19.23 -2.44 9.92
N ARG A 242 -18.41 -3.30 10.53
CA ARG A 242 -17.02 -3.46 10.08
C ARG A 242 -16.97 -4.00 8.65
N TYR A 243 -17.89 -4.89 8.29
CA TYR A 243 -17.94 -5.38 6.92
C TYR A 243 -18.21 -4.25 5.94
N GLY A 244 -19.16 -3.38 6.28
CA GLY A 244 -19.42 -2.22 5.44
C GLY A 244 -18.24 -1.26 5.39
N MET A 245 -17.69 -0.95 6.56
CA MET A 245 -16.57 0.00 6.63
C MET A 245 -15.32 -0.50 5.91
N SER A 246 -15.17 -1.82 5.72
CA SER A 246 -14.00 -2.33 5.02
C SER A 246 -13.93 -1.80 3.59
N TYR A 247 -15.08 -1.60 2.94
CA TYR A 247 -15.07 -1.03 1.61
C TYR A 247 -14.77 0.46 1.62
N ILE A 248 -15.10 1.15 2.72
CA ILE A 248 -14.69 2.55 2.86
C ILE A 248 -13.18 2.65 2.93
N HIS A 249 -12.52 1.68 3.56
CA HIS A 249 -11.07 1.66 3.62
C HIS A 249 -10.47 1.31 2.27
N GLU A 250 -10.73 0.09 1.79
CA GLU A 250 -9.94 -0.47 0.70
C GLU A 250 -10.24 0.17 -0.66
N THR A 251 -11.36 0.86 -0.81
CA THR A 251 -11.72 1.32 -2.15
C THR A 251 -12.25 2.74 -2.18
N VAL A 252 -13.19 3.07 -1.29
CA VAL A 252 -13.91 4.33 -1.38
C VAL A 252 -13.02 5.50 -0.97
N TRP A 253 -12.16 5.30 0.03
CA TRP A 253 -11.37 6.39 0.59
C TRP A 253 -10.53 7.09 -0.47
N LYS A 254 -9.71 6.32 -1.18
CA LYS A 254 -8.95 6.86 -2.30
C LYS A 254 -9.75 6.84 -3.59
N GLY A 255 -10.98 6.32 -3.56
CA GLY A 255 -11.77 6.21 -4.78
C GLY A 255 -12.33 7.54 -5.23
N VAL A 256 -12.96 8.28 -4.33
CA VAL A 256 -13.67 9.51 -4.71
C VAL A 256 -12.74 10.67 -5.03
N PRO A 257 -11.53 10.80 -4.45
CA PRO A 257 -10.63 11.85 -4.95
C PRO A 257 -10.12 11.55 -6.35
N LYS A 258 -9.92 10.27 -6.69
CA LYS A 258 -9.56 9.90 -8.04
C LYS A 258 -10.71 10.18 -9.01
N PHE A 259 -11.95 9.98 -8.57
CA PHE A 259 -13.10 10.26 -9.43
C PHE A 259 -13.34 11.75 -9.58
N LEU A 260 -13.21 12.51 -8.48
CA LEU A 260 -13.35 13.96 -8.57
C LEU A 260 -12.28 14.58 -9.46
N ARG A 261 -11.10 13.96 -9.53
CA ARG A 261 -10.08 14.45 -10.44
C ARG A 261 -10.46 14.20 -11.88
N ARG A 262 -11.12 13.08 -12.17
CA ARG A 262 -11.61 12.82 -13.52
C ARG A 262 -12.70 13.81 -13.91
N VAL A 263 -13.56 14.18 -12.95
CA VAL A 263 -14.60 15.16 -13.22
C VAL A 263 -13.99 16.48 -13.67
N ASP A 264 -12.86 16.87 -13.06
CA ASP A 264 -12.18 18.08 -13.48
C ASP A 264 -11.55 17.91 -14.86
N THR A 265 -11.07 16.71 -15.17
CA THR A 265 -10.54 16.45 -16.50
C THR A 265 -11.64 16.53 -17.55
N ALA A 266 -12.85 16.08 -17.21
CA ALA A 266 -13.97 16.19 -18.14
C ALA A 266 -14.41 17.65 -18.30
N LEU A 267 -14.39 18.41 -17.20
CA LEU A 267 -14.74 19.82 -17.29
C LEU A 267 -13.76 20.58 -18.17
N LYS A 268 -12.47 20.27 -18.06
CA LYS A 268 -11.47 20.94 -18.89
C LYS A 268 -11.67 20.63 -20.37
N ASN A 269 -12.18 19.44 -20.69
CA ASN A 269 -12.35 19.05 -22.08
C ASN A 269 -13.63 19.58 -22.71
N ILE A 270 -14.46 20.30 -21.96
CA ILE A 270 -15.61 21.00 -22.53
C ILE A 270 -15.50 22.51 -22.33
N GLY A 271 -14.29 23.00 -22.05
CA GLY A 271 -14.03 24.42 -22.02
C GLY A 271 -13.94 25.05 -20.64
N ILE A 272 -14.28 24.32 -19.59
CA ILE A 272 -14.24 24.87 -18.24
C ILE A 272 -12.80 24.88 -17.77
N ASN A 273 -12.19 26.07 -17.74
CA ASN A 273 -10.81 26.24 -17.31
C ASN A 273 -10.72 26.43 -15.80
N GLU A 274 -11.36 25.54 -15.05
CA GLU A 274 -11.46 25.67 -13.62
C GLU A 274 -11.79 24.32 -13.01
N ARG A 275 -11.16 24.00 -11.89
CA ARG A 275 -11.47 22.76 -11.22
C ARG A 275 -12.80 22.86 -10.48
N LEU A 276 -13.40 21.71 -10.22
CA LEU A 276 -14.60 21.65 -9.40
C LEU A 276 -14.24 22.06 -7.98
N PRO A 277 -14.89 23.08 -7.41
CA PRO A 277 -14.52 23.53 -6.06
C PRO A 277 -14.48 22.38 -5.07
N TYR A 278 -13.44 22.37 -4.23
CA TYR A 278 -13.21 21.22 -3.36
C TYR A 278 -14.27 21.10 -2.27
N ASN A 279 -15.03 22.17 -1.99
CA ASN A 279 -16.13 22.06 -1.05
C ASN A 279 -17.36 21.40 -1.64
N VAL A 280 -17.36 21.11 -2.95
CA VAL A 280 -18.48 20.44 -3.59
C VAL A 280 -18.39 18.96 -3.30
N SER A 281 -19.38 18.43 -2.59
CA SER A 281 -19.46 17.00 -2.29
C SER A 281 -20.35 16.36 -3.35
N LEU A 282 -19.72 15.94 -4.45
CA LEU A 282 -20.45 15.26 -5.51
C LEU A 282 -21.00 13.92 -5.03
N ILE A 283 -20.25 13.21 -4.20
CA ILE A 283 -20.66 11.95 -3.62
C ILE A 283 -20.46 12.03 -2.11
N ARG A 284 -21.47 11.61 -1.35
CA ARG A 284 -21.35 11.42 0.08
C ARG A 284 -21.70 9.97 0.41
N PHE A 285 -21.30 9.52 1.59
CA PHE A 285 -21.50 8.13 1.98
C PHE A 285 -22.09 8.08 3.39
N SER A 286 -23.22 7.38 3.52
CA SER A 286 -23.90 7.20 4.79
C SER A 286 -23.96 5.72 5.14
N SER A 287 -24.44 5.42 6.34
CA SER A 287 -24.47 4.06 6.83
C SER A 287 -25.74 3.82 7.64
N TRP A 288 -26.30 2.62 7.49
CA TRP A 288 -27.35 2.13 8.36
C TRP A 288 -26.84 1.12 9.39
N MET A 289 -25.62 0.64 9.24
CA MET A 289 -25.07 -0.40 10.10
C MET A 289 -24.81 0.14 11.50
N GLY A 290 -25.58 -0.33 12.48
CA GLY A 290 -25.55 0.20 13.82
C GLY A 290 -26.62 1.23 14.11
N GLY A 291 -27.29 1.75 13.08
CA GLY A 291 -28.32 2.76 13.26
C GLY A 291 -29.73 2.26 13.03
N ASP A 292 -29.92 1.48 11.96
CA ASP A 292 -31.21 0.86 11.71
C ASP A 292 -31.47 -0.21 12.76
N ARG A 293 -32.58 -0.07 13.50
CA ARG A 293 -32.98 -1.04 14.50
C ARG A 293 -34.39 -1.57 14.27
N ASP A 294 -34.95 -1.35 13.07
CA ASP A 294 -36.29 -1.83 12.73
C ASP A 294 -36.35 -3.34 12.81
N GLY A 295 -37.03 -3.86 13.83
CA GLY A 295 -37.12 -5.29 14.03
C GLY A 295 -35.83 -5.97 14.40
N ASN A 296 -34.82 -5.22 14.83
CA ASN A 296 -33.53 -5.76 15.26
C ASN A 296 -33.26 -5.29 16.68
N PRO A 297 -33.81 -5.98 17.69
CA PRO A 297 -33.55 -5.59 19.08
C PRO A 297 -32.09 -5.72 19.49
N ARG A 298 -31.26 -6.40 18.70
CA ARG A 298 -29.84 -6.51 19.02
C ARG A 298 -29.08 -5.23 18.68
N VAL A 299 -29.68 -4.32 17.91
CA VAL A 299 -29.14 -2.98 17.71
C VAL A 299 -29.60 -2.15 18.90
N THR A 300 -28.73 -1.97 19.87
CA THR A 300 -29.02 -1.30 21.13
C THR A 300 -28.46 0.11 21.12
N PRO A 301 -28.84 0.95 22.09
CA PRO A 301 -28.18 2.26 22.22
C PRO A 301 -26.67 2.14 22.40
N GLU A 302 -26.21 1.07 23.07
CA GLU A 302 -24.76 0.84 23.18
C GLU A 302 -24.15 0.57 21.81
N VAL A 303 -24.87 -0.16 20.95
CA VAL A 303 -24.34 -0.50 19.64
C VAL A 303 -24.15 0.76 18.80
N THR A 304 -25.12 1.66 18.83
CA THR A 304 -25.00 2.89 18.06
C THR A 304 -23.84 3.75 18.55
N ARG A 305 -23.66 3.84 19.87
CA ARG A 305 -22.52 4.55 20.41
C ARG A 305 -21.20 3.94 19.93
N ASP A 306 -21.15 2.60 19.85
CA ASP A 306 -19.93 1.92 19.44
C ASP A 306 -19.53 2.28 18.02
N VAL A 307 -20.47 2.18 17.07
CA VAL A 307 -20.14 2.40 15.67
C VAL A 307 -19.82 3.86 15.40
N CYS A 308 -20.41 4.78 16.17
CA CYS A 308 -20.10 6.20 15.99
C CYS A 308 -18.69 6.51 16.44
N LEU A 309 -18.25 5.93 17.57
CA LEU A 309 -16.90 6.15 18.04
C LEU A 309 -15.89 5.41 17.16
N LEU A 310 -16.18 4.14 16.85
CA LEU A 310 -15.26 3.34 16.04
C LEU A 310 -15.05 3.97 14.66
N ALA A 311 -16.09 4.59 14.10
CA ALA A 311 -15.94 5.26 12.82
C ALA A 311 -15.09 6.52 12.95
N ARG A 312 -15.24 7.25 14.06
CA ARG A 312 -14.43 8.44 14.28
C ARG A 312 -12.96 8.10 14.46
N MET A 313 -12.66 6.94 15.04
CA MET A 313 -11.28 6.51 15.18
C MET A 313 -10.71 6.06 13.83
N MET A 314 -11.52 5.37 13.02
CA MET A 314 -11.09 4.98 11.69
C MET A 314 -10.79 6.21 10.83
N ALA A 315 -11.65 7.23 10.92
CA ALA A 315 -11.42 8.45 10.15
C ALA A 315 -10.12 9.12 10.56
N ALA A 316 -9.87 9.22 11.86
CA ALA A 316 -8.61 9.80 12.33
C ALA A 316 -7.42 9.00 11.84
N ASN A 317 -7.57 7.67 11.75
CA ASN A 317 -6.46 6.83 11.28
C ASN A 317 -6.15 7.09 9.82
N LEU A 318 -7.16 7.20 8.97
CA LEU A 318 -6.93 7.49 7.56
C LEU A 318 -6.41 8.91 7.37
N TYR A 319 -6.92 9.86 8.14
CA TYR A 319 -6.41 11.23 8.07
C TYR A 319 -4.96 11.31 8.50
N ILE A 320 -4.58 10.54 9.53
CA ILE A 320 -3.19 10.50 9.97
C ILE A 320 -2.28 10.10 8.81
N ASP A 321 -2.62 9.00 8.13
CA ASP A 321 -1.79 8.53 7.02
C ASP A 321 -1.67 9.59 5.92
N GLN A 322 -2.77 10.31 5.65
CA GLN A 322 -2.74 11.32 4.60
C GLN A 322 -1.92 12.54 5.02
N ILE A 323 -1.99 12.92 6.30
CA ILE A 323 -1.27 14.10 6.76
C ILE A 323 0.23 13.83 6.83
N GLU A 324 0.61 12.64 7.28
CA GLU A 324 2.03 12.29 7.34
C GLU A 324 2.64 12.29 5.94
N GLU A 325 1.93 11.72 4.96
CA GLU A 325 2.39 11.77 3.58
C GLU A 325 2.45 13.21 3.08
N LEU A 326 1.53 14.07 3.54
CA LEU A 326 1.52 15.46 3.10
C LEU A 326 2.65 16.25 3.75
N MET A 327 2.95 15.96 5.02
CA MET A 327 4.07 16.60 5.70
C MET A 327 5.36 16.43 4.91
N PHE A 328 5.60 15.23 4.39
CA PHE A 328 6.82 14.97 3.65
C PHE A 328 6.81 15.66 2.29
N GLU A 329 5.63 15.87 1.71
CA GLU A 329 5.56 16.40 0.35
C GLU A 329 5.75 17.91 0.31
N LEU A 330 5.00 18.65 1.13
CA LEU A 330 5.02 20.11 1.10
C LEU A 330 6.26 20.62 1.83
N SER A 331 7.39 20.56 1.13
CA SER A 331 8.66 21.04 1.65
C SER A 331 9.02 22.43 1.11
N MET A 332 8.04 23.16 0.56
CA MET A 332 8.31 24.48 0.01
C MET A 332 8.58 25.47 1.13
N TRP A 333 9.15 26.62 0.75
CA TRP A 333 9.44 27.70 1.69
C TRP A 333 8.65 28.97 1.42
N ARG A 334 8.25 29.22 0.18
CA ARG A 334 7.42 30.38 -0.13
C ARG A 334 6.02 30.17 0.41
N CYS A 335 5.50 31.17 1.12
CA CYS A 335 4.18 31.05 1.71
C CYS A 335 3.58 32.44 1.89
N ASN A 336 2.26 32.46 2.10
CA ASN A 336 1.53 33.69 2.38
C ASN A 336 1.98 34.27 3.72
N ASP A 337 1.65 35.55 3.93
CA ASP A 337 1.93 36.17 5.23
C ASP A 337 1.09 35.54 6.33
N GLU A 338 -0.16 35.19 6.03
CA GLU A 338 -1.04 34.61 7.05
C GLU A 338 -0.51 33.28 7.56
N LEU A 339 0.13 32.49 6.69
CA LEU A 339 0.77 31.28 7.15
C LEU A 339 2.12 31.56 7.79
N ARG A 340 2.83 32.57 7.30
CA ARG A 340 4.12 32.92 7.89
C ARG A 340 3.96 33.34 9.34
N VAL A 341 2.92 34.10 9.66
CA VAL A 341 2.68 34.45 11.05
C VAL A 341 2.21 33.23 11.83
N ARG A 342 1.39 32.38 11.22
CA ARG A 342 0.91 31.19 11.91
C ARG A 342 2.03 30.18 12.13
N ALA A 343 2.94 30.05 11.16
CA ALA A 343 4.07 29.14 11.33
C ALA A 343 5.05 29.64 12.38
N GLU A 344 5.17 30.96 12.53
CA GLU A 344 6.01 31.51 13.59
C GLU A 344 5.34 31.44 14.95
N GLU A 345 4.01 31.61 14.99
CA GLU A 345 3.28 31.44 16.25
C GLU A 345 3.41 30.02 16.77
N LEU A 346 3.25 29.02 15.89
CA LEU A 346 3.31 27.63 16.32
C LEU A 346 4.73 27.22 16.68
N HIS A 347 5.72 27.68 15.91
CA HIS A 347 7.11 27.34 16.21
C HIS A 347 7.57 27.97 17.52
N SER A 348 6.98 29.10 17.91
CA SER A 348 7.33 29.74 19.17
C SER A 348 6.58 29.11 20.34
N SER A 349 5.27 28.90 20.17
CA SER A 349 4.44 28.41 21.27
C SER A 349 4.85 27.01 21.72
N SER A 350 5.33 26.18 20.79
CA SER A 350 5.74 24.82 21.11
C SER A 350 7.22 24.81 21.44
N GLY A 351 7.56 24.29 22.62
CA GLY A 351 8.95 24.20 23.02
C GLY A 351 9.74 23.30 22.08
N SER A 352 11.04 23.57 21.99
CA SER A 352 11.93 22.81 21.11
C SER A 352 12.33 21.48 21.75
N LYS A 353 11.32 20.68 22.04
CA LYS A 353 11.52 19.34 22.57
C LYS A 353 11.31 18.30 21.48
N VAL A 354 12.04 17.20 21.59
CA VAL A 354 12.00 16.14 20.58
C VAL A 354 10.97 15.08 20.99
N THR A 355 10.63 14.20 20.06
CA THR A 355 9.79 13.04 20.32
C THR A 355 10.50 11.85 19.68
N LYS A 356 11.25 11.10 20.49
CA LYS A 356 12.16 10.10 19.95
C LYS A 356 11.44 8.93 19.30
N TYR A 357 10.16 8.70 19.61
CA TYR A 357 9.43 7.59 19.02
C TYR A 357 8.71 7.96 17.73
N TYR A 358 8.78 9.22 17.31
CA TYR A 358 8.30 9.59 15.98
C TYR A 358 9.26 9.08 14.93
N ILE A 359 8.71 8.51 13.85
CA ILE A 359 9.59 7.98 12.81
C ILE A 359 10.03 9.08 11.84
N GLU A 360 9.21 10.11 11.65
CA GLU A 360 9.63 11.23 10.82
C GLU A 360 9.22 12.54 11.47
N PHE A 361 10.07 13.56 11.33
CA PHE A 361 9.84 14.89 11.90
C PHE A 361 9.71 14.80 13.43
N TRP A 362 10.77 14.26 14.03
CA TRP A 362 10.82 14.04 15.47
C TRP A 362 11.42 15.20 16.25
N LYS A 363 12.17 16.08 15.59
CA LYS A 363 12.65 17.31 16.21
C LYS A 363 11.68 18.44 15.89
N GLN A 364 11.93 19.60 16.50
CA GLN A 364 11.15 20.79 16.19
C GLN A 364 11.34 21.16 14.73
N ILE A 365 10.25 21.48 14.06
CA ILE A 365 10.31 21.76 12.62
C ILE A 365 10.76 23.20 12.42
N PRO A 366 11.74 23.45 11.54
CA PRO A 366 12.22 24.81 11.35
C PRO A 366 11.14 25.68 10.71
N PRO A 367 11.11 26.97 11.03
CA PRO A 367 10.04 27.84 10.50
C PRO A 367 10.19 28.16 9.01
N ASN A 368 11.35 27.91 8.40
CA ASN A 368 11.48 28.10 6.97
C ASN A 368 10.88 26.96 6.16
N GLU A 369 10.27 25.97 6.83
CA GLU A 369 9.43 24.96 6.20
C GLU A 369 8.02 25.15 6.74
N PRO A 370 7.33 26.21 6.30
CA PRO A 370 6.09 26.60 7.00
C PRO A 370 4.98 25.58 6.87
N TYR A 371 4.86 24.92 5.72
CA TYR A 371 3.80 23.92 5.54
C TYR A 371 4.01 22.72 6.44
N ARG A 372 5.26 22.39 6.77
CA ARG A 372 5.50 21.30 7.71
C ARG A 372 5.20 21.72 9.13
N VAL A 373 5.48 22.98 9.47
CA VAL A 373 5.16 23.50 10.80
C VAL A 373 3.65 23.43 11.04
N ILE A 374 2.87 23.87 10.04
CA ILE A 374 1.42 23.92 10.20
C ILE A 374 0.84 22.51 10.23
N LEU A 375 1.37 21.60 9.42
CA LEU A 375 0.83 20.25 9.34
C LEU A 375 1.29 19.38 10.51
N GLY A 376 2.48 19.65 11.05
CA GLY A 376 2.90 18.98 12.26
C GLY A 376 1.95 19.22 13.42
N HIS A 377 1.34 20.41 13.47
CA HIS A 377 0.32 20.70 14.48
C HIS A 377 -0.97 19.97 14.17
N VAL A 378 -1.31 19.82 12.88
CA VAL A 378 -2.47 19.03 12.50
C VAL A 378 -2.25 17.56 12.81
N ARG A 379 -1.04 17.05 12.53
CA ARG A 379 -0.72 15.67 12.84
C ARG A 379 -0.83 15.40 14.33
N ASP A 380 -0.35 16.32 15.16
CA ASP A 380 -0.41 16.13 16.60
C ASP A 380 -1.85 16.15 17.11
N LYS A 381 -2.67 17.06 16.61
CA LYS A 381 -4.07 17.09 17.00
C LYS A 381 -4.83 15.87 16.48
N LEU A 382 -4.37 15.29 15.38
CA LEU A 382 -5.02 14.09 14.85
C LEU A 382 -4.73 12.88 15.73
N TYR A 383 -3.49 12.75 16.22
CA TYR A 383 -3.14 11.66 17.12
C TYR A 383 -4.00 11.71 18.37
N ASN A 384 -4.23 12.90 18.91
CA ASN A 384 -5.13 13.04 20.06
C ASN A 384 -6.56 12.67 19.67
N THR A 385 -6.99 13.05 18.46
CA THR A 385 -8.33 12.69 18.00
C THR A 385 -8.49 11.17 17.91
N ARG A 386 -7.47 10.47 17.42
CA ARG A 386 -7.56 9.02 17.32
C ARG A 386 -7.70 8.38 18.69
N GLU A 387 -6.82 8.74 19.63
CA GLU A 387 -6.80 8.02 20.90
C GLU A 387 -7.87 8.52 21.87
N ARG A 388 -8.31 9.78 21.75
CA ARG A 388 -9.50 10.18 22.50
C ARG A 388 -10.70 9.34 22.08
N ALA A 389 -10.82 9.06 20.78
CA ALA A 389 -11.83 8.11 20.33
C ALA A 389 -11.54 6.70 20.85
N ARG A 390 -10.26 6.30 20.80
CA ARG A 390 -9.86 4.99 21.32
C ARG A 390 -10.25 4.83 22.78
N HIS A 391 -10.01 5.86 23.59
CA HIS A 391 -10.29 5.77 25.02
C HIS A 391 -11.80 5.71 25.28
N LEU A 392 -12.56 6.62 24.66
CA LEU A 392 -14.02 6.61 24.84
C LEU A 392 -14.61 5.26 24.47
N LEU A 393 -14.06 4.61 23.46
CA LEU A 393 -14.56 3.30 23.03
C LEU A 393 -14.27 2.23 24.10
N ALA A 394 -13.07 2.25 24.68
CA ALA A 394 -12.71 1.23 25.66
C ALA A 394 -13.46 1.45 26.96
N SER A 395 -13.40 2.66 27.51
CA SER A 395 -14.09 3.00 28.76
C SER A 395 -14.42 4.48 28.69
N GLY A 396 -15.72 4.79 28.60
CA GLY A 396 -16.21 6.09 28.18
C GLY A 396 -15.65 7.36 28.80
N VAL A 397 -14.33 7.40 29.05
CA VAL A 397 -13.66 8.61 29.52
C VAL A 397 -12.30 8.71 28.83
N SER A 398 -11.78 9.94 28.76
CA SER A 398 -10.47 10.16 28.16
C SER A 398 -9.74 11.26 28.90
N GLU A 399 -8.44 11.03 29.13
CA GLU A 399 -7.57 12.09 29.63
C GLU A 399 -7.42 13.21 28.62
N ILE A 400 -7.49 12.87 27.33
CA ILE A 400 -7.26 13.84 26.26
C ILE A 400 -8.47 14.75 26.14
N SER A 401 -8.22 16.06 26.10
CA SER A 401 -9.29 17.04 26.08
C SER A 401 -9.99 17.04 24.71
N ALA A 402 -11.05 17.83 24.60
CA ALA A 402 -11.66 18.14 23.31
C ALA A 402 -10.97 19.30 22.62
N GLU A 403 -10.28 20.15 23.39
CA GLU A 403 -9.54 21.28 22.86
C GLU A 403 -8.19 20.85 22.29
N SER A 404 -7.65 19.73 22.75
CA SER A 404 -6.42 19.16 22.21
C SER A 404 -6.67 18.31 20.97
N SER A 405 -7.93 18.07 20.61
CA SER A 405 -8.28 17.25 19.45
C SER A 405 -9.20 18.02 18.53
N PHE A 406 -9.48 17.43 17.37
CA PHE A 406 -10.37 18.03 16.38
C PHE A 406 -11.81 17.68 16.73
N THR A 407 -12.61 18.70 17.01
CA THR A 407 -14.01 18.50 17.37
C THR A 407 -14.97 18.88 16.26
N SER A 408 -14.57 19.73 15.32
CA SER A 408 -15.43 20.16 14.22
C SER A 408 -14.66 20.08 12.92
N ILE A 409 -15.41 20.00 11.82
CA ILE A 409 -14.79 19.90 10.51
C ILE A 409 -14.25 21.25 10.05
N GLU A 410 -14.84 22.35 10.53
CA GLU A 410 -14.25 23.65 10.32
C GLU A 410 -12.91 23.78 11.03
N GLU A 411 -12.81 23.21 12.24
CA GLU A 411 -11.54 23.20 12.96
C GLU A 411 -10.47 22.45 12.17
N PHE A 412 -10.86 21.36 11.50
CA PHE A 412 -9.92 20.57 10.71
C PHE A 412 -9.58 21.25 9.39
N LEU A 413 -10.57 21.85 8.73
CA LEU A 413 -10.34 22.47 7.43
C LEU A 413 -9.55 23.77 7.52
N GLU A 414 -9.58 24.45 8.67
CA GLU A 414 -8.97 25.77 8.78
C GLU A 414 -7.48 25.76 8.43
N PRO A 415 -6.64 24.90 8.99
CA PRO A 415 -5.23 24.91 8.57
C PRO A 415 -5.03 24.36 7.17
N LEU A 416 -5.88 23.43 6.71
CA LEU A 416 -5.71 22.86 5.39
C LEU A 416 -6.04 23.87 4.30
N GLU A 417 -7.07 24.69 4.50
CA GLU A 417 -7.40 25.73 3.54
C GLU A 417 -6.38 26.87 3.59
N LEU A 418 -5.76 27.09 4.75
CA LEU A 418 -4.70 28.09 4.83
C LEU A 418 -3.51 27.68 3.97
N CYS A 419 -3.16 26.38 3.98
CA CYS A 419 -2.08 25.89 3.13
C CYS A 419 -2.45 26.01 1.66
N TYR A 420 -3.71 25.73 1.31
CA TYR A 420 -4.12 25.82 -0.08
C TYR A 420 -4.06 27.26 -0.58
N LYS A 421 -4.65 28.19 0.19
CA LYS A 421 -4.58 29.60 -0.18
C LYS A 421 -3.13 30.08 -0.24
N SER A 422 -2.32 29.69 0.75
CA SER A 422 -0.93 30.11 0.78
C SER A 422 -0.19 29.66 -0.47
N LEU A 423 -0.34 28.39 -0.85
CA LEU A 423 0.36 27.88 -2.03
C LEU A 423 -0.07 28.61 -3.29
N CYS A 424 -1.36 28.92 -3.40
CA CYS A 424 -1.86 29.57 -4.61
C CYS A 424 -1.27 30.97 -4.77
N ASP A 425 -1.23 31.74 -3.68
CA ASP A 425 -0.79 33.13 -3.74
C ASP A 425 0.69 33.29 -4.08
N CYS A 426 1.47 32.20 -4.04
CA CYS A 426 2.86 32.23 -4.49
C CYS A 426 3.02 31.63 -5.88
N GLY A 427 1.94 31.45 -6.62
CA GLY A 427 2.02 30.81 -7.92
C GLY A 427 2.18 29.31 -7.89
N ASP A 428 2.07 28.69 -6.71
CA ASP A 428 2.21 27.25 -6.56
C ASP A 428 0.86 26.54 -6.57
N LYS A 429 -0.09 27.03 -7.35
CA LYS A 429 -1.40 26.39 -7.43
C LYS A 429 -1.31 24.97 -7.96
N ALA A 430 -0.31 24.69 -8.81
CA ALA A 430 -0.13 23.33 -9.33
C ALA A 430 0.22 22.36 -8.20
N ILE A 431 1.06 22.79 -7.26
CA ILE A 431 1.42 21.93 -6.14
C ILE A 431 0.23 21.74 -5.21
N ALA A 432 -0.57 22.79 -5.00
CA ALA A 432 -1.73 22.68 -4.12
C ALA A 432 -2.81 21.77 -4.69
N ASP A 433 -2.86 21.61 -6.01
CA ASP A 433 -3.82 20.71 -6.65
C ASP A 433 -3.32 19.26 -6.69
N GLY A 434 -2.39 18.91 -5.81
CA GLY A 434 -1.89 17.55 -5.72
C GLY A 434 -2.52 16.78 -4.58
N SER A 435 -1.68 16.22 -3.70
CA SER A 435 -2.20 15.47 -2.56
C SER A 435 -3.03 16.35 -1.64
N LEU A 436 -2.75 17.65 -1.60
CA LEU A 436 -3.52 18.55 -0.73
C LEU A 436 -4.95 18.72 -1.23
N LEU A 437 -5.13 18.85 -2.54
CA LEU A 437 -6.48 18.95 -3.08
C LEU A 437 -7.27 17.66 -2.86
N ASP A 438 -6.63 16.52 -3.05
CA ASP A 438 -7.26 15.24 -2.72
C ASP A 438 -7.76 15.23 -1.28
N LEU A 439 -6.89 15.58 -0.34
CA LEU A 439 -7.27 15.56 1.08
C LEU A 439 -8.40 16.55 1.36
N LEU A 440 -8.33 17.74 0.79
CA LEU A 440 -9.39 18.74 1.01
C LEU A 440 -10.74 18.20 0.54
N ARG A 441 -10.75 17.43 -0.54
CA ARG A 441 -12.00 16.83 -0.99
C ARG A 441 -12.43 15.68 -0.10
N GLN A 442 -11.46 14.96 0.48
CA GLN A 442 -11.80 13.85 1.38
C GLN A 442 -12.47 14.37 2.65
N VAL A 443 -12.02 15.52 3.16
CA VAL A 443 -12.62 16.08 4.38
C VAL A 443 -14.05 16.52 4.12
N PHE A 444 -14.30 17.17 2.99
CA PHE A 444 -15.66 17.59 2.66
C PHE A 444 -16.56 16.40 2.37
N THR A 445 -16.00 15.28 1.93
CA THR A 445 -16.77 14.10 1.60
C THR A 445 -16.98 13.19 2.80
N PHE A 446 -15.96 12.98 3.62
CA PHE A 446 -16.03 12.02 4.71
C PHE A 446 -16.09 12.64 6.09
N GLY A 447 -15.54 13.83 6.28
CA GLY A 447 -15.61 14.49 7.57
C GLY A 447 -14.88 13.70 8.65
N LEU A 448 -15.18 14.06 9.91
CA LEU A 448 -14.53 13.43 11.05
C LEU A 448 -15.12 12.08 11.42
N SER A 449 -16.25 11.68 10.81
CA SER A 449 -16.90 10.42 11.16
C SER A 449 -16.94 9.43 10.00
N LEU A 450 -16.22 9.72 8.90
CA LEU A 450 -16.12 8.84 7.74
C LEU A 450 -17.44 8.71 7.00
N VAL A 451 -18.49 8.31 7.70
CA VAL A 451 -19.83 8.23 7.16
C VAL A 451 -20.80 8.73 8.22
N LYS A 452 -21.96 9.20 7.77
CA LYS A 452 -23.01 9.64 8.69
C LYS A 452 -24.00 8.49 8.92
N LEU A 453 -24.42 8.33 10.16
CA LEU A 453 -25.26 7.20 10.56
C LEU A 453 -26.72 7.63 10.60
N ASP A 454 -27.52 7.05 9.72
CA ASP A 454 -28.97 7.18 9.82
C ASP A 454 -29.49 6.31 10.97
N ILE A 455 -30.54 6.80 11.61
CA ILE A 455 -31.26 6.03 12.63
C ILE A 455 -32.63 5.69 12.08
N ARG A 456 -33.07 4.45 12.31
CA ARG A 456 -34.37 4.00 11.82
C ARG A 456 -35.06 3.15 12.87
N GLN A 457 -36.31 3.50 13.15
CA GLN A 457 -37.19 2.75 14.05
C GLN A 457 -38.60 2.87 13.51
N GLU A 458 -39.45 1.90 13.84
CA GLU A 458 -40.78 1.86 13.26
C GLU A 458 -41.74 2.74 14.07
N SER A 459 -42.81 3.15 13.37
CA SER A 459 -43.71 4.18 13.91
C SER A 459 -44.43 3.70 15.16
N GLU A 460 -44.92 2.46 15.16
CA GLU A 460 -45.67 1.97 16.30
C GLU A 460 -44.81 1.85 17.55
N ARG A 461 -43.48 1.85 17.40
CA ARG A 461 -42.61 1.88 18.57
C ARG A 461 -42.63 3.24 19.24
N HIS A 462 -42.74 4.32 18.46
CA HIS A 462 -42.89 5.65 19.05
C HIS A 462 -44.27 5.84 19.65
N THR A 463 -45.31 5.36 18.95
CA THR A 463 -46.67 5.42 19.48
C THR A 463 -46.76 4.68 20.82
N ASP A 464 -46.06 3.55 20.94
CA ASP A 464 -46.01 2.83 22.21
C ASP A 464 -45.45 3.71 23.32
N VAL A 465 -44.42 4.51 23.00
CA VAL A 465 -43.78 5.34 24.01
C VAL A 465 -44.68 6.52 24.39
N ILE A 466 -45.30 7.17 23.40
CA ILE A 466 -46.10 8.35 23.69
C ILE A 466 -47.38 7.96 24.43
N ASP A 467 -47.98 6.83 24.05
CA ASP A 467 -49.14 6.32 24.80
C ASP A 467 -48.76 6.09 26.26
N ALA A 468 -47.56 5.60 26.51
CA ALA A 468 -47.11 5.39 27.89
C ALA A 468 -47.05 6.71 28.64
N ILE A 469 -46.58 7.77 27.99
CA ILE A 469 -46.50 9.08 28.64
C ILE A 469 -47.90 9.61 28.97
N THR A 470 -48.78 9.60 27.98
CA THR A 470 -50.14 10.11 28.20
C THR A 470 -50.88 9.27 29.23
N THR A 471 -50.68 7.95 29.20
CA THR A 471 -51.35 7.08 30.16
C THR A 471 -50.79 7.27 31.57
N HIS A 472 -49.48 7.46 31.68
CA HIS A 472 -48.87 7.67 33.00
C HIS A 472 -49.29 9.02 33.59
N LEU A 473 -49.34 10.06 32.76
CA LEU A 473 -49.90 11.33 33.19
C LEU A 473 -51.42 11.22 33.21
N GLY A 474 -52.11 12.35 33.22
CA GLY A 474 -53.56 12.36 33.23
C GLY A 474 -54.24 12.54 31.90
N ILE A 475 -53.48 12.63 30.81
CA ILE A 475 -54.05 13.06 29.52
C ILE A 475 -55.00 12.01 28.97
N GLY A 476 -54.52 10.79 28.80
CA GLY A 476 -55.36 9.74 28.26
C GLY A 476 -54.51 8.72 27.51
N SER A 477 -55.03 8.28 26.36
CA SER A 477 -54.40 7.24 25.55
C SER A 477 -54.13 7.79 24.16
N TYR A 478 -52.86 8.11 23.89
CA TYR A 478 -52.46 8.58 22.56
C TYR A 478 -52.76 7.54 21.49
N ARG A 479 -52.73 6.26 21.83
CA ARG A 479 -52.99 5.22 20.84
C ARG A 479 -54.44 5.26 20.36
N GLU A 480 -55.38 5.54 21.26
CA GLU A 480 -56.79 5.52 20.90
C GLU A 480 -57.24 6.75 20.12
N TRP A 481 -56.43 7.81 20.11
CA TRP A 481 -56.86 9.05 19.49
C TRP A 481 -56.89 8.94 17.96
N SER A 482 -57.71 9.79 17.35
CA SER A 482 -57.72 9.90 15.90
C SER A 482 -56.43 10.56 15.42
N GLU A 483 -56.18 10.42 14.11
CA GLU A 483 -54.97 11.01 13.53
C GLU A 483 -54.97 12.52 13.69
N ASP A 484 -56.12 13.16 13.48
CA ASP A 484 -56.18 14.61 13.66
C ASP A 484 -56.08 15.02 15.12
N LYS A 485 -56.58 14.19 16.03
CA LYS A 485 -56.40 14.47 17.46
C LYS A 485 -54.93 14.40 17.84
N ARG A 486 -54.19 13.44 17.28
CA ARG A 486 -52.77 13.33 17.58
C ARG A 486 -51.99 14.52 17.03
N GLN A 487 -52.31 14.96 15.82
CA GLN A 487 -51.64 16.13 15.25
C GLN A 487 -51.93 17.38 16.05
N GLU A 488 -53.14 17.48 16.61
CA GLU A 488 -53.49 18.65 17.42
C GLU A 488 -52.70 18.67 18.72
N TRP A 489 -52.62 17.52 19.39
CA TRP A 489 -51.93 17.48 20.68
C TRP A 489 -50.42 17.64 20.50
N LEU A 490 -49.85 16.93 19.53
CA LEU A 490 -48.41 17.02 19.30
C LEU A 490 -47.98 18.44 18.98
N LEU A 491 -48.78 19.16 18.18
CA LEU A 491 -48.43 20.53 17.84
C LEU A 491 -48.59 21.46 19.05
N SER A 492 -49.60 21.22 19.89
CA SER A 492 -49.72 22.00 21.12
C SER A 492 -48.55 21.74 22.06
N GLU A 493 -47.95 20.55 21.99
CA GLU A 493 -46.82 20.23 22.85
C GLU A 493 -45.51 20.71 22.27
N LEU A 494 -45.34 20.62 20.95
CA LEU A 494 -44.14 21.18 20.32
C LEU A 494 -44.12 22.70 20.43
N ARG A 495 -45.28 23.33 20.30
CA ARG A 495 -45.36 24.78 20.49
C ARG A 495 -45.15 25.15 21.95
N GLY A 496 -45.78 24.43 22.87
CA GLY A 496 -45.55 24.68 24.27
C GLY A 496 -44.12 24.39 24.67
N LYS A 497 -43.61 25.18 25.61
CA LYS A 497 -42.23 25.07 26.05
C LYS A 497 -42.11 24.40 27.42
N ARG A 498 -43.19 23.83 27.93
CA ARG A 498 -43.16 23.09 29.18
C ARG A 498 -42.75 21.64 28.91
N PRO A 499 -41.82 21.08 29.69
CA PRO A 499 -41.41 19.69 29.45
C PRO A 499 -42.57 18.73 29.63
N LEU A 500 -42.41 17.54 29.03
CA LEU A 500 -43.46 16.52 29.04
C LEU A 500 -43.00 15.21 29.65
N LEU A 501 -41.80 14.75 29.35
CA LEU A 501 -41.32 13.43 29.75
C LEU A 501 -41.12 13.36 31.26
N PRO A 502 -41.91 12.57 31.98
CA PRO A 502 -41.77 12.51 33.44
C PRO A 502 -40.65 11.55 33.84
N PRO A 503 -39.90 11.88 34.89
CA PRO A 503 -38.77 11.01 35.27
C PRO A 503 -39.20 9.64 35.76
N ASP A 504 -40.27 9.54 36.55
CA ASP A 504 -40.71 8.26 37.09
C ASP A 504 -41.55 7.46 36.11
N LEU A 505 -41.38 7.67 34.81
CA LEU A 505 -42.25 7.04 33.82
C LEU A 505 -41.97 5.54 33.74
N PRO A 506 -42.98 4.68 33.91
CA PRO A 506 -42.76 3.23 33.75
C PRO A 506 -42.49 2.88 32.29
N GLN A 507 -41.53 1.97 32.09
CA GLN A 507 -41.03 1.66 30.75
C GLN A 507 -40.91 0.15 30.57
N THR A 508 -41.39 -0.34 29.43
CA THR A 508 -41.07 -1.69 29.00
C THR A 508 -39.64 -1.76 28.49
N GLU A 509 -39.20 -2.95 28.11
CA GLU A 509 -37.90 -3.07 27.47
C GLU A 509 -37.87 -2.38 26.11
N GLU A 510 -39.00 -2.42 25.39
CA GLU A 510 -39.08 -1.74 24.10
C GLU A 510 -39.09 -0.23 24.26
N ILE A 511 -39.87 0.28 25.21
CA ILE A 511 -39.92 1.72 25.45
C ILE A 511 -38.58 2.23 25.96
N ALA A 512 -37.87 1.42 26.76
CA ALA A 512 -36.56 1.82 27.25
C ALA A 512 -35.55 1.93 26.11
N ASP A 513 -35.64 1.06 25.11
CA ASP A 513 -34.72 1.11 23.99
C ASP A 513 -34.95 2.37 23.14
N VAL A 514 -36.21 2.75 22.95
CA VAL A 514 -36.51 3.92 22.12
C VAL A 514 -35.98 5.18 22.78
N ILE A 515 -36.21 5.33 24.09
CA ILE A 515 -35.72 6.51 24.79
C ILE A 515 -34.20 6.48 24.91
N GLY A 516 -33.65 5.31 25.24
CA GLY A 516 -32.20 5.18 25.35
C GLY A 516 -31.48 5.52 24.07
N ALA A 517 -32.07 5.17 22.92
CA ALA A 517 -31.51 5.56 21.64
C ALA A 517 -31.43 7.08 21.52
N PHE A 518 -32.52 7.77 21.87
CA PHE A 518 -32.52 9.22 21.81
C PHE A 518 -31.51 9.83 22.77
N HIS A 519 -31.31 9.20 23.94
CA HIS A 519 -30.27 9.68 24.84
C HIS A 519 -28.89 9.56 24.20
N VAL A 520 -28.62 8.44 23.54
CA VAL A 520 -27.36 8.25 22.84
C VAL A 520 -27.18 9.31 21.75
N LEU A 521 -28.27 9.66 21.07
CA LEU A 521 -28.20 10.70 20.04
C LEU A 521 -27.86 12.05 20.63
N ALA A 522 -28.26 12.31 21.87
CA ALA A 522 -27.94 13.59 22.50
C ALA A 522 -26.50 13.65 22.98
N GLU A 523 -25.91 12.49 23.30
CA GLU A 523 -24.55 12.47 23.83
C GLU A 523 -23.50 12.69 22.75
N LEU A 524 -23.69 12.10 21.56
CA LEU A 524 -22.67 12.12 20.53
C LEU A 524 -22.81 13.33 19.62
N PRO A 525 -21.73 13.75 18.97
CA PRO A 525 -21.77 14.99 18.19
C PRO A 525 -22.79 14.88 17.07
N PRO A 526 -23.42 16.00 16.71
CA PRO A 526 -24.47 15.96 15.68
C PRO A 526 -23.95 15.60 14.29
N ASP A 527 -22.67 15.82 14.00
CA ASP A 527 -22.14 15.51 12.68
C ASP A 527 -21.96 14.01 12.44
N SER A 528 -22.12 13.17 13.47
CA SER A 528 -22.03 11.73 13.29
C SER A 528 -23.34 11.13 12.76
N PHE A 529 -24.43 11.89 12.74
CA PHE A 529 -25.74 11.37 12.43
C PHE A 529 -26.30 11.99 11.15
N GLY A 530 -26.98 11.17 10.36
CA GLY A 530 -27.81 11.66 9.29
C GLY A 530 -29.21 11.96 9.81
N PRO A 531 -30.22 11.38 9.17
CA PRO A 531 -31.59 11.61 9.62
C PRO A 531 -32.14 10.51 10.52
N TYR A 532 -33.31 10.75 11.12
CA TYR A 532 -34.03 9.74 11.87
C TYR A 532 -35.18 9.25 10.99
N ILE A 533 -35.07 8.04 10.48
CA ILE A 533 -36.04 7.50 9.54
C ILE A 533 -37.13 6.74 10.29
N ILE A 534 -38.38 6.98 9.91
CA ILE A 534 -39.53 6.31 10.49
C ILE A 534 -39.91 5.15 9.57
N SER A 535 -39.64 3.93 10.01
CA SER A 535 -40.15 2.77 9.32
C SER A 535 -41.68 2.71 9.47
N MET A 536 -42.34 2.24 8.42
CA MET A 536 -43.81 2.08 8.42
C MET A 536 -44.53 3.39 8.69
N ALA A 537 -44.01 4.48 8.12
CA ALA A 537 -44.66 5.78 8.29
C ALA A 537 -45.95 5.83 7.48
N THR A 538 -47.01 6.34 8.11
CA THR A 538 -48.32 6.40 7.46
C THR A 538 -48.90 7.80 7.41
N ALA A 539 -48.71 8.61 8.45
CA ALA A 539 -49.41 9.87 8.58
C ALA A 539 -48.52 10.87 9.29
N PRO A 540 -48.84 12.17 9.21
CA PRO A 540 -47.95 13.17 9.82
C PRO A 540 -47.74 13.02 11.33
N SER A 541 -48.69 12.41 12.05
CA SER A 541 -48.47 12.19 13.47
C SER A 541 -47.29 11.27 13.73
N ASP A 542 -46.89 10.46 12.75
CA ASP A 542 -45.69 9.64 12.90
C ASP A 542 -44.44 10.51 12.86
N VAL A 543 -44.42 11.52 11.99
CA VAL A 543 -43.26 12.41 11.91
C VAL A 543 -43.23 13.36 13.10
N LEU A 544 -44.40 13.86 13.50
CA LEU A 544 -44.43 14.83 14.60
C LEU A 544 -44.10 14.18 15.93
N ALA A 545 -44.47 12.91 16.12
CA ALA A 545 -44.17 12.22 17.37
C ALA A 545 -42.67 12.13 17.59
N VAL A 546 -41.92 11.74 16.56
CA VAL A 546 -40.47 11.65 16.68
C VAL A 546 -39.86 13.03 16.90
N GLU A 547 -40.41 14.05 16.23
CA GLU A 547 -39.95 15.41 16.46
C GLU A 547 -40.10 15.79 17.93
N LEU A 548 -41.17 15.32 18.59
CA LEU A 548 -41.37 15.63 20.00
C LEU A 548 -40.52 14.75 20.89
N LEU A 549 -40.52 13.43 20.65
CA LEU A 549 -39.70 12.52 21.44
C LEU A 549 -38.23 12.89 21.36
N GLN A 550 -37.80 13.50 20.27
CA GLN A 550 -36.44 13.99 20.15
C GLN A 550 -36.17 15.08 21.19
N ARG A 551 -36.98 16.14 21.16
CA ARG A 551 -36.74 17.26 22.08
C ARG A 551 -37.04 16.86 23.51
N GLU A 552 -38.06 16.04 23.74
CA GLU A 552 -38.37 15.58 25.09
C GLU A 552 -37.33 14.61 25.64
N CYS A 553 -36.31 14.26 24.86
CA CYS A 553 -35.24 13.38 25.32
C CYS A 553 -33.88 14.05 25.35
N GLY A 554 -33.82 15.37 25.14
CA GLY A 554 -32.57 16.10 25.29
C GLY A 554 -31.72 16.23 24.05
N VAL A 555 -32.22 15.84 22.88
CA VAL A 555 -31.47 16.07 21.64
C VAL A 555 -31.44 17.57 21.38
N ARG A 556 -30.33 18.21 21.75
CA ARG A 556 -30.25 19.67 21.65
C ARG A 556 -30.25 20.13 20.21
N GLN A 557 -29.62 19.37 19.31
CA GLN A 557 -29.65 19.63 17.87
C GLN A 557 -30.35 18.46 17.19
N PRO A 558 -31.65 18.56 16.93
CA PRO A 558 -32.41 17.39 16.48
C PRO A 558 -32.08 17.00 15.05
N LEU A 559 -32.08 15.70 14.80
CA LEU A 559 -31.89 15.19 13.45
C LEU A 559 -33.12 15.46 12.60
N PRO A 560 -32.96 15.59 11.29
CA PRO A 560 -34.13 15.66 10.40
C PRO A 560 -34.89 14.36 10.41
N VAL A 561 -36.21 14.46 10.48
CA VAL A 561 -37.09 13.30 10.62
C VAL A 561 -37.66 12.95 9.26
N VAL A 562 -37.33 11.76 8.76
CA VAL A 562 -37.67 11.33 7.41
C VAL A 562 -38.67 10.19 7.51
N PRO A 563 -39.85 10.30 6.90
CA PRO A 563 -40.79 9.18 6.89
C PRO A 563 -40.45 8.20 5.77
N LEU A 564 -40.62 6.91 6.06
CA LEU A 564 -40.41 5.86 5.08
C LEU A 564 -41.77 5.25 4.74
N PHE A 565 -42.29 5.59 3.55
CA PHE A 565 -43.55 5.06 3.07
C PHE A 565 -43.26 3.74 2.35
N GLU A 566 -43.61 2.63 2.99
CA GLU A 566 -43.21 1.31 2.54
C GLU A 566 -44.34 0.49 1.92
N ARG A 567 -45.59 0.77 2.29
CA ARG A 567 -46.71 -0.02 1.80
C ARG A 567 -47.51 0.80 0.79
N LEU A 568 -48.46 0.12 0.14
CA LEU A 568 -49.20 0.75 -0.95
C LEU A 568 -50.10 1.87 -0.45
N ALA A 569 -50.88 1.61 0.59
CA ALA A 569 -51.76 2.64 1.14
C ALA A 569 -50.97 3.85 1.61
N ASP A 570 -49.86 3.60 2.31
CA ASP A 570 -49.03 4.69 2.80
C ASP A 570 -48.48 5.54 1.65
N LEU A 571 -48.17 4.90 0.52
CA LEU A 571 -47.68 5.65 -0.64
C LEU A 571 -48.81 6.38 -1.35
N GLN A 572 -50.04 5.88 -1.23
CA GLN A 572 -51.17 6.57 -1.85
C GLN A 572 -51.50 7.85 -1.11
N SER A 573 -51.43 7.84 0.23
CA SER A 573 -51.64 9.01 1.06
C SER A 573 -50.32 9.72 1.39
N ALA A 574 -49.26 9.47 0.62
CA ALA A 574 -47.97 10.09 0.91
C ALA A 574 -47.95 11.58 0.56
N PRO A 575 -48.42 12.03 -0.62
CA PRO A 575 -48.45 13.47 -0.87
C PRO A 575 -49.41 14.22 0.04
N ALA A 576 -50.49 13.57 0.47
CA ALA A 576 -51.37 14.19 1.46
C ALA A 576 -50.65 14.36 2.79
N SER A 577 -49.91 13.33 3.22
CA SER A 577 -49.14 13.44 4.46
C SER A 577 -48.11 14.55 4.36
N VAL A 578 -47.42 14.66 3.23
CA VAL A 578 -46.41 15.70 3.06
C VAL A 578 -47.07 17.08 3.05
N GLU A 579 -48.26 17.18 2.45
CA GLU A 579 -48.91 18.49 2.32
C GLU A 579 -49.28 19.08 3.67
N ARG A 580 -49.94 18.30 4.54
CA ARG A 580 -50.41 18.84 5.80
C ARG A 580 -49.23 19.19 6.70
N LEU A 581 -48.15 18.39 6.66
CA LEU A 581 -46.91 18.78 7.31
C LEU A 581 -46.44 20.14 6.81
N PHE A 582 -46.44 20.33 5.48
CA PHE A 582 -45.97 21.57 4.90
C PHE A 582 -46.88 22.75 5.21
N SER A 583 -48.12 22.50 5.65
CA SER A 583 -49.07 23.55 5.96
C SER A 583 -49.08 23.93 7.43
N VAL A 584 -48.22 23.33 8.25
CA VAL A 584 -48.13 23.65 9.67
C VAL A 584 -46.97 24.62 9.86
N ASP A 585 -47.26 25.75 10.52
CA ASP A 585 -46.27 26.81 10.64
C ASP A 585 -45.05 26.35 11.44
N TRP A 586 -45.27 25.57 12.50
CA TRP A 586 -44.15 25.09 13.32
C TRP A 586 -43.22 24.18 12.52
N TYR A 587 -43.79 23.25 11.75
CA TYR A 587 -42.95 22.33 10.99
C TYR A 587 -42.18 23.03 9.89
N MET A 588 -42.79 24.02 9.24
CA MET A 588 -42.09 24.77 8.21
C MET A 588 -40.96 25.61 8.80
N ASP A 589 -41.13 26.08 10.04
CA ASP A 589 -40.04 26.79 10.70
C ASP A 589 -38.91 25.85 11.06
N ARG A 590 -39.21 24.56 11.25
CA ARG A 590 -38.19 23.61 11.67
C ARG A 590 -37.37 23.10 10.48
N ILE A 591 -38.03 22.69 9.41
CA ILE A 591 -37.32 22.07 8.29
C ILE A 591 -36.59 23.11 7.44
N LYS A 592 -37.02 24.37 7.46
CA LYS A 592 -36.33 25.46 6.77
C LYS A 592 -36.14 25.15 5.29
N GLY A 593 -37.24 24.85 4.60
CA GLY A 593 -37.24 24.68 3.17
C GLY A 593 -36.56 23.43 2.64
N LYS A 594 -36.16 22.51 3.51
CA LYS A 594 -35.52 21.26 3.12
C LYS A 594 -36.29 20.10 3.70
N GLN A 595 -36.61 19.11 2.87
CA GLN A 595 -37.35 17.93 3.31
C GLN A 595 -36.76 16.70 2.64
N GLN A 596 -36.75 15.60 3.39
CA GLN A 596 -36.32 14.30 2.87
C GLN A 596 -37.42 13.29 3.11
N VAL A 597 -37.72 12.48 2.10
CA VAL A 597 -38.72 11.43 2.18
C VAL A 597 -38.13 10.15 1.59
N MET A 598 -38.28 9.04 2.30
CA MET A 598 -37.81 7.75 1.83
C MET A 598 -38.98 6.92 1.29
N VAL A 599 -38.73 6.21 0.21
CA VAL A 599 -39.69 5.29 -0.39
C VAL A 599 -39.08 3.90 -0.40
N GLY A 600 -39.87 2.91 0.03
CA GLY A 600 -39.36 1.55 0.18
C GLY A 600 -39.73 0.64 -0.97
N TYR A 601 -38.75 0.30 -1.80
CA TYR A 601 -38.99 -0.58 -2.93
C TYR A 601 -39.23 -2.04 -2.50
N SER A 602 -38.80 -2.41 -1.30
CA SER A 602 -38.91 -3.80 -0.86
C SER A 602 -40.33 -4.13 -0.40
N ASP A 603 -40.76 -3.51 0.69
CA ASP A 603 -42.06 -3.84 1.28
C ASP A 603 -43.23 -3.41 0.39
N SER A 604 -43.03 -2.46 -0.52
CA SER A 604 -44.12 -2.07 -1.41
C SER A 604 -44.36 -3.11 -2.50
N GLY A 605 -43.28 -3.69 -3.05
CA GLY A 605 -43.44 -4.81 -3.96
C GLY A 605 -44.02 -6.03 -3.29
N LYS A 606 -43.77 -6.20 -1.99
CA LYS A 606 -44.33 -7.32 -1.25
C LYS A 606 -45.80 -7.11 -0.90
N ASP A 607 -46.22 -5.86 -0.76
CA ASP A 607 -47.60 -5.55 -0.41
C ASP A 607 -48.53 -5.68 -1.61
N ALA A 608 -48.24 -4.92 -2.67
CA ALA A 608 -48.93 -5.07 -3.93
C ALA A 608 -48.12 -5.99 -4.84
N GLY A 609 -48.23 -5.81 -6.16
CA GLY A 609 -47.38 -6.50 -7.10
C GLY A 609 -46.10 -5.74 -7.36
N ARG A 610 -45.27 -6.31 -8.24
CA ARG A 610 -44.11 -5.56 -8.73
C ARG A 610 -44.56 -4.39 -9.61
N LEU A 611 -45.49 -4.67 -10.54
CA LEU A 611 -45.97 -3.63 -11.43
C LEU A 611 -46.72 -2.54 -10.68
N SER A 612 -47.55 -2.92 -9.71
CA SER A 612 -48.31 -1.93 -8.95
C SER A 612 -47.38 -1.07 -8.11
N ALA A 613 -46.53 -1.71 -7.30
CA ALA A 613 -45.60 -0.96 -6.47
C ALA A 613 -44.72 -0.03 -7.30
N ALA A 614 -44.20 -0.53 -8.43
CA ALA A 614 -43.40 0.31 -9.30
C ALA A 614 -44.16 1.55 -9.76
N TRP A 615 -45.44 1.38 -10.08
CA TRP A 615 -46.22 2.52 -10.57
C TRP A 615 -46.57 3.49 -9.44
N GLN A 616 -47.01 2.97 -8.30
CA GLN A 616 -47.39 3.84 -7.19
C GLN A 616 -46.20 4.65 -6.70
N LEU A 617 -45.00 4.04 -6.68
CA LEU A 617 -43.81 4.78 -6.29
C LEU A 617 -43.49 5.89 -7.30
N TYR A 618 -43.80 5.67 -8.59
CA TYR A 618 -43.65 6.75 -9.55
C TYR A 618 -44.58 7.91 -9.22
N ARG A 619 -45.83 7.61 -8.85
CA ARG A 619 -46.79 8.67 -8.57
C ARG A 619 -46.44 9.38 -7.27
N ALA A 620 -46.14 8.61 -6.22
CA ALA A 620 -45.76 9.20 -4.94
C ALA A 620 -44.60 10.18 -5.11
N GLN A 621 -43.57 9.78 -5.85
CA GLN A 621 -42.46 10.69 -6.14
C GLN A 621 -42.93 11.92 -6.92
N GLU A 622 -43.86 11.72 -7.84
CA GLU A 622 -44.28 12.80 -8.71
C GLU A 622 -45.14 13.81 -7.96
N GLU A 623 -46.14 13.32 -7.22
CA GLU A 623 -47.06 14.23 -6.54
C GLU A 623 -46.42 14.87 -5.32
N MET A 624 -45.49 14.17 -4.66
CA MET A 624 -44.77 14.77 -3.54
C MET A 624 -43.90 15.94 -4.01
N ALA A 625 -43.20 15.77 -5.12
CA ALA A 625 -42.40 16.85 -5.68
C ALA A 625 -43.26 18.05 -6.04
N GLN A 626 -44.48 17.81 -6.53
CA GLN A 626 -45.38 18.92 -6.83
C GLN A 626 -45.82 19.63 -5.55
N VAL A 627 -46.13 18.86 -4.50
CA VAL A 627 -46.50 19.46 -3.22
C VAL A 627 -45.35 20.31 -2.67
N ALA A 628 -44.12 19.80 -2.78
CA ALA A 628 -42.98 20.51 -2.22
C ALA A 628 -42.67 21.78 -3.00
N LYS A 629 -42.84 21.76 -4.33
CA LYS A 629 -42.58 22.96 -5.11
C LYS A 629 -43.63 24.03 -4.85
N ARG A 630 -44.90 23.63 -4.67
CA ARG A 630 -45.93 24.59 -4.31
C ARG A 630 -45.60 25.28 -3.00
N TYR A 631 -45.10 24.53 -2.01
CA TYR A 631 -44.78 25.06 -0.70
C TYR A 631 -43.35 25.58 -0.60
N GLY A 632 -42.66 25.72 -1.73
CA GLY A 632 -41.30 26.27 -1.73
C GLY A 632 -40.27 25.44 -0.98
N VAL A 633 -40.42 24.13 -0.99
CA VAL A 633 -39.52 23.23 -0.27
C VAL A 633 -38.70 22.43 -1.27
N LYS A 634 -37.43 22.22 -0.95
CA LYS A 634 -36.55 21.38 -1.76
C LYS A 634 -36.64 19.95 -1.22
N LEU A 635 -37.28 19.07 -1.99
CA LEU A 635 -37.49 17.69 -1.58
C LEU A 635 -36.32 16.82 -2.05
N THR A 636 -35.83 15.98 -1.15
CA THR A 636 -34.79 15.01 -1.45
C THR A 636 -35.36 13.62 -1.21
N LEU A 637 -35.44 12.83 -2.26
CA LEU A 637 -36.02 11.49 -2.16
C LEU A 637 -34.95 10.48 -1.78
N PHE A 638 -35.33 9.54 -0.93
CA PHE A 638 -34.44 8.50 -0.44
C PHE A 638 -34.96 7.17 -0.98
N HIS A 639 -34.26 6.62 -1.97
CA HIS A 639 -34.69 5.39 -2.62
C HIS A 639 -34.06 4.20 -1.90
N GLY A 640 -34.91 3.41 -1.24
CA GLY A 640 -34.45 2.19 -0.62
C GLY A 640 -34.65 1.01 -1.54
N ARG A 641 -33.70 0.78 -2.45
CA ARG A 641 -33.78 -0.31 -3.41
C ARG A 641 -32.65 -1.30 -3.16
N GLY A 642 -32.97 -2.58 -3.29
CA GLY A 642 -32.00 -3.65 -3.07
C GLY A 642 -31.31 -4.07 -4.36
N GLY A 643 -30.71 -5.26 -4.30
CA GLY A 643 -29.98 -5.78 -5.44
C GLY A 643 -30.86 -6.45 -6.47
N THR A 644 -31.90 -7.15 -6.00
CA THR A 644 -32.77 -7.89 -6.89
C THR A 644 -33.84 -6.99 -7.49
N VAL A 645 -34.32 -7.37 -8.67
CA VAL A 645 -35.36 -6.61 -9.35
C VAL A 645 -36.61 -6.51 -8.48
N GLY A 646 -36.93 -7.59 -7.76
CA GLY A 646 -38.12 -7.61 -6.94
C GLY A 646 -38.09 -6.64 -5.77
N ARG A 647 -36.91 -6.17 -5.38
CA ARG A 647 -36.76 -5.19 -4.31
C ARG A 647 -36.26 -3.85 -4.82
N GLY A 648 -36.51 -3.58 -6.10
CA GLY A 648 -36.14 -2.31 -6.71
C GLY A 648 -34.78 -2.26 -7.36
N GLY A 649 -34.15 -3.40 -7.62
CA GLY A 649 -32.82 -3.42 -8.17
C GLY A 649 -32.79 -3.35 -9.69
N GLY A 650 -31.61 -3.03 -10.21
CA GLY A 650 -31.40 -2.87 -11.63
C GLY A 650 -30.25 -1.92 -11.91
N PRO A 651 -29.77 -1.91 -13.15
CA PRO A 651 -28.65 -1.02 -13.50
C PRO A 651 -28.92 0.40 -13.04
N THR A 652 -27.88 1.03 -12.49
CA THR A 652 -28.05 2.33 -11.83
C THR A 652 -28.63 3.37 -12.77
N HIS A 653 -28.01 3.55 -13.95
CA HIS A 653 -28.49 4.54 -14.91
C HIS A 653 -29.89 4.22 -15.42
N LEU A 654 -30.32 2.95 -15.34
CA LEU A 654 -31.67 2.60 -15.76
C LEU A 654 -32.68 2.87 -14.65
N ALA A 655 -32.30 2.63 -13.39
CA ALA A 655 -33.19 2.90 -12.28
C ALA A 655 -33.43 4.39 -12.11
N ILE A 656 -32.39 5.21 -12.33
CA ILE A 656 -32.54 6.65 -12.29
C ILE A 656 -33.43 7.12 -13.43
N LEU A 657 -33.33 6.48 -14.60
CA LEU A 657 -34.11 6.90 -15.76
C LEU A 657 -35.60 6.62 -15.58
N SER A 658 -35.96 5.57 -14.84
CA SER A 658 -37.36 5.24 -14.63
C SER A 658 -38.03 6.12 -13.59
N GLN A 659 -37.29 7.09 -12.97
CA GLN A 659 -37.83 7.98 -11.96
C GLN A 659 -38.46 9.21 -12.61
N PRO A 660 -39.53 9.74 -12.01
CA PRO A 660 -40.30 10.79 -12.68
C PRO A 660 -39.43 11.99 -12.97
N PRO A 661 -39.73 12.72 -14.05
CA PRO A 661 -38.93 13.90 -14.38
C PRO A 661 -39.05 14.97 -13.30
N ASP A 662 -37.96 15.72 -13.12
CA ASP A 662 -37.95 16.88 -12.23
C ASP A 662 -38.28 16.50 -10.79
N THR A 663 -37.82 15.33 -10.36
CA THR A 663 -37.91 14.94 -8.96
C THR A 663 -36.56 14.64 -8.33
N ILE A 664 -35.46 14.81 -9.08
CA ILE A 664 -34.12 14.57 -8.55
C ILE A 664 -33.41 15.91 -8.37
N ASN A 665 -33.11 16.57 -9.48
CA ASN A 665 -32.55 17.93 -9.48
C ASN A 665 -31.29 18.02 -8.60
N GLY A 666 -30.42 17.04 -8.75
CA GLY A 666 -29.14 17.08 -8.06
C GLY A 666 -29.20 16.85 -6.56
N SER A 667 -30.15 16.04 -6.10
CA SER A 667 -30.27 15.75 -4.67
C SER A 667 -31.01 14.42 -4.53
N ILE A 668 -30.27 13.34 -4.28
CA ILE A 668 -30.85 12.00 -4.22
C ILE A 668 -30.02 11.15 -3.28
N ARG A 669 -30.70 10.28 -2.54
CA ARG A 669 -30.06 9.27 -1.71
C ARG A 669 -30.55 7.89 -2.14
N VAL A 670 -29.63 6.93 -2.18
CA VAL A 670 -29.91 5.56 -2.60
C VAL A 670 -29.23 4.60 -1.63
N THR A 671 -29.96 3.57 -1.20
CA THR A 671 -29.38 2.54 -0.36
C THR A 671 -28.56 1.56 -1.20
N VAL A 672 -27.32 1.34 -0.79
CA VAL A 672 -26.50 0.25 -1.30
C VAL A 672 -26.57 -0.87 -0.26
N GLN A 673 -27.28 -1.95 -0.59
CA GLN A 673 -27.74 -2.91 0.39
C GLN A 673 -26.91 -4.19 0.34
N GLY A 674 -26.23 -4.50 1.45
CA GLY A 674 -25.58 -5.78 1.66
C GLY A 674 -24.61 -6.20 0.58
N GLU A 675 -24.99 -7.24 -0.18
CA GLU A 675 -24.12 -7.76 -1.24
C GLU A 675 -23.88 -6.75 -2.34
N VAL A 676 -24.75 -5.74 -2.48
CA VAL A 676 -24.53 -4.72 -3.50
C VAL A 676 -23.28 -3.91 -3.20
N ILE A 677 -22.91 -3.77 -1.92
CA ILE A 677 -21.69 -3.06 -1.56
C ILE A 677 -20.48 -3.71 -2.21
N GLU A 678 -20.41 -5.04 -2.20
CA GLU A 678 -19.34 -5.73 -2.89
C GLU A 678 -19.45 -5.56 -4.40
N PHE A 679 -20.67 -5.71 -4.94
CA PHE A 679 -20.88 -5.57 -6.39
C PHE A 679 -20.37 -4.23 -6.91
N CYS A 680 -20.49 -3.17 -6.11
CA CYS A 680 -20.18 -1.82 -6.56
C CYS A 680 -18.80 -1.32 -6.12
N PHE A 681 -18.29 -1.80 -4.98
CA PHE A 681 -17.04 -1.27 -4.43
C PHE A 681 -16.04 -2.36 -4.06
N GLY A 682 -16.18 -3.55 -4.63
CA GLY A 682 -15.27 -4.64 -4.31
C GLY A 682 -13.87 -4.45 -4.86
N GLU A 683 -13.68 -3.51 -5.78
CA GLU A 683 -12.36 -3.22 -6.32
C GLU A 683 -12.39 -1.83 -6.94
N GLU A 684 -11.22 -1.18 -6.97
CA GLU A 684 -11.08 0.17 -7.49
C GLU A 684 -11.81 0.36 -8.80
N HIS A 685 -11.57 -0.55 -9.76
CA HIS A 685 -12.30 -0.56 -11.02
C HIS A 685 -13.80 -0.33 -10.83
N LEU A 686 -14.40 -1.06 -9.89
CA LEU A 686 -15.85 -1.01 -9.72
C LEU A 686 -16.30 0.29 -9.06
N CYS A 687 -15.58 0.74 -8.04
CA CYS A 687 -15.92 1.98 -7.36
C CYS A 687 -15.94 3.14 -8.35
N PHE A 688 -14.95 3.19 -9.25
CA PHE A 688 -14.93 4.24 -10.27
C PHE A 688 -16.15 4.15 -11.18
N GLN A 689 -16.58 2.94 -11.52
CA GLN A 689 -17.78 2.78 -12.33
C GLN A 689 -19.02 3.24 -11.55
N THR A 690 -19.15 2.77 -10.30
CA THR A 690 -20.33 3.11 -9.52
C THR A 690 -20.45 4.62 -9.29
N LEU A 691 -19.33 5.26 -8.94
CA LEU A 691 -19.33 6.71 -8.77
C LEU A 691 -19.69 7.40 -10.08
N GLN A 692 -19.17 6.90 -11.20
CA GLN A 692 -19.42 7.54 -12.48
C GLN A 692 -20.86 7.34 -12.93
N ARG A 693 -21.43 6.16 -12.66
CA ARG A 693 -22.81 5.89 -13.05
C ARG A 693 -23.78 6.82 -12.33
N PHE A 694 -23.66 6.91 -11.00
CA PHE A 694 -24.57 7.75 -10.23
C PHE A 694 -24.41 9.23 -10.58
N THR A 695 -23.16 9.69 -10.73
CA THR A 695 -22.94 11.09 -11.05
C THR A 695 -23.48 11.44 -12.44
N ALA A 696 -23.21 10.60 -13.43
CA ALA A 696 -23.66 10.88 -14.80
C ALA A 696 -25.17 10.80 -14.90
N ALA A 697 -25.77 9.73 -14.38
CA ALA A 697 -27.21 9.54 -14.54
C ALA A 697 -28.01 10.57 -13.75
N THR A 698 -27.47 11.05 -12.63
CA THR A 698 -28.14 12.09 -11.86
C THR A 698 -28.01 13.45 -12.54
N LEU A 699 -26.89 13.70 -13.22
CA LEU A 699 -26.72 14.94 -13.95
C LEU A 699 -27.57 14.99 -15.21
N GLU A 700 -27.65 13.87 -15.94
CA GLU A 700 -28.45 13.84 -17.17
C GLU A 700 -29.94 13.96 -16.86
N HIS A 701 -30.42 13.22 -15.86
CA HIS A 701 -31.82 13.30 -15.46
C HIS A 701 -32.23 14.72 -15.07
N GLY A 702 -31.28 15.55 -14.64
CA GLY A 702 -31.59 16.91 -14.27
C GLY A 702 -31.78 17.84 -15.45
N MET A 703 -30.77 17.94 -16.31
CA MET A 703 -30.82 18.88 -17.43
C MET A 703 -31.59 18.31 -18.63
N HIS A 704 -31.56 17.00 -18.82
CA HIS A 704 -32.23 16.33 -19.94
C HIS A 704 -33.16 15.27 -19.38
N PRO A 705 -34.31 15.67 -18.84
CA PRO A 705 -35.19 14.72 -18.14
C PRO A 705 -35.86 13.77 -19.12
N PRO A 706 -36.35 12.63 -18.62
CA PRO A 706 -37.16 11.76 -19.48
C PRO A 706 -38.55 12.34 -19.70
N VAL A 707 -39.36 11.69 -20.52
CA VAL A 707 -40.68 12.21 -20.86
C VAL A 707 -41.67 11.88 -19.77
N SER A 708 -42.65 12.77 -19.60
CA SER A 708 -43.77 12.49 -18.72
C SER A 708 -44.78 11.59 -19.44
N PRO A 709 -45.54 10.78 -18.71
CA PRO A 709 -46.48 9.87 -19.37
C PRO A 709 -47.65 10.60 -19.99
N LYS A 710 -48.11 10.10 -21.14
CA LYS A 710 -49.33 10.61 -21.74
C LYS A 710 -50.53 10.29 -20.85
N PRO A 711 -51.60 11.09 -20.95
CA PRO A 711 -52.78 10.83 -20.09
C PRO A 711 -53.37 9.44 -20.29
N GLU A 712 -53.39 8.93 -21.52
CA GLU A 712 -53.89 7.58 -21.74
C GLU A 712 -52.98 6.55 -21.10
N TRP A 713 -51.67 6.79 -21.11
CA TRP A 713 -50.72 5.89 -20.45
C TRP A 713 -51.01 5.82 -18.95
N ARG A 714 -51.19 6.98 -18.31
CA ARG A 714 -51.52 7.01 -16.89
C ARG A 714 -52.78 6.22 -16.59
N LYS A 715 -53.86 6.50 -17.33
CA LYS A 715 -55.11 5.79 -17.10
C LYS A 715 -54.94 4.29 -17.26
N LEU A 716 -54.20 3.86 -18.29
CA LEU A 716 -53.95 2.43 -18.44
C LEU A 716 -53.14 1.88 -17.28
N MET A 717 -52.10 2.61 -16.84
CA MET A 717 -51.30 2.16 -15.71
C MET A 717 -52.15 2.07 -14.44
N ASP A 718 -53.04 3.04 -14.24
CA ASP A 718 -53.85 3.05 -13.03
C ASP A 718 -54.78 1.85 -12.97
N GLU A 719 -55.39 1.48 -14.11
CA GLU A 719 -56.28 0.32 -14.12
C GLU A 719 -55.51 -0.99 -14.09
N MET A 720 -54.37 -1.07 -14.81
CA MET A 720 -53.56 -2.27 -14.77
C MET A 720 -53.02 -2.52 -13.36
N ALA A 721 -52.66 -1.45 -12.66
CA ALA A 721 -52.16 -1.60 -11.29
C ALA A 721 -53.20 -2.26 -10.39
N VAL A 722 -54.46 -1.86 -10.52
CA VAL A 722 -55.51 -2.46 -9.68
C VAL A 722 -55.66 -3.94 -9.99
N VAL A 723 -55.64 -4.30 -11.28
CA VAL A 723 -55.75 -5.71 -11.65
C VAL A 723 -54.52 -6.48 -11.19
N ALA A 724 -53.34 -5.86 -11.29
CA ALA A 724 -52.11 -6.54 -10.88
C ALA A 724 -52.13 -6.88 -9.39
N THR A 725 -52.49 -5.91 -8.55
CA THR A 725 -52.48 -6.15 -7.11
C THR A 725 -53.56 -7.14 -6.70
N GLU A 726 -54.73 -7.08 -7.34
CA GLU A 726 -55.78 -8.04 -7.03
C GLU A 726 -55.34 -9.45 -7.40
N GLU A 727 -54.69 -9.61 -8.55
CA GLU A 727 -54.18 -10.91 -8.96
C GLU A 727 -53.05 -11.36 -8.04
N TYR A 728 -52.14 -10.45 -7.70
CA TYR A 728 -51.06 -10.77 -6.76
C TYR A 728 -51.63 -11.22 -5.41
N ARG A 729 -52.52 -10.40 -4.84
CA ARG A 729 -53.03 -10.69 -3.50
C ARG A 729 -53.97 -11.89 -3.50
N SER A 730 -54.62 -12.21 -4.61
CA SER A 730 -55.45 -13.40 -4.67
C SER A 730 -54.61 -14.66 -4.48
N VAL A 731 -53.35 -14.63 -4.91
CA VAL A 731 -52.47 -15.78 -4.77
C VAL A 731 -51.72 -15.74 -3.44
N VAL A 732 -51.24 -14.55 -3.05
CA VAL A 732 -50.38 -14.45 -1.88
C VAL A 732 -51.19 -14.34 -0.59
N VAL A 733 -52.28 -13.58 -0.62
CA VAL A 733 -53.02 -13.23 0.59
C VAL A 733 -54.27 -14.07 0.75
N LYS A 734 -55.09 -14.18 -0.31
CA LYS A 734 -56.40 -14.80 -0.19
C LYS A 734 -56.30 -16.32 -0.20
N GLU A 735 -55.55 -16.89 -1.14
CA GLU A 735 -55.43 -18.34 -1.26
C GLU A 735 -54.98 -18.95 0.06
N ALA A 736 -55.84 -19.81 0.63
CA ALA A 736 -55.62 -20.29 1.98
C ALA A 736 -54.39 -21.19 2.08
N ARG A 737 -54.28 -22.17 1.19
CA ARG A 737 -53.18 -23.12 1.22
C ARG A 737 -51.92 -22.61 0.50
N PHE A 738 -51.79 -21.28 0.33
CA PHE A 738 -50.61 -20.75 -0.35
C PHE A 738 -49.36 -20.95 0.48
N VAL A 739 -49.40 -20.56 1.77
CA VAL A 739 -48.18 -20.60 2.56
C VAL A 739 -47.74 -22.03 2.82
N GLU A 740 -48.68 -22.97 2.92
CA GLU A 740 -48.30 -24.38 3.00
C GLU A 740 -47.53 -24.81 1.75
N TYR A 741 -48.05 -24.47 0.57
CA TYR A 741 -47.33 -24.74 -0.67
C TYR A 741 -46.01 -23.99 -0.68
N PHE A 742 -46.04 -22.71 -0.31
CA PHE A 742 -44.85 -21.86 -0.41
C PHE A 742 -43.72 -22.37 0.47
N ARG A 743 -44.05 -22.93 1.64
CA ARG A 743 -43.01 -23.51 2.49
C ARG A 743 -42.57 -24.87 2.00
N SER A 744 -43.39 -25.55 1.18
CA SER A 744 -42.98 -26.83 0.62
C SER A 744 -42.15 -26.66 -0.64
N ALA A 745 -42.52 -25.71 -1.50
CA ALA A 745 -41.91 -25.57 -2.81
C ALA A 745 -40.58 -24.81 -2.80
N THR A 746 -40.22 -24.18 -1.67
CA THR A 746 -39.04 -23.32 -1.61
C THR A 746 -38.21 -23.60 -0.37
N PRO A 747 -36.98 -23.07 -0.28
CA PRO A 747 -36.21 -23.23 0.97
C PRO A 747 -36.37 -22.05 1.92
N GLU A 748 -37.58 -21.48 1.99
CA GLU A 748 -37.80 -20.28 2.80
C GLU A 748 -37.42 -20.50 4.25
N THR A 749 -37.89 -21.59 4.84
CA THR A 749 -37.68 -21.84 6.27
C THR A 749 -36.23 -22.06 6.64
N GLU A 750 -35.32 -22.17 5.66
CA GLU A 750 -33.92 -22.43 5.91
C GLU A 750 -33.04 -21.22 5.71
N TYR A 751 -33.60 -20.08 5.26
CA TYR A 751 -32.79 -18.90 4.97
C TYR A 751 -31.94 -18.48 6.17
N GLY A 752 -32.53 -18.51 7.37
CA GLY A 752 -31.81 -18.07 8.56
C GLY A 752 -30.60 -18.90 8.91
N ARG A 753 -30.50 -20.12 8.37
CA ARG A 753 -29.37 -20.99 8.70
C ARG A 753 -28.07 -20.50 8.08
N MET A 754 -28.13 -19.60 7.10
CA MET A 754 -26.90 -19.08 6.51
C MET A 754 -26.20 -18.09 7.42
N ASN A 755 -26.90 -17.59 8.45
CA ASN A 755 -26.29 -16.74 9.48
C ASN A 755 -25.71 -15.45 8.88
N ILE A 756 -26.51 -14.79 8.02
CA ILE A 756 -25.99 -13.62 7.31
C ILE A 756 -26.09 -12.37 8.18
N GLY A 757 -27.19 -12.22 8.93
CA GLY A 757 -27.48 -10.99 9.64
C GLY A 757 -27.58 -11.19 11.14
N SER A 758 -27.86 -10.09 11.83
CA SER A 758 -27.94 -10.04 13.28
C SER A 758 -29.37 -10.12 13.80
N ARG A 759 -30.37 -10.05 12.93
CA ARG A 759 -31.76 -10.16 13.30
C ARG A 759 -32.03 -11.51 13.95
N PRO A 760 -32.40 -11.57 15.24
CA PRO A 760 -32.64 -12.85 15.92
C PRO A 760 -33.83 -13.61 15.34
N GLY A 768 -47.94 -15.69 9.23
CA GLY A 768 -47.78 -16.30 7.92
C GLY A 768 -46.94 -15.47 6.97
N ILE A 769 -47.55 -15.02 5.88
CA ILE A 769 -46.84 -14.17 4.93
C ILE A 769 -46.78 -12.73 5.43
N THR A 770 -47.74 -12.32 6.26
CA THR A 770 -47.71 -10.98 6.84
C THR A 770 -46.43 -10.73 7.61
N THR A 771 -45.95 -11.73 8.34
CA THR A 771 -44.82 -11.60 9.23
C THR A 771 -43.47 -11.73 8.53
N LEU A 772 -43.43 -12.22 7.30
CA LEU A 772 -42.17 -12.50 6.63
C LEU A 772 -41.50 -11.22 6.15
N ARG A 773 -40.17 -11.19 6.24
CA ARG A 773 -39.42 -10.07 5.72
C ARG A 773 -39.28 -10.19 4.21
N ALA A 774 -38.98 -9.06 3.57
CA ALA A 774 -38.96 -9.01 2.12
C ALA A 774 -37.79 -9.79 1.53
N ILE A 775 -36.64 -9.79 2.20
CA ILE A 775 -35.44 -10.44 1.68
C ILE A 775 -35.64 -11.96 1.64
N PRO A 776 -36.05 -12.63 2.73
CA PRO A 776 -36.34 -14.07 2.60
C PRO A 776 -37.46 -14.36 1.63
N TRP A 777 -38.43 -13.46 1.50
CA TRP A 777 -39.50 -13.61 0.53
C TRP A 777 -38.93 -13.77 -0.88
N ILE A 778 -38.19 -12.76 -1.35
CA ILE A 778 -37.57 -12.83 -2.66
C ILE A 778 -36.60 -14.00 -2.74
N PHE A 779 -35.89 -14.28 -1.65
CA PHE A 779 -34.88 -15.33 -1.64
C PHE A 779 -35.46 -16.68 -2.05
N SER A 780 -36.61 -17.05 -1.47
CA SER A 780 -37.18 -18.35 -1.74
C SER A 780 -37.50 -18.54 -3.23
N TRP A 781 -38.03 -17.50 -3.87
CA TRP A 781 -38.41 -17.61 -5.27
C TRP A 781 -37.26 -17.31 -6.23
N THR A 782 -36.12 -16.83 -5.75
CA THR A 782 -34.93 -16.79 -6.58
C THR A 782 -34.16 -18.09 -6.54
N GLN A 783 -34.21 -18.80 -5.41
CA GLN A 783 -33.54 -20.10 -5.31
C GLN A 783 -34.15 -21.11 -6.27
N THR A 784 -35.47 -21.10 -6.42
CA THR A 784 -36.15 -22.02 -7.34
C THR A 784 -36.14 -21.54 -8.77
N ARG A 785 -35.55 -20.38 -9.05
CA ARG A 785 -35.54 -19.78 -10.38
C ARG A 785 -36.96 -19.59 -10.93
N PHE A 786 -37.92 -19.40 -10.03
CA PHE A 786 -39.31 -19.10 -10.40
C PHE A 786 -39.62 -17.61 -10.35
N HIS A 787 -39.12 -16.92 -9.32
CA HIS A 787 -39.25 -15.46 -9.20
C HIS A 787 -40.71 -15.01 -9.14
N LEU A 788 -41.53 -15.77 -8.42
CA LEU A 788 -42.97 -15.48 -8.35
C LEU A 788 -43.29 -14.02 -8.03
N PRO A 789 -42.75 -13.40 -6.97
CA PRO A 789 -43.18 -12.03 -6.64
C PRO A 789 -42.81 -11.00 -7.69
N VAL A 790 -41.83 -11.29 -8.55
CA VAL A 790 -41.32 -10.28 -9.48
C VAL A 790 -42.24 -10.08 -10.68
N TRP A 791 -43.02 -11.09 -11.06
CA TRP A 791 -43.88 -10.99 -12.23
C TRP A 791 -45.35 -11.27 -11.94
N LEU A 792 -45.70 -11.87 -10.80
CA LEU A 792 -47.08 -12.21 -10.52
C LEU A 792 -47.94 -10.96 -10.51
N GLY A 793 -48.95 -10.94 -11.40
CA GLY A 793 -49.83 -9.80 -11.58
C GLY A 793 -49.64 -9.10 -12.91
N VAL A 794 -48.41 -9.06 -13.43
CA VAL A 794 -48.15 -8.43 -14.72
C VAL A 794 -48.87 -9.18 -15.85
N GLY A 795 -48.99 -10.50 -15.72
CA GLY A 795 -49.77 -11.25 -16.70
C GLY A 795 -51.23 -10.84 -16.70
N ALA A 796 -51.84 -10.75 -15.52
CA ALA A 796 -53.24 -10.38 -15.43
C ALA A 796 -53.47 -8.95 -15.90
N ALA A 797 -52.56 -8.03 -15.56
CA ALA A 797 -52.73 -6.64 -15.95
C ALA A 797 -52.62 -6.48 -17.46
N PHE A 798 -51.75 -7.26 -18.11
CA PHE A 798 -51.60 -7.15 -19.55
C PHE A 798 -52.80 -7.73 -20.28
N LYS A 799 -53.28 -8.90 -19.84
CA LYS A 799 -54.48 -9.47 -20.43
C LYS A 799 -55.67 -8.55 -20.24
N PHE A 800 -55.93 -8.13 -19.00
CA PHE A 800 -57.04 -7.23 -18.74
C PHE A 800 -57.04 -6.05 -19.70
N ALA A 801 -55.86 -5.52 -20.02
CA ALA A 801 -55.78 -4.35 -20.87
C ALA A 801 -56.20 -4.66 -22.31
N ILE A 802 -55.82 -5.82 -22.83
CA ILE A 802 -56.13 -6.12 -24.22
C ILE A 802 -57.50 -6.77 -24.40
N ASP A 803 -58.07 -7.37 -23.36
CA ASP A 803 -59.44 -7.84 -23.43
C ASP A 803 -60.43 -6.74 -23.08
N LYS A 804 -59.97 -5.66 -22.46
CA LYS A 804 -60.76 -4.44 -22.41
C LYS A 804 -60.90 -3.82 -23.79
N ASP A 805 -59.78 -3.74 -24.52
CA ASP A 805 -59.78 -3.24 -25.89
C ASP A 805 -58.58 -3.81 -26.62
N VAL A 806 -58.81 -4.37 -27.81
CA VAL A 806 -57.73 -5.00 -28.58
C VAL A 806 -56.73 -3.96 -29.06
N ARG A 807 -57.17 -2.71 -29.24
CA ARG A 807 -56.24 -1.66 -29.64
C ARG A 807 -55.26 -1.31 -28.53
N ASN A 808 -55.61 -1.60 -27.28
CA ASN A 808 -54.69 -1.33 -26.18
C ASN A 808 -53.38 -2.09 -26.32
N PHE A 809 -53.36 -3.19 -27.07
CA PHE A 809 -52.09 -3.83 -27.38
C PHE A 809 -51.16 -2.87 -28.12
N GLN A 810 -51.71 -2.00 -28.97
CA GLN A 810 -50.87 -1.05 -29.70
C GLN A 810 -50.35 0.06 -28.80
N VAL A 811 -51.11 0.46 -27.78
CA VAL A 811 -50.60 1.49 -26.88
C VAL A 811 -49.62 0.88 -25.87
N LEU A 812 -49.81 -0.39 -25.51
CA LEU A 812 -48.79 -1.07 -24.70
C LEU A 812 -47.46 -1.10 -25.42
N LYS A 813 -47.47 -1.33 -26.74
CA LYS A 813 -46.25 -1.29 -27.52
C LYS A 813 -45.71 0.13 -27.65
N GLU A 814 -46.59 1.13 -27.67
CA GLU A 814 -46.14 2.51 -27.75
C GLU A 814 -45.50 2.96 -26.44
N MET A 815 -46.05 2.52 -25.30
CA MET A 815 -45.46 2.84 -24.01
C MET A 815 -44.08 2.21 -23.86
N TYR A 816 -43.93 0.95 -24.29
CA TYR A 816 -42.65 0.28 -24.17
C TYR A 816 -41.59 0.96 -25.04
N ASN A 817 -41.99 1.52 -26.18
CA ASN A 817 -41.03 2.14 -27.08
C ASN A 817 -40.77 3.62 -26.77
N GLU A 818 -41.62 4.27 -26.00
CA GLU A 818 -41.52 5.71 -25.80
C GLU A 818 -41.41 6.13 -24.35
N TRP A 819 -41.92 5.36 -23.40
CA TRP A 819 -41.94 5.76 -22.01
C TRP A 819 -40.80 5.08 -21.26
N PRO A 820 -39.73 5.81 -20.90
CA PRO A 820 -38.59 5.15 -20.23
C PRO A 820 -38.97 4.37 -18.98
N PHE A 821 -39.87 4.90 -18.15
CA PHE A 821 -40.29 4.15 -16.97
C PHE A 821 -40.89 2.81 -17.36
N PHE A 822 -41.65 2.78 -18.45
CA PHE A 822 -42.27 1.54 -18.89
C PHE A 822 -41.23 0.58 -19.48
N ARG A 823 -40.40 1.07 -20.40
CA ARG A 823 -39.37 0.22 -20.99
C ARG A 823 -38.48 -0.38 -19.90
N VAL A 824 -37.93 0.46 -19.03
CA VAL A 824 -37.02 -0.01 -17.99
C VAL A 824 -37.70 -1.05 -17.10
N THR A 825 -38.94 -0.79 -16.70
CA THR A 825 -39.65 -1.72 -15.83
C THR A 825 -39.81 -3.08 -16.49
N LEU A 826 -40.20 -3.10 -17.76
CA LEU A 826 -40.43 -4.35 -18.46
C LEU A 826 -39.14 -4.97 -18.99
N ASP A 827 -38.11 -4.18 -19.26
CA ASP A 827 -36.81 -4.74 -19.60
C ASP A 827 -36.24 -5.56 -18.46
N LEU A 828 -36.38 -5.06 -17.22
CA LEU A 828 -35.93 -5.81 -16.06
C LEU A 828 -36.71 -7.11 -15.88
N LEU A 829 -38.00 -7.08 -16.19
CA LEU A 829 -38.80 -8.30 -16.10
C LEU A 829 -38.29 -9.35 -17.08
N GLU A 830 -37.83 -8.91 -18.25
CA GLU A 830 -37.22 -9.83 -19.21
C GLU A 830 -35.93 -10.42 -18.65
N MET A 831 -35.08 -9.57 -18.06
CA MET A 831 -33.84 -10.05 -17.45
C MET A 831 -34.12 -11.09 -16.37
N VAL A 832 -35.24 -10.95 -15.65
CA VAL A 832 -35.58 -11.92 -14.62
C VAL A 832 -36.01 -13.24 -15.25
N PHE A 833 -36.85 -13.18 -16.29
CA PHE A 833 -37.27 -14.40 -16.97
C PHE A 833 -36.08 -15.11 -17.62
N ALA A 834 -35.05 -14.35 -18.01
CA ALA A 834 -33.81 -14.98 -18.44
C ALA A 834 -33.23 -15.86 -17.36
N LYS A 835 -33.21 -15.35 -16.12
CA LYS A 835 -32.76 -16.12 -14.97
C LYS A 835 -33.84 -17.04 -14.43
N GLY A 836 -34.88 -17.30 -15.20
CA GLY A 836 -35.96 -18.17 -14.76
C GLY A 836 -36.00 -19.50 -15.48
N ASP A 837 -36.62 -20.49 -14.85
CA ASP A 837 -36.82 -21.80 -15.45
C ASP A 837 -38.00 -22.48 -14.77
N PRO A 838 -39.17 -22.53 -15.41
CA PRO A 838 -40.31 -23.23 -14.80
C PRO A 838 -40.07 -24.71 -14.58
N GLY A 839 -39.15 -25.33 -15.32
CA GLY A 839 -38.86 -26.74 -15.11
C GLY A 839 -38.28 -27.00 -13.73
N ILE A 840 -37.46 -26.06 -13.23
CA ILE A 840 -36.89 -26.22 -11.89
C ILE A 840 -37.98 -26.12 -10.82
N ALA A 841 -38.89 -25.14 -10.97
CA ALA A 841 -40.01 -25.05 -10.04
C ALA A 841 -40.86 -26.31 -10.08
N GLY A 842 -41.00 -26.92 -11.26
CA GLY A 842 -41.72 -28.18 -11.35
C GLY A 842 -41.02 -29.30 -10.61
N LEU A 843 -39.69 -29.29 -10.60
CA LEU A 843 -38.95 -30.33 -9.90
C LEU A 843 -39.13 -30.22 -8.39
N TYR A 844 -39.11 -29.00 -7.86
CA TYR A 844 -39.40 -28.80 -6.43
C TYR A 844 -40.83 -29.21 -6.09
N ASP A 845 -41.78 -28.84 -6.94
CA ASP A 845 -43.17 -29.25 -6.73
C ASP A 845 -43.28 -30.77 -6.63
N GLU A 846 -42.48 -31.49 -7.43
CA GLU A 846 -42.65 -32.93 -7.53
C GLU A 846 -42.08 -33.62 -6.31
N LEU A 847 -40.93 -33.14 -5.82
CA LEU A 847 -40.24 -33.84 -4.73
C LEU A 847 -40.81 -33.48 -3.37
N LEU A 848 -41.34 -32.26 -3.21
CA LEU A 848 -41.66 -31.75 -1.89
C LEU A 848 -43.11 -31.33 -1.68
N VAL A 849 -43.86 -31.02 -2.74
CA VAL A 849 -45.20 -30.47 -2.60
C VAL A 849 -46.21 -31.62 -2.55
N ALA A 850 -47.14 -31.54 -1.60
CA ALA A 850 -48.17 -32.55 -1.46
C ALA A 850 -49.02 -32.62 -2.74
N GLU A 851 -49.60 -33.79 -2.98
CA GLU A 851 -50.32 -34.02 -4.23
C GLU A 851 -51.50 -33.08 -4.39
N GLU A 852 -52.23 -32.80 -3.29
CA GLU A 852 -53.40 -31.94 -3.37
C GLU A 852 -53.04 -30.51 -3.78
N LEU A 853 -51.81 -30.08 -3.56
CA LEU A 853 -51.38 -28.74 -3.93
C LEU A 853 -50.69 -28.67 -5.28
N LYS A 854 -50.39 -29.80 -5.90
CA LYS A 854 -49.75 -29.79 -7.22
C LYS A 854 -50.57 -29.06 -8.28
N PRO A 855 -51.90 -29.18 -8.36
CA PRO A 855 -52.64 -28.37 -9.34
C PRO A 855 -52.45 -26.88 -9.12
N PHE A 856 -52.35 -26.45 -7.87
CA PHE A 856 -52.09 -25.04 -7.58
C PHE A 856 -50.73 -24.61 -8.13
N GLY A 857 -49.71 -25.46 -7.95
CA GLY A 857 -48.40 -25.13 -8.49
C GLY A 857 -48.40 -25.00 -9.99
N LYS A 858 -49.03 -25.95 -10.68
CA LYS A 858 -49.12 -25.88 -12.14
C LYS A 858 -49.84 -24.62 -12.59
N GLN A 859 -50.85 -24.17 -11.83
CA GLN A 859 -51.50 -22.91 -12.14
C GLN A 859 -50.50 -21.76 -12.11
N LEU A 860 -49.58 -21.78 -11.15
CA LEU A 860 -48.59 -20.70 -11.05
C LEU A 860 -47.58 -20.77 -12.20
N ARG A 861 -47.19 -21.98 -12.59
CA ARG A 861 -46.32 -22.13 -13.76
C ARG A 861 -47.03 -21.70 -15.04
N ASP A 862 -48.35 -21.86 -15.09
CA ASP A 862 -49.10 -21.40 -16.25
C ASP A 862 -49.11 -19.89 -16.34
N LYS A 863 -49.27 -19.21 -15.19
CA LYS A 863 -49.22 -17.76 -15.18
C LYS A 863 -47.82 -17.26 -15.55
N TYR A 864 -46.79 -18.02 -15.15
CA TYR A 864 -45.43 -17.71 -15.58
C TYR A 864 -45.33 -17.70 -17.11
N VAL A 865 -45.75 -18.79 -17.74
CA VAL A 865 -45.57 -18.94 -19.18
C VAL A 865 -46.37 -17.89 -19.94
N GLU A 866 -47.57 -17.56 -19.46
CA GLU A 866 -48.39 -16.57 -20.16
C GLU A 866 -47.91 -15.15 -19.91
N THR A 867 -47.29 -14.89 -18.76
CA THR A 867 -46.72 -13.56 -18.52
C THR A 867 -45.48 -13.34 -19.36
N GLN A 868 -44.65 -14.38 -19.51
CA GLN A 868 -43.47 -14.27 -20.35
C GLN A 868 -43.86 -14.15 -21.82
N GLN A 869 -44.82 -14.96 -22.28
CA GLN A 869 -45.33 -14.82 -23.64
C GLN A 869 -45.74 -13.38 -23.91
N LEU A 870 -46.60 -12.83 -23.05
CA LEU A 870 -47.03 -11.45 -23.22
C LEU A 870 -45.81 -10.56 -23.31
N LEU A 871 -45.20 -10.24 -22.17
CA LEU A 871 -44.10 -9.27 -22.06
C LEU A 871 -43.17 -9.29 -23.27
N LEU A 872 -42.90 -10.48 -23.81
CA LEU A 872 -42.08 -10.57 -25.02
C LEU A 872 -42.80 -10.03 -26.25
N GLN A 873 -44.12 -10.17 -26.30
CA GLN A 873 -44.88 -9.66 -27.44
C GLN A 873 -45.12 -8.17 -27.33
N ILE A 874 -45.26 -7.64 -26.11
CA ILE A 874 -45.34 -6.19 -25.94
C ILE A 874 -44.01 -5.55 -26.31
N ALA A 875 -42.90 -6.15 -25.86
CA ALA A 875 -41.62 -5.85 -26.44
C ALA A 875 -41.58 -6.35 -27.89
N GLY A 876 -40.54 -5.95 -28.62
CA GLY A 876 -40.45 -6.32 -30.01
C GLY A 876 -39.66 -7.58 -30.27
N HIS A 877 -39.54 -8.45 -29.27
CA HIS A 877 -38.56 -9.52 -29.30
C HIS A 877 -39.18 -10.88 -29.63
N LYS A 878 -38.34 -11.75 -30.21
CA LYS A 878 -38.72 -13.13 -30.48
C LYS A 878 -38.70 -13.97 -29.20
N ASP A 879 -37.64 -13.81 -28.41
CA ASP A 879 -37.36 -14.67 -27.26
C ASP A 879 -36.50 -13.85 -26.30
N ILE A 880 -36.19 -14.43 -25.14
CA ILE A 880 -35.55 -13.69 -24.07
C ILE A 880 -34.15 -13.26 -24.50
N LEU A 881 -33.87 -11.95 -24.34
CA LEU A 881 -32.52 -11.38 -24.46
C LEU A 881 -31.96 -11.56 -25.88
N GLU A 882 -32.60 -10.86 -26.81
CA GLU A 882 -32.09 -10.77 -28.18
C GLU A 882 -30.87 -9.88 -28.26
N GLY A 883 -31.11 -8.58 -28.13
CA GLY A 883 -30.08 -7.57 -28.29
C GLY A 883 -29.19 -7.44 -27.08
N ASP A 884 -28.70 -8.55 -26.57
CA ASP A 884 -27.75 -8.57 -25.46
C ASP A 884 -27.26 -9.99 -25.28
N PRO A 885 -26.20 -10.40 -25.99
CA PRO A 885 -25.77 -11.81 -25.96
C PRO A 885 -24.70 -12.16 -24.94
N PHE A 886 -23.98 -11.16 -24.41
CA PHE A 886 -22.89 -11.44 -23.47
C PHE A 886 -23.44 -12.00 -22.15
N LEU A 887 -24.36 -11.27 -21.52
CA LEU A 887 -25.11 -11.76 -20.37
C LEU A 887 -25.76 -13.12 -20.63
N LYS A 888 -26.27 -13.33 -21.84
CA LYS A 888 -26.89 -14.62 -22.14
C LYS A 888 -25.82 -15.71 -22.23
N GLN A 889 -24.65 -15.37 -22.75
CA GLN A 889 -23.53 -16.30 -22.75
C GLN A 889 -23.09 -16.62 -21.32
N GLY A 890 -23.06 -15.61 -20.45
CA GLY A 890 -22.74 -15.85 -19.06
C GLY A 890 -23.75 -16.75 -18.38
N LEU A 891 -24.98 -16.79 -18.90
CA LEU A 891 -26.01 -17.66 -18.33
C LEU A 891 -25.84 -19.10 -18.79
N VAL A 892 -25.54 -19.32 -20.07
CA VAL A 892 -25.45 -20.69 -20.59
C VAL A 892 -24.30 -21.45 -19.94
N LEU A 893 -23.27 -20.73 -19.47
CA LEU A 893 -22.13 -21.37 -18.84
C LEU A 893 -22.37 -21.61 -17.35
N ARG A 894 -23.07 -20.70 -16.68
CA ARG A 894 -23.35 -20.86 -15.26
C ARG A 894 -24.51 -21.81 -15.00
N ASN A 895 -25.49 -21.87 -15.91
CA ASN A 895 -26.73 -22.56 -15.62
C ASN A 895 -26.58 -24.05 -15.30
N PRO A 896 -25.78 -24.85 -16.01
CA PRO A 896 -25.69 -26.28 -15.63
C PRO A 896 -25.25 -26.50 -14.20
N TYR A 897 -24.36 -25.66 -13.67
CA TYR A 897 -23.95 -25.82 -12.29
C TYR A 897 -25.02 -25.35 -11.31
N ILE A 898 -25.84 -24.36 -11.70
CA ILE A 898 -26.97 -23.97 -10.86
C ILE A 898 -28.02 -25.08 -10.85
N THR A 899 -28.30 -25.66 -12.03
CA THR A 899 -29.28 -26.74 -12.10
C THR A 899 -28.85 -27.93 -11.25
N THR A 900 -27.56 -28.25 -11.25
CA THR A 900 -27.06 -29.28 -10.35
C THR A 900 -27.39 -28.96 -8.90
N LEU A 901 -27.10 -27.74 -8.48
CA LEU A 901 -27.42 -27.33 -7.11
C LEU A 901 -28.92 -27.28 -6.87
N ASN A 902 -29.70 -26.92 -7.89
CA ASN A 902 -31.16 -26.96 -7.76
C ASN A 902 -31.63 -28.37 -7.47
N VAL A 903 -31.19 -29.34 -8.28
CA VAL A 903 -31.52 -30.74 -8.02
C VAL A 903 -30.95 -31.17 -6.67
N PHE A 904 -29.76 -30.69 -6.33
CA PHE A 904 -29.14 -31.05 -5.06
C PHE A 904 -29.95 -30.54 -3.89
N GLN A 905 -30.36 -29.27 -3.94
CA GLN A 905 -31.13 -28.67 -2.86
C GLN A 905 -32.47 -29.38 -2.69
N ALA A 906 -33.18 -29.64 -3.79
CA ALA A 906 -34.50 -30.26 -3.70
C ALA A 906 -34.42 -31.64 -3.06
N TYR A 907 -33.49 -32.48 -3.53
CA TYR A 907 -33.40 -33.83 -2.98
C TYR A 907 -32.89 -33.83 -1.54
N THR A 908 -32.09 -32.84 -1.15
CA THR A 908 -31.66 -32.75 0.24
C THR A 908 -32.81 -32.31 1.14
N LEU A 909 -33.62 -31.35 0.68
CA LEU A 909 -34.82 -30.99 1.42
C LEU A 909 -35.74 -32.19 1.61
N LYS A 910 -35.83 -33.04 0.58
CA LYS A 910 -36.64 -34.26 0.71
C LYS A 910 -36.08 -35.19 1.76
N ARG A 911 -34.74 -35.29 1.83
CA ARG A 911 -34.13 -36.14 2.84
C ARG A 911 -34.28 -35.57 4.25
N ILE A 912 -34.43 -34.25 4.35
CA ILE A 912 -34.56 -33.62 5.66
C ILE A 912 -36.00 -33.73 6.16
N ARG A 913 -36.98 -33.52 5.27
CA ARG A 913 -38.37 -33.57 5.68
C ARG A 913 -38.89 -35.00 5.80
N ASP A 914 -38.46 -35.87 4.89
CA ASP A 914 -38.81 -37.29 4.94
C ASP A 914 -37.60 -38.08 5.42
N PRO A 915 -37.50 -38.37 6.73
CA PRO A 915 -36.32 -39.10 7.22
C PRO A 915 -36.26 -40.54 6.78
N ASN A 916 -37.32 -41.06 6.14
CA ASN A 916 -37.38 -42.44 5.71
C ASN A 916 -37.54 -42.54 4.20
N PHE A 917 -36.85 -41.66 3.47
CA PHE A 917 -36.80 -41.71 2.02
C PHE A 917 -35.59 -42.56 1.63
N LYS A 918 -35.85 -43.72 1.03
CA LYS A 918 -34.79 -44.68 0.79
C LYS A 918 -33.86 -44.23 -0.33
N VAL A 919 -32.55 -44.42 -0.11
CA VAL A 919 -31.53 -44.14 -1.11
C VAL A 919 -30.55 -45.31 -1.13
N THR A 920 -29.78 -45.40 -2.22
CA THR A 920 -28.78 -46.45 -2.35
C THR A 920 -27.41 -45.87 -2.02
N PRO A 921 -26.71 -46.39 -1.01
CA PRO A 921 -25.40 -45.83 -0.66
C PRO A 921 -24.37 -46.06 -1.76
N GLN A 922 -23.59 -45.03 -2.03
CA GLN A 922 -22.52 -45.05 -3.01
C GLN A 922 -21.17 -45.20 -2.32
N PRO A 923 -20.18 -45.74 -3.03
CA PRO A 923 -18.84 -45.81 -2.46
C PRO A 923 -18.30 -44.42 -2.24
N PRO A 924 -17.44 -44.23 -1.24
CA PRO A 924 -16.88 -42.91 -0.97
C PRO A 924 -16.08 -42.41 -2.16
N LEU A 925 -16.11 -41.10 -2.37
CA LEU A 925 -15.43 -40.47 -3.49
C LEU A 925 -14.15 -39.74 -3.10
N SER A 926 -14.13 -39.08 -1.95
CA SER A 926 -12.94 -38.39 -1.50
C SER A 926 -11.99 -39.37 -0.83
N LYS A 927 -10.72 -39.36 -1.26
CA LYS A 927 -9.71 -40.22 -0.66
C LYS A 927 -9.44 -39.85 0.80
N GLU A 928 -9.76 -38.62 1.22
CA GLU A 928 -9.49 -38.20 2.58
C GLU A 928 -10.43 -38.87 3.57
N PHE A 929 -11.72 -38.89 3.26
CA PHE A 929 -12.73 -39.45 4.14
C PHE A 929 -13.27 -40.78 3.60
N ALA A 930 -12.42 -41.55 2.93
CA ALA A 930 -12.85 -42.79 2.29
C ALA A 930 -12.90 -43.98 3.23
N ASP A 931 -11.99 -44.05 4.20
CA ASP A 931 -11.94 -45.15 5.13
C ASP A 931 -12.77 -44.78 6.35
N GLU A 932 -13.71 -45.64 6.72
CA GLU A 932 -14.55 -45.15 7.84
C GLU A 932 -13.81 -45.10 9.20
N ASN A 933 -12.53 -45.41 9.37
CA ASN A 933 -11.89 -45.17 10.65
C ASN A 933 -12.06 -43.69 11.03
N LYS A 934 -12.84 -43.44 12.08
CA LYS A 934 -13.08 -42.13 12.67
C LYS A 934 -13.91 -41.22 11.77
N PRO A 935 -14.75 -40.36 12.34
CA PRO A 935 -15.63 -39.50 11.51
C PRO A 935 -14.85 -38.40 10.80
N ALA A 936 -15.52 -37.82 9.81
CA ALA A 936 -14.91 -36.79 8.98
C ALA A 936 -14.87 -35.46 9.73
N GLY A 937 -13.74 -34.75 9.59
CA GLY A 937 -13.66 -33.42 10.15
C GLY A 937 -14.64 -32.46 9.50
N LEU A 938 -14.83 -32.60 8.18
CA LEU A 938 -15.77 -31.74 7.46
C LEU A 938 -17.18 -31.90 7.99
N VAL A 939 -17.61 -33.13 8.26
CA VAL A 939 -18.95 -33.37 8.78
C VAL A 939 -19.06 -32.84 10.20
N LYS A 940 -18.04 -33.07 11.02
CA LYS A 940 -18.07 -32.68 12.43
C LYS A 940 -17.83 -31.19 12.64
N LEU A 941 -17.67 -30.41 11.57
CA LEU A 941 -17.64 -28.96 11.71
C LEU A 941 -18.97 -28.40 12.20
N ASN A 942 -20.06 -29.15 12.06
CA ASN A 942 -21.35 -28.78 12.62
C ASN A 942 -21.67 -29.83 13.68
N PRO A 943 -21.28 -29.61 14.94
CA PRO A 943 -21.64 -30.53 16.01
C PRO A 943 -23.06 -30.24 16.49
N ALA A 944 -23.82 -31.32 16.70
CA ALA A 944 -25.21 -31.22 17.13
C ALA A 944 -26.05 -30.39 16.16
N SER A 945 -26.38 -30.98 15.01
CA SER A 945 -27.27 -30.36 14.05
C SER A 945 -28.67 -30.93 14.18
N GLU A 946 -29.67 -30.12 13.84
CA GLU A 946 -31.05 -30.56 13.94
C GLU A 946 -31.38 -31.64 12.91
N TYR A 947 -30.56 -31.80 11.89
CA TYR A 947 -30.76 -32.75 10.81
C TYR A 947 -29.70 -33.85 10.86
N PRO A 948 -29.92 -34.96 10.16
CA PRO A 948 -28.90 -36.03 10.09
C PRO A 948 -27.58 -35.51 9.56
N PRO A 949 -26.49 -36.27 9.73
CA PRO A 949 -25.15 -35.73 9.42
C PRO A 949 -25.00 -35.33 7.96
N GLY A 950 -24.41 -34.15 7.76
CA GLY A 950 -24.10 -33.65 6.43
C GLY A 950 -25.23 -32.94 5.73
N LEU A 951 -26.49 -33.21 6.09
CA LEU A 951 -27.61 -32.66 5.34
C LEU A 951 -27.71 -31.15 5.50
N GLU A 952 -27.60 -30.65 6.75
CA GLU A 952 -27.73 -29.22 6.97
C GLU A 952 -26.62 -28.46 6.26
N ASP A 953 -25.37 -28.92 6.39
CA ASP A 953 -24.26 -28.28 5.70
C ASP A 953 -24.44 -28.35 4.19
N THR A 954 -24.84 -29.51 3.67
CA THR A 954 -25.11 -29.64 2.24
C THR A 954 -26.18 -28.63 1.81
N LEU A 955 -27.25 -28.50 2.59
CA LEU A 955 -28.32 -27.58 2.25
C LEU A 955 -27.83 -26.14 2.22
N ILE A 956 -27.05 -25.74 3.23
CA ILE A 956 -26.57 -24.36 3.31
C ILE A 956 -25.66 -24.05 2.13
N LEU A 957 -24.84 -25.02 1.71
CA LEU A 957 -23.93 -24.78 0.61
C LEU A 957 -24.68 -24.61 -0.72
N THR A 958 -25.76 -25.37 -0.91
CA THR A 958 -26.57 -25.19 -2.11
C THR A 958 -27.20 -23.80 -2.13
N MET A 959 -27.64 -23.32 -0.98
CA MET A 959 -28.23 -21.99 -0.92
C MET A 959 -27.19 -20.91 -1.24
N LYS A 960 -25.97 -21.06 -0.74
CA LYS A 960 -24.92 -20.10 -1.06
C LYS A 960 -24.47 -20.22 -2.52
N GLY A 961 -24.47 -21.43 -3.06
CA GLY A 961 -24.06 -21.66 -4.44
C GLY A 961 -25.07 -21.19 -5.46
N ILE A 962 -26.35 -21.43 -5.18
CA ILE A 962 -27.40 -20.92 -6.05
C ILE A 962 -27.41 -19.39 -6.03
N ALA A 963 -27.22 -18.80 -4.86
CA ALA A 963 -27.12 -17.34 -4.77
C ALA A 963 -25.91 -16.83 -5.54
N ALA A 964 -24.80 -17.58 -5.50
CA ALA A 964 -23.62 -17.20 -6.26
C ALA A 964 -23.89 -17.25 -7.76
N GLY A 965 -24.46 -18.36 -8.22
CA GLY A 965 -24.77 -18.48 -9.64
C GLY A 965 -25.83 -17.48 -10.11
N MET A 966 -26.89 -17.32 -9.32
CA MET A 966 -27.91 -16.32 -9.63
C MET A 966 -27.40 -14.90 -9.48
N GLN A 967 -26.22 -14.72 -8.86
CA GLN A 967 -25.65 -13.40 -8.61
C GLN A 967 -26.56 -12.54 -7.73
N ASN A 968 -27.38 -13.19 -6.90
CA ASN A 968 -28.33 -12.49 -6.06
C ASN A 968 -28.81 -13.42 -4.96
N THR A 969 -28.98 -12.86 -3.75
CA THR A 969 -29.49 -13.61 -2.61
C THR A 969 -30.95 -13.30 -2.33
N GLY A 970 -31.32 -12.02 -2.30
CA GLY A 970 -32.70 -11.64 -2.06
C GLY A 970 -32.98 -10.16 -2.20
N ILE B 35 17.50 10.92 -25.54
CA ILE B 35 16.88 12.17 -25.97
C ILE B 35 15.38 11.93 -26.18
N GLU B 36 14.84 10.97 -25.41
CA GLU B 36 13.42 10.67 -25.45
C GLU B 36 12.75 11.09 -24.14
N TYR B 37 12.90 10.27 -23.09
CA TYR B 37 12.52 10.70 -21.76
C TYR B 37 13.24 11.98 -21.37
N ASP B 38 14.52 12.08 -21.75
CA ASP B 38 15.34 13.22 -21.36
C ASP B 38 14.76 14.52 -21.87
N ALA B 39 14.53 14.61 -23.19
CA ALA B 39 13.92 15.80 -23.75
C ALA B 39 12.53 16.04 -23.17
N LEU B 40 11.81 14.96 -22.88
CA LEU B 40 10.51 15.09 -22.25
C LEU B 40 10.62 15.78 -20.91
N LEU B 41 11.42 15.21 -20.00
CA LEU B 41 11.47 15.67 -18.62
C LEU B 41 11.90 17.12 -18.53
N VAL B 42 12.84 17.55 -19.37
CA VAL B 42 13.31 18.93 -19.28
C VAL B 42 12.33 19.87 -19.98
N ASP B 43 11.73 19.45 -21.09
CA ASP B 43 10.78 20.32 -21.79
C ASP B 43 9.68 20.78 -20.85
N ARG B 44 9.25 19.91 -19.93
CA ARG B 44 8.31 20.36 -18.91
C ARG B 44 8.98 21.27 -17.90
N PHE B 45 10.19 20.92 -17.44
CA PHE B 45 10.87 21.76 -16.47
C PHE B 45 11.13 23.15 -17.05
N LEU B 46 11.64 23.21 -18.27
CA LEU B 46 11.87 24.50 -18.92
C LEU B 46 10.58 25.30 -18.99
N ASN B 47 9.46 24.64 -19.26
CA ASN B 47 8.18 25.32 -19.30
C ASN B 47 7.78 25.80 -17.91
N ILE B 48 7.98 24.98 -16.88
CA ILE B 48 7.64 25.40 -15.52
C ILE B 48 8.54 26.55 -15.09
N LEU B 49 9.81 26.52 -15.50
CA LEU B 49 10.73 27.60 -15.15
C LEU B 49 10.29 28.93 -15.75
N GLN B 50 9.92 28.92 -17.03
CA GLN B 50 9.50 30.16 -17.67
C GLN B 50 8.20 30.69 -17.09
N ASP B 51 7.26 29.79 -16.79
CA ASP B 51 5.95 30.21 -16.30
C ASP B 51 6.06 30.89 -14.94
N LEU B 52 7.09 30.58 -14.16
CA LEU B 52 7.25 31.16 -12.83
C LEU B 52 8.27 32.30 -12.78
N HIS B 53 9.31 32.26 -13.61
CA HIS B 53 10.38 33.25 -13.52
C HIS B 53 10.57 34.08 -14.78
N GLY B 54 9.78 33.85 -15.84
CA GLY B 54 9.89 34.64 -17.03
C GLY B 54 10.69 33.95 -18.12
N PRO B 55 10.53 34.43 -19.37
CA PRO B 55 11.18 33.76 -20.50
C PRO B 55 12.67 34.06 -20.64
N SER B 56 13.11 35.23 -20.14
CA SER B 56 14.51 35.59 -20.28
C SER B 56 15.40 34.64 -19.48
N LEU B 57 14.99 34.30 -18.26
CA LEU B 57 15.77 33.34 -17.47
C LEU B 57 15.76 31.96 -18.10
N ARG B 58 14.69 31.60 -18.82
CA ARG B 58 14.63 30.30 -19.46
C ARG B 58 15.75 30.14 -20.49
N GLU B 59 15.79 31.03 -21.47
CA GLU B 59 16.77 30.89 -22.54
C GLU B 59 18.17 31.35 -22.13
N PHE B 60 18.33 32.02 -20.99
CA PHE B 60 19.67 32.21 -20.44
C PHE B 60 20.31 30.87 -20.11
N VAL B 61 19.55 29.99 -19.46
CA VAL B 61 20.09 28.68 -19.10
C VAL B 61 20.23 27.81 -20.34
N GLN B 62 19.43 28.07 -21.38
CA GLN B 62 19.62 27.36 -22.64
C GLN B 62 20.81 27.92 -23.42
N GLU B 63 21.04 29.23 -23.31
CA GLU B 63 22.27 29.81 -23.85
C GLU B 63 23.49 29.27 -23.14
N CYS B 64 23.36 28.95 -21.84
CA CYS B 64 24.45 28.30 -21.14
C CYS B 64 24.73 26.92 -21.70
N TYR B 65 23.67 26.17 -22.01
CA TYR B 65 23.86 24.89 -22.69
C TYR B 65 24.50 25.10 -24.06
N GLU B 66 24.11 26.18 -24.75
CA GLU B 66 24.66 26.49 -26.07
C GLU B 66 26.19 26.47 -26.07
N VAL B 67 26.79 27.34 -25.25
CA VAL B 67 28.23 27.56 -25.34
C VAL B 67 29.00 26.36 -24.80
N SER B 68 28.48 25.69 -23.77
CA SER B 68 29.18 24.56 -23.18
C SER B 68 29.11 23.34 -24.08
N ALA B 69 27.96 23.13 -24.74
CA ALA B 69 27.84 22.06 -25.71
C ALA B 69 28.85 22.21 -26.85
N ASP B 70 29.15 23.46 -27.24
CA ASP B 70 30.15 23.71 -28.26
C ASP B 70 31.57 23.63 -27.71
N TYR B 71 31.76 23.80 -26.40
CA TYR B 71 33.04 23.45 -25.82
C TYR B 71 33.27 21.95 -25.88
N GLU B 72 32.25 21.16 -25.51
CA GLU B 72 32.34 19.72 -25.60
C GLU B 72 32.46 19.25 -27.05
N GLY B 73 31.89 20.00 -27.98
CA GLY B 73 31.98 19.67 -29.39
C GLY B 73 33.03 20.45 -30.12
N LYS B 74 34.19 20.64 -29.49
CA LYS B 74 35.32 21.36 -30.08
C LYS B 74 36.53 21.30 -29.16
N GLY B 75 36.35 21.70 -27.91
CA GLY B 75 37.46 21.92 -27.01
C GLY B 75 37.88 23.36 -26.87
N ASP B 76 37.04 24.31 -27.27
CA ASP B 76 37.38 25.73 -27.29
C ASP B 76 37.42 26.26 -25.87
N THR B 77 38.63 26.41 -25.32
CA THR B 77 38.80 27.05 -24.02
C THR B 77 38.32 28.50 -24.03
N THR B 78 38.14 29.08 -25.22
CA THR B 78 37.58 30.43 -25.33
C THR B 78 36.18 30.49 -24.73
N LYS B 79 35.39 29.44 -24.93
CA LYS B 79 33.97 29.51 -24.60
C LYS B 79 33.73 29.47 -23.09
N LEU B 80 34.60 28.80 -22.34
CA LEU B 80 34.43 28.76 -20.89
C LEU B 80 34.59 30.14 -20.29
N GLY B 81 35.59 30.90 -20.74
CA GLY B 81 35.69 32.29 -20.33
C GLY B 81 34.51 33.11 -20.78
N GLU B 82 33.99 32.81 -21.98
CA GLU B 82 32.77 33.46 -22.45
C GLU B 82 31.59 33.12 -21.56
N LEU B 83 31.43 31.83 -21.23
CA LEU B 83 30.35 31.42 -20.33
C LEU B 83 30.52 32.07 -18.96
N GLY B 84 31.74 32.06 -18.41
CA GLY B 84 32.00 32.69 -17.15
C GLY B 84 31.71 34.17 -17.11
N ALA B 85 31.74 34.84 -18.27
CA ALA B 85 31.56 36.29 -18.31
C ALA B 85 30.16 36.70 -17.87
N LYS B 86 29.13 35.92 -18.23
CA LYS B 86 27.76 36.27 -17.85
C LYS B 86 27.27 35.52 -16.62
N LEU B 87 27.92 34.43 -16.22
CA LEU B 87 27.60 33.84 -14.92
C LEU B 87 28.04 34.76 -13.78
N THR B 88 29.07 35.57 -14.02
CA THR B 88 29.63 36.39 -12.95
C THR B 88 28.67 37.49 -12.52
N GLY B 89 28.17 38.27 -13.48
CA GLY B 89 27.42 39.46 -13.17
C GLY B 89 26.00 39.26 -12.71
N LEU B 90 25.52 38.02 -12.62
CA LEU B 90 24.13 37.76 -12.27
C LEU B 90 23.81 38.31 -10.88
N ALA B 91 22.54 38.69 -10.70
CA ALA B 91 22.06 39.10 -9.39
C ALA B 91 22.18 37.93 -8.41
N PRO B 92 22.26 38.21 -7.11
CA PRO B 92 22.39 37.10 -6.14
C PRO B 92 21.23 36.12 -6.20
N ALA B 93 20.00 36.61 -6.38
CA ALA B 93 18.86 35.71 -6.47
C ALA B 93 18.83 34.96 -7.79
N ASP B 94 19.29 35.59 -8.87
CA ASP B 94 19.33 34.91 -10.16
C ASP B 94 20.43 33.85 -10.19
N ALA B 95 21.58 34.13 -9.58
CA ALA B 95 22.66 33.16 -9.53
C ALA B 95 22.23 31.89 -8.80
N ILE B 96 21.38 32.02 -7.79
CA ILE B 96 20.85 30.84 -7.11
C ILE B 96 19.91 30.07 -8.03
N LEU B 97 19.04 30.80 -8.74
CA LEU B 97 18.07 30.13 -9.61
C LEU B 97 18.74 29.41 -10.77
N VAL B 98 19.77 30.02 -11.36
CA VAL B 98 20.47 29.39 -12.48
C VAL B 98 21.17 28.12 -12.02
N ALA B 99 21.92 28.20 -10.91
CA ALA B 99 22.61 27.03 -10.40
C ALA B 99 21.63 25.94 -10.00
N SER B 100 20.48 26.31 -9.44
CA SER B 100 19.47 25.32 -9.08
C SER B 100 18.83 24.72 -10.33
N SER B 101 18.58 25.55 -11.35
CA SER B 101 17.94 25.07 -12.57
C SER B 101 18.79 24.00 -13.25
N ILE B 102 20.10 24.25 -13.36
CA ILE B 102 21.01 23.24 -13.91
C ILE B 102 21.02 22.00 -13.03
N LEU B 103 20.93 22.18 -11.72
CA LEU B 103 20.95 21.05 -10.81
C LEU B 103 19.72 20.17 -11.00
N HIS B 104 18.55 20.78 -11.19
CA HIS B 104 17.33 19.99 -11.34
C HIS B 104 17.26 19.30 -12.70
N MET B 105 17.85 19.90 -13.73
CA MET B 105 17.84 19.27 -15.05
C MET B 105 18.82 18.11 -15.12
N LEU B 106 20.00 18.26 -14.51
CA LEU B 106 20.92 17.14 -14.40
C LEU B 106 20.30 16.01 -13.58
N ASN B 107 19.54 16.35 -12.55
CA ASN B 107 18.81 15.35 -11.78
C ASN B 107 17.75 14.68 -12.65
N LEU B 108 17.00 15.48 -13.42
CA LEU B 108 16.00 14.92 -14.32
C LEU B 108 16.64 14.05 -15.40
N ALA B 109 17.82 14.45 -15.88
CA ALA B 109 18.52 13.63 -16.87
C ALA B 109 18.93 12.28 -16.28
N ASN B 110 19.25 12.24 -14.99
CA ASN B 110 19.55 10.97 -14.34
C ASN B 110 18.29 10.12 -14.17
N LEU B 111 17.17 10.74 -13.79
CA LEU B 111 15.93 10.01 -13.66
C LEU B 111 15.50 9.41 -15.00
N ALA B 112 15.64 10.17 -16.08
CA ALA B 112 15.32 9.65 -17.41
C ALA B 112 16.25 8.50 -17.78
N GLU B 113 17.52 8.58 -17.38
CA GLU B 113 18.45 7.48 -17.62
C GLU B 113 18.05 6.24 -16.81
N GLU B 114 17.60 6.45 -15.57
CA GLU B 114 17.20 5.32 -14.74
C GLU B 114 15.98 4.61 -15.31
N VAL B 115 14.99 5.36 -15.81
CA VAL B 115 13.81 4.74 -16.39
C VAL B 115 14.16 4.02 -17.68
N GLN B 116 14.99 4.65 -18.52
CA GLN B 116 15.42 4.01 -19.76
C GLN B 116 16.11 2.69 -19.48
N ILE B 117 17.02 2.66 -18.50
CA ILE B 117 17.72 1.43 -18.17
C ILE B 117 16.73 0.34 -17.74
N ALA B 118 15.82 0.70 -16.83
CA ALA B 118 14.85 -0.28 -16.35
C ALA B 118 13.98 -0.82 -17.49
N HIS B 119 13.59 0.06 -18.42
CA HIS B 119 12.82 -0.39 -19.57
C HIS B 119 13.65 -1.26 -20.50
N ARG B 120 14.95 -0.98 -20.63
CA ARG B 120 15.81 -1.80 -21.47
C ARG B 120 16.05 -3.17 -20.84
N ARG B 121 16.28 -3.21 -19.53
CA ARG B 121 16.42 -4.49 -18.85
C ARG B 121 15.15 -5.31 -18.97
N ARG B 122 13.98 -4.66 -18.89
CA ARG B 122 12.72 -5.37 -19.05
C ARG B 122 12.61 -5.99 -20.44
N ASN B 123 13.08 -5.28 -21.46
CA ASN B 123 13.01 -5.81 -22.83
C ASN B 123 14.03 -6.92 -23.04
N SER B 124 15.18 -6.86 -22.37
CA SER B 124 16.21 -7.87 -22.54
C SER B 124 15.79 -9.24 -22.00
N LYS B 125 14.72 -9.31 -21.21
CA LYS B 125 14.16 -10.58 -20.78
C LYS B 125 12.91 -10.97 -21.56
N LEU B 126 12.70 -10.36 -22.72
CA LEU B 126 11.50 -10.64 -23.52
C LEU B 126 11.84 -10.73 -25.00
N GLU B 140 25.66 -9.19 -16.53
CA GLU B 140 24.41 -9.16 -15.79
C GLU B 140 23.65 -10.47 -15.94
N SER B 141 23.73 -11.32 -14.92
CA SER B 141 23.21 -12.68 -14.98
C SER B 141 22.01 -12.84 -14.07
N ASP B 142 20.96 -13.46 -14.59
CA ASP B 142 19.83 -13.90 -13.78
C ASP B 142 20.28 -14.92 -12.74
N ILE B 143 19.52 -15.03 -11.64
CA ILE B 143 19.81 -16.07 -10.66
C ILE B 143 19.43 -17.44 -11.23
N GLU B 144 18.43 -17.47 -12.12
CA GLU B 144 18.05 -18.73 -12.75
C GLU B 144 19.09 -19.17 -13.78
N GLU B 145 19.56 -18.23 -14.61
CA GLU B 145 20.60 -18.55 -15.58
C GLU B 145 21.87 -19.02 -14.87
N THR B 146 22.23 -18.37 -13.76
CA THR B 146 23.42 -18.77 -13.01
C THR B 146 23.28 -20.18 -12.47
N LEU B 147 22.09 -20.55 -11.99
CA LEU B 147 21.88 -21.92 -11.53
C LEU B 147 21.94 -22.91 -12.68
N LYS B 148 21.36 -22.57 -13.82
CA LYS B 148 21.43 -23.44 -14.99
C LYS B 148 22.87 -23.60 -15.47
N ARG B 149 23.60 -22.49 -15.57
CA ARG B 149 24.99 -22.55 -16.02
C ARG B 149 25.84 -23.38 -15.08
N LEU B 150 25.62 -23.26 -13.78
CA LEU B 150 26.41 -24.02 -12.81
C LEU B 150 26.12 -25.51 -12.90
N VAL B 151 24.92 -25.89 -13.31
CA VAL B 151 24.54 -27.31 -13.39
C VAL B 151 24.96 -27.92 -14.73
N SER B 152 24.63 -27.26 -15.83
CA SER B 152 24.85 -27.80 -17.17
C SER B 152 26.28 -27.56 -17.66
N GLU B 153 26.72 -26.31 -17.67
CA GLU B 153 28.04 -25.98 -18.19
C GLU B 153 29.14 -26.44 -17.23
N VAL B 154 29.17 -25.85 -16.03
CA VAL B 154 30.24 -26.16 -15.08
C VAL B 154 30.14 -27.60 -14.61
N GLY B 155 28.94 -28.16 -14.54
CA GLY B 155 28.77 -29.58 -14.26
C GLY B 155 28.56 -29.95 -12.82
N LYS B 156 28.16 -29.00 -11.98
CA LYS B 156 27.79 -29.34 -10.60
C LYS B 156 26.39 -29.92 -10.57
N SER B 157 26.16 -30.85 -9.64
CA SER B 157 24.84 -31.41 -9.48
C SER B 157 23.88 -30.36 -8.94
N PRO B 158 22.59 -30.48 -9.24
CA PRO B 158 21.61 -29.53 -8.65
C PRO B 158 21.61 -29.56 -7.14
N GLU B 159 21.93 -30.70 -6.53
CA GLU B 159 22.01 -30.77 -5.07
C GLU B 159 23.27 -30.07 -4.55
N GLU B 160 24.35 -30.09 -5.32
CA GLU B 160 25.52 -29.31 -4.95
C GLU B 160 25.23 -27.81 -4.99
N VAL B 161 24.52 -27.36 -6.03
CA VAL B 161 24.09 -25.97 -6.09
C VAL B 161 23.14 -25.67 -4.94
N PHE B 162 22.19 -26.59 -4.67
CA PHE B 162 21.26 -26.42 -3.57
C PHE B 162 22.00 -26.32 -2.24
N GLU B 163 22.94 -27.25 -1.99
CA GLU B 163 23.70 -27.24 -0.74
C GLU B 163 24.56 -25.98 -0.60
N ALA B 164 25.04 -25.44 -1.72
CA ALA B 164 25.80 -24.20 -1.68
C ALA B 164 24.90 -23.03 -1.26
N LEU B 165 23.73 -22.93 -1.90
CA LEU B 165 22.81 -21.84 -1.56
C LEU B 165 22.40 -21.88 -0.09
N LYS B 166 22.21 -23.09 0.45
CA LYS B 166 21.81 -23.21 1.84
C LYS B 166 22.89 -22.73 2.81
N ASN B 167 24.15 -22.67 2.36
CA ASN B 167 25.26 -22.24 3.21
C ASN B 167 25.76 -20.85 2.86
N GLN B 168 25.10 -20.15 1.94
CA GLN B 168 25.54 -18.82 1.53
C GLN B 168 24.87 -17.74 2.38
N THR B 169 25.62 -16.69 2.67
CA THR B 169 25.06 -15.51 3.33
C THR B 169 25.82 -14.28 2.87
N VAL B 170 25.12 -13.33 2.28
CA VAL B 170 25.68 -12.05 1.86
C VAL B 170 25.07 -10.97 2.74
N ASP B 171 25.88 -10.39 3.63
CA ASP B 171 25.43 -9.37 4.56
C ASP B 171 25.72 -7.99 3.98
N LEU B 172 24.67 -7.22 3.72
CA LEU B 172 24.79 -5.89 3.13
C LEU B 172 24.66 -4.85 4.23
N VAL B 173 25.74 -4.12 4.47
CA VAL B 173 25.87 -3.22 5.62
C VAL B 173 25.54 -1.81 5.16
N PHE B 174 24.41 -1.28 5.64
CA PHE B 174 24.05 0.10 5.37
C PHE B 174 24.87 1.02 6.28
N THR B 175 25.50 2.04 5.70
CA THR B 175 26.23 3.03 6.48
C THR B 175 25.81 4.43 6.08
N ALA B 176 25.92 5.36 7.04
CA ALA B 176 25.64 6.77 6.81
C ALA B 176 26.87 7.55 6.37
N HIS B 177 27.75 6.92 5.59
CA HIS B 177 28.90 7.63 5.05
C HIS B 177 28.43 8.89 4.32
N PRO B 178 29.07 10.02 4.54
CA PRO B 178 28.50 11.29 4.05
C PRO B 178 28.60 11.46 2.54
N THR B 179 27.92 10.62 1.77
CA THR B 179 27.97 10.68 0.32
C THR B 179 26.66 11.12 -0.32
N GLN B 180 25.55 11.11 0.41
CA GLN B 180 24.24 11.44 -0.18
C GLN B 180 24.09 12.96 -0.25
N SER B 181 24.27 13.52 -1.43
CA SER B 181 24.20 14.96 -1.63
C SER B 181 22.77 15.49 -1.64
N ALA B 182 21.78 14.63 -1.86
CA ALA B 182 20.40 15.08 -2.03
C ALA B 182 19.63 14.99 -0.71
N ARG B 183 18.74 15.95 -0.51
CA ARG B 183 17.85 15.92 0.64
C ARG B 183 16.84 14.78 0.49
N ARG B 184 16.37 14.28 1.65
CA ARG B 184 15.36 13.22 1.63
C ARG B 184 14.06 13.70 1.00
N SER B 185 13.71 14.97 1.18
CA SER B 185 12.53 15.52 0.53
C SER B 185 12.67 15.45 -0.99
N LEU B 186 13.88 15.63 -1.50
CA LEU B 186 14.11 15.59 -2.93
C LEU B 186 14.13 14.16 -3.44
N LEU B 187 14.69 13.24 -2.65
CA LEU B 187 14.69 11.83 -3.03
C LEU B 187 13.27 11.27 -3.09
N GLN B 188 12.40 11.73 -2.19
CA GLN B 188 11.01 11.29 -2.22
C GLN B 188 10.34 11.67 -3.53
N LYS B 189 10.56 12.91 -3.99
CA LYS B 189 9.94 13.36 -5.23
C LYS B 189 10.58 12.71 -6.45
N ASN B 190 11.85 12.32 -6.35
CA ASN B 190 12.50 11.62 -7.46
C ASN B 190 11.87 10.26 -7.70
N ALA B 191 11.44 9.59 -6.62
CA ALA B 191 10.73 8.31 -6.77
C ALA B 191 9.39 8.51 -7.45
N ARG B 192 8.69 9.60 -7.12
CA ARG B 192 7.38 9.86 -7.72
C ARG B 192 7.52 10.23 -9.19
N ILE B 193 8.53 11.04 -9.53
CA ILE B 193 8.74 11.42 -10.92
C ILE B 193 9.04 10.19 -11.78
N ARG B 194 9.87 9.28 -11.26
CA ARG B 194 10.11 8.03 -11.96
C ARG B 194 8.84 7.20 -12.07
N ASN B 195 7.96 7.27 -11.08
CA ASN B 195 6.72 6.50 -11.11
C ASN B 195 5.78 7.05 -12.18
N CYS B 196 5.58 8.37 -12.20
CA CYS B 196 4.72 8.96 -13.22
C CYS B 196 5.26 8.70 -14.62
N LEU B 197 6.58 8.93 -14.80
CA LEU B 197 7.19 8.73 -16.11
C LEU B 197 7.05 7.29 -16.59
N THR B 198 7.06 6.33 -15.66
CA THR B 198 6.90 4.94 -16.05
C THR B 198 5.47 4.64 -16.47
N GLN B 199 4.49 5.09 -15.68
CA GLN B 199 3.10 4.86 -16.01
C GLN B 199 2.68 5.60 -17.27
N LEU B 200 3.34 6.73 -17.56
CA LEU B 200 3.00 7.51 -18.76
C LEU B 200 3.37 6.79 -20.05
N ASN B 201 4.09 5.68 -19.99
CA ASN B 201 4.52 4.98 -21.19
C ASN B 201 3.91 3.59 -21.31
N ALA B 202 2.92 3.27 -20.48
CA ALA B 202 2.27 1.98 -20.54
C ALA B 202 1.55 1.79 -21.88
N LYS B 203 1.28 0.53 -22.21
CA LYS B 203 0.76 0.13 -23.51
C LYS B 203 -0.75 0.26 -23.62
N ASP B 204 -1.45 0.62 -22.54
CA ASP B 204 -2.90 0.49 -22.56
C ASP B 204 -3.62 1.59 -21.78
N ILE B 205 -2.99 2.73 -21.55
CA ILE B 205 -3.61 3.80 -20.78
C ILE B 205 -4.37 4.73 -21.71
N THR B 206 -5.47 5.28 -21.20
CA THR B 206 -6.33 6.14 -21.99
C THR B 206 -5.68 7.51 -22.18
N ASP B 207 -6.37 8.37 -22.94
CA ASP B 207 -5.91 9.75 -23.10
C ASP B 207 -6.18 10.59 -21.86
N ASP B 208 -7.24 10.25 -21.10
CA ASP B 208 -7.48 10.94 -19.84
C ASP B 208 -6.47 10.51 -18.78
N ASP B 209 -6.17 9.21 -18.72
CA ASP B 209 -5.14 8.73 -17.80
C ASP B 209 -3.78 9.32 -18.13
N LYS B 210 -3.50 9.49 -19.43
CA LYS B 210 -2.21 10.05 -19.83
C LYS B 210 -2.08 11.50 -19.43
N GLN B 211 -3.10 12.32 -19.70
CA GLN B 211 -3.01 13.74 -19.41
C GLN B 211 -3.09 14.02 -17.92
N GLU B 212 -3.69 13.12 -17.12
CA GLU B 212 -3.69 13.30 -15.68
C GLU B 212 -2.35 12.92 -15.07
N LEU B 213 -1.73 11.85 -15.59
CA LEU B 213 -0.38 11.51 -15.18
C LEU B 213 0.61 12.60 -15.58
N ASP B 214 0.33 13.32 -16.68
CA ASP B 214 1.20 14.43 -17.07
C ASP B 214 1.10 15.57 -16.07
N GLU B 215 -0.12 15.94 -15.67
CA GLU B 215 -0.28 17.03 -14.71
C GLU B 215 0.40 16.68 -13.39
N ALA B 216 0.36 15.40 -13.00
CA ALA B 216 1.03 14.99 -11.77
C ALA B 216 2.55 15.01 -11.93
N LEU B 217 3.03 14.69 -13.14
CA LEU B 217 4.47 14.76 -13.39
C LEU B 217 4.97 16.20 -13.30
N GLN B 218 4.20 17.15 -13.82
CA GLN B 218 4.63 18.55 -13.81
C GLN B 218 4.55 19.14 -12.40
N ARG B 219 3.45 18.88 -11.68
CA ARG B 219 3.30 19.46 -10.36
C ARG B 219 4.32 18.91 -9.38
N GLU B 220 4.94 17.77 -9.67
CA GLU B 220 6.00 17.23 -8.83
C GLU B 220 7.39 17.55 -9.35
N ILE B 221 7.53 17.88 -10.64
CA ILE B 221 8.74 18.56 -11.08
C ILE B 221 8.81 19.95 -10.48
N GLN B 222 7.66 20.62 -10.37
CA GLN B 222 7.59 21.95 -9.79
C GLN B 222 7.72 21.92 -8.27
N ALA B 223 7.23 20.87 -7.62
CA ALA B 223 7.36 20.77 -6.16
C ALA B 223 8.81 20.56 -5.74
N ALA B 224 9.61 19.89 -6.56
CA ALA B 224 11.03 19.73 -6.27
C ALA B 224 11.81 21.00 -6.58
N PHE B 225 11.36 21.77 -7.56
CA PHE B 225 12.06 23.00 -7.93
C PHE B 225 11.91 24.08 -6.87
N ARG B 226 10.73 24.18 -6.28
CA ARG B 226 10.44 25.20 -5.28
C ARG B 226 10.73 24.73 -3.86
N THR B 227 11.58 23.73 -3.71
CA THR B 227 12.08 23.29 -2.42
C THR B 227 13.51 23.78 -2.25
N ASP B 228 13.86 24.18 -1.04
CA ASP B 228 15.23 24.57 -0.73
C ASP B 228 16.12 23.34 -0.83
N GLU B 229 16.96 23.31 -1.86
CA GLU B 229 17.85 22.17 -2.12
C GLU B 229 18.93 22.03 -1.06
N ILE B 230 19.17 23.07 -0.27
CA ILE B 230 20.29 23.11 0.66
C ILE B 230 19.79 22.72 2.05
N ARG B 231 20.49 21.77 2.67
CA ARG B 231 20.17 21.36 4.04
C ARG B 231 20.77 22.41 4.98
N ARG B 232 19.91 23.28 5.50
CA ARG B 232 20.38 24.45 6.25
C ARG B 232 20.93 24.08 7.63
N ALA B 233 20.66 22.89 8.13
CA ALA B 233 21.15 22.46 9.43
C ALA B 233 21.78 21.09 9.30
N GLN B 234 22.86 20.88 10.05
CA GLN B 234 23.56 19.60 10.01
C GLN B 234 22.68 18.51 10.63
N PRO B 235 22.56 17.36 9.99
CA PRO B 235 21.70 16.31 10.55
C PRO B 235 22.32 15.66 11.78
N THR B 236 21.45 15.04 12.56
CA THR B 236 21.86 14.25 13.71
C THR B 236 22.11 12.81 13.28
N PRO B 237 22.92 12.06 14.03
CA PRO B 237 23.09 10.63 13.70
C PRO B 237 21.78 9.88 13.67
N GLN B 238 20.83 10.25 14.54
CA GLN B 238 19.51 9.63 14.55
C GLN B 238 18.68 9.96 13.32
N ASP B 239 19.09 10.96 12.53
CA ASP B 239 18.44 11.26 11.27
C ASP B 239 19.00 10.44 10.11
N GLU B 240 20.32 10.32 10.03
CA GLU B 240 20.94 9.44 9.05
C GLU B 240 20.56 7.98 9.27
N MET B 241 20.18 7.62 10.50
CA MET B 241 19.55 6.33 10.72
C MET B 241 18.16 6.28 10.08
N ARG B 242 17.39 7.36 10.20
CA ARG B 242 16.09 7.43 9.54
C ARG B 242 16.23 7.23 8.04
N TYR B 243 17.20 7.92 7.42
CA TYR B 243 17.37 7.85 5.99
C TYR B 243 17.67 6.42 5.54
N GLY B 244 18.57 5.74 6.25
CA GLY B 244 18.88 4.37 5.88
C GLY B 244 17.74 3.41 6.12
N MET B 245 17.02 3.58 7.24
CA MET B 245 15.92 2.68 7.55
C MET B 245 14.70 2.93 6.66
N SER B 246 14.62 4.08 5.99
CA SER B 246 13.52 4.33 5.08
C SER B 246 13.52 3.33 3.93
N TYR B 247 14.70 2.99 3.41
CA TYR B 247 14.80 1.99 2.36
C TYR B 247 14.46 0.60 2.88
N ILE B 248 14.80 0.30 4.13
CA ILE B 248 14.41 -0.98 4.72
C ILE B 248 12.89 -1.09 4.76
N HIS B 249 12.20 0.02 4.97
CA HIS B 249 10.74 0.00 4.94
C HIS B 249 10.22 -0.16 3.52
N GLU B 250 10.62 0.72 2.62
CA GLU B 250 9.88 0.95 1.39
C GLU B 250 10.19 -0.07 0.30
N THR B 251 11.35 -0.72 0.32
CA THR B 251 11.64 -1.73 -0.71
C THR B 251 12.24 -3.01 -0.14
N VAL B 252 13.08 -2.89 0.90
CA VAL B 252 13.84 -4.06 1.35
C VAL B 252 12.97 -5.04 2.14
N TRP B 253 12.01 -4.52 2.91
CA TRP B 253 11.15 -5.40 3.72
C TRP B 253 10.44 -6.43 2.85
N LYS B 254 9.67 -5.96 1.86
CA LYS B 254 8.96 -6.89 0.99
C LYS B 254 9.84 -7.46 -0.11
N GLY B 255 10.99 -6.84 -0.39
CA GLY B 255 11.84 -7.32 -1.46
C GLY B 255 12.58 -8.61 -1.16
N VAL B 256 12.98 -8.81 0.10
CA VAL B 256 13.70 -10.04 0.46
C VAL B 256 12.84 -11.29 0.22
N PRO B 257 11.59 -11.37 0.70
CA PRO B 257 10.81 -12.57 0.40
C PRO B 257 10.43 -12.70 -1.07
N LYS B 258 10.33 -11.58 -1.79
CA LYS B 258 10.08 -11.67 -3.23
C LYS B 258 11.26 -12.28 -3.96
N PHE B 259 12.49 -11.91 -3.58
CA PHE B 259 13.67 -12.46 -4.23
C PHE B 259 13.87 -13.93 -3.86
N LEU B 260 13.70 -14.26 -2.57
CA LEU B 260 13.76 -15.66 -2.17
C LEU B 260 12.72 -16.49 -2.89
N ARG B 261 11.60 -15.87 -3.29
CA ARG B 261 10.62 -16.56 -4.12
C ARG B 261 11.20 -16.91 -5.48
N ARG B 262 11.92 -15.98 -6.11
CA ARG B 262 12.52 -16.24 -7.41
C ARG B 262 13.65 -17.26 -7.30
N VAL B 263 14.38 -17.27 -6.18
CA VAL B 263 15.39 -18.28 -5.95
C VAL B 263 14.76 -19.66 -5.90
N ASP B 264 13.51 -19.75 -5.46
CA ASP B 264 12.84 -21.05 -5.36
C ASP B 264 12.34 -21.54 -6.70
N THR B 265 11.82 -20.64 -7.55
CA THR B 265 11.43 -21.06 -8.88
C THR B 265 12.65 -21.44 -9.71
N ALA B 266 13.77 -20.73 -9.52
CA ALA B 266 15.01 -21.14 -10.16
C ALA B 266 15.41 -22.54 -9.74
N LEU B 267 15.31 -22.85 -8.45
CA LEU B 267 15.61 -24.19 -7.97
C LEU B 267 14.70 -25.23 -8.60
N LYS B 268 13.44 -24.87 -8.86
CA LYS B 268 12.51 -25.81 -9.48
C LYS B 268 12.91 -26.09 -10.92
N ASN B 269 13.33 -25.07 -11.67
CA ASN B 269 13.70 -25.23 -13.07
C ASN B 269 15.11 -25.76 -13.27
N ILE B 270 15.72 -26.36 -12.26
CA ILE B 270 16.97 -27.08 -12.45
C ILE B 270 16.84 -28.44 -11.77
N GLY B 271 15.60 -28.80 -11.40
CA GLY B 271 15.30 -30.14 -10.93
C GLY B 271 15.13 -30.30 -9.44
N ILE B 272 15.31 -29.25 -8.65
CA ILE B 272 15.15 -29.34 -7.20
C ILE B 272 13.66 -29.19 -6.87
N ASN B 273 13.03 -30.27 -6.44
CA ASN B 273 11.61 -30.25 -6.10
C ASN B 273 11.44 -29.98 -4.60
N GLU B 274 12.00 -28.85 -4.18
CA GLU B 274 12.00 -28.45 -2.77
C GLU B 274 12.25 -26.95 -2.70
N ARG B 275 11.59 -26.30 -1.76
CA ARG B 275 11.80 -24.88 -1.53
C ARG B 275 13.08 -24.67 -0.72
N LEU B 276 13.70 -23.51 -0.91
CA LEU B 276 14.84 -23.15 -0.08
C LEU B 276 14.36 -22.98 1.36
N PRO B 277 14.99 -23.66 2.33
CA PRO B 277 14.51 -23.57 3.71
C PRO B 277 14.39 -22.13 4.18
N TYR B 278 13.31 -21.84 4.92
CA TYR B 278 13.06 -20.46 5.34
C TYR B 278 14.05 -19.98 6.38
N ASN B 279 14.74 -20.90 7.07
CA ASN B 279 15.80 -20.52 8.00
C ASN B 279 17.12 -20.21 7.31
N VAL B 280 17.18 -20.34 5.99
CA VAL B 280 18.38 -19.98 5.25
C VAL B 280 18.37 -18.47 5.02
N SER B 281 19.37 -17.77 5.56
CA SER B 281 19.48 -16.33 5.43
C SER B 281 20.43 -16.03 4.25
N LEU B 282 19.85 -16.06 3.06
CA LEU B 282 20.64 -15.80 1.85
C LEU B 282 21.15 -14.37 1.82
N ILE B 283 20.38 -13.42 2.35
CA ILE B 283 20.75 -12.01 2.38
C ILE B 283 20.39 -11.47 3.76
N ARG B 284 21.36 -10.93 4.46
CA ARG B 284 21.14 -10.23 5.72
C ARG B 284 21.40 -8.74 5.51
N PHE B 285 20.95 -7.94 6.48
CA PHE B 285 21.13 -6.50 6.43
C PHE B 285 21.60 -6.01 7.79
N SER B 286 22.74 -5.33 7.80
CA SER B 286 23.31 -4.74 8.98
C SER B 286 23.36 -3.22 8.80
N SER B 287 23.80 -2.53 9.85
CA SER B 287 23.80 -1.07 9.83
C SER B 287 24.99 -0.56 10.62
N TRP B 288 25.56 0.55 10.15
CA TRP B 288 26.56 1.31 10.89
C TRP B 288 25.99 2.57 11.51
N MET B 289 24.77 2.95 11.14
CA MET B 289 24.22 4.24 11.50
C MET B 289 23.84 4.26 12.97
N GLY B 290 24.50 5.11 13.74
CA GLY B 290 24.42 5.08 15.19
C GLY B 290 25.37 4.11 15.85
N GLY B 291 26.22 3.44 15.09
CA GLY B 291 27.15 2.46 15.63
C GLY B 291 28.60 2.80 15.34
N ASP B 292 28.89 3.18 14.10
CA ASP B 292 30.23 3.67 13.77
C ASP B 292 30.41 5.07 14.34
N ARG B 293 31.41 5.25 15.20
CA ARG B 293 31.68 6.54 15.82
C ARG B 293 33.09 7.05 15.55
N ASP B 294 33.87 6.35 14.75
CA ASP B 294 35.23 6.79 14.46
C ASP B 294 35.22 8.14 13.75
N GLY B 295 35.89 9.12 14.37
CA GLY B 295 35.91 10.47 13.86
C GLY B 295 34.64 11.25 14.08
N ASN B 296 33.62 10.66 14.70
CA ASN B 296 32.33 11.30 14.92
C ASN B 296 32.02 11.29 16.41
N PRO B 297 32.42 12.33 17.15
CA PRO B 297 32.08 12.40 18.58
C PRO B 297 30.59 12.57 18.84
N ARG B 298 29.81 12.96 17.82
CA ARG B 298 28.37 13.13 17.96
C ARG B 298 27.63 11.80 18.01
N VAL B 299 28.29 10.69 17.69
CA VAL B 299 27.71 9.35 17.87
C VAL B 299 28.05 8.94 19.29
N THR B 300 27.16 9.29 20.21
CA THR B 300 27.36 9.10 21.64
C THR B 300 26.76 7.77 22.09
N PRO B 301 27.06 7.33 23.32
CA PRO B 301 26.37 6.13 23.84
C PRO B 301 24.86 6.24 23.87
N GLU B 302 24.31 7.45 24.03
CA GLU B 302 22.85 7.58 23.96
C GLU B 302 22.35 7.39 22.53
N VAL B 303 23.09 7.89 21.55
CA VAL B 303 22.68 7.75 20.15
C VAL B 303 22.59 6.29 19.76
N THR B 304 23.56 5.47 20.19
CA THR B 304 23.49 4.04 19.91
C THR B 304 22.25 3.41 20.54
N ARG B 305 21.95 3.79 21.80
CA ARG B 305 20.78 3.26 22.48
C ARG B 305 19.50 3.62 21.74
N ASP B 306 19.43 4.83 21.18
CA ASP B 306 18.24 5.27 20.46
C ASP B 306 17.98 4.38 19.25
N VAL B 307 18.95 4.28 18.34
CA VAL B 307 18.73 3.58 17.08
C VAL B 307 18.48 2.09 17.30
N CYS B 308 18.99 1.54 18.40
CA CYS B 308 18.72 0.14 18.72
C CYS B 308 17.27 -0.08 19.09
N LEU B 309 16.74 0.75 19.99
CA LEU B 309 15.34 0.60 20.39
C LEU B 309 14.39 1.05 19.29
N LEU B 310 14.75 2.12 18.56
CA LEU B 310 13.89 2.60 17.49
C LEU B 310 13.75 1.56 16.39
N ALA B 311 14.84 0.86 16.05
CA ALA B 311 14.76 -0.20 15.06
C ALA B 311 13.90 -1.35 15.56
N ARG B 312 14.03 -1.70 16.85
CA ARG B 312 13.19 -2.74 17.42
C ARG B 312 11.72 -2.36 17.37
N MET B 313 11.41 -1.06 17.48
CA MET B 313 10.04 -0.60 17.34
C MET B 313 9.57 -0.71 15.90
N MET B 314 10.41 -0.25 14.95
CA MET B 314 10.08 -0.37 13.54
C MET B 314 9.86 -1.83 13.15
N ALA B 315 10.70 -2.73 13.67
CA ALA B 315 10.50 -4.15 13.41
C ALA B 315 9.15 -4.61 13.92
N ALA B 316 8.75 -4.16 15.10
CA ALA B 316 7.44 -4.53 15.64
C ALA B 316 6.32 -3.99 14.77
N ASN B 317 6.46 -2.76 14.26
CA ASN B 317 5.43 -2.19 13.40
C ASN B 317 5.21 -3.04 12.16
N LEU B 318 6.30 -3.39 11.47
CA LEU B 318 6.19 -4.16 10.25
C LEU B 318 5.62 -5.55 10.50
N TYR B 319 6.05 -6.20 11.58
CA TYR B 319 5.53 -7.53 11.90
C TYR B 319 4.04 -7.49 12.20
N ILE B 320 3.59 -6.43 12.89
CA ILE B 320 2.17 -6.31 13.21
C ILE B 320 1.34 -6.29 11.93
N ASP B 321 1.75 -5.47 10.96
CA ASP B 321 1.02 -5.39 9.70
C ASP B 321 0.97 -6.74 9.01
N GLN B 322 2.11 -7.43 8.94
CA GLN B 322 2.13 -8.76 8.33
C GLN B 322 1.26 -9.74 9.10
N ILE B 323 1.22 -9.63 10.43
CA ILE B 323 0.52 -10.62 11.24
C ILE B 323 -0.99 -10.47 11.09
N GLU B 324 -1.52 -9.26 11.31
CA GLU B 324 -2.96 -9.08 11.16
C GLU B 324 -3.41 -9.26 9.71
N GLU B 325 -2.51 -9.04 8.75
CA GLU B 325 -2.80 -9.45 7.38
C GLU B 325 -2.87 -10.96 7.26
N LEU B 326 -1.90 -11.67 7.87
CA LEU B 326 -1.94 -13.13 7.89
C LEU B 326 -3.10 -13.64 8.72
N MET B 327 -3.52 -12.88 9.75
CA MET B 327 -4.68 -13.27 10.54
C MET B 327 -5.90 -13.45 9.67
N PHE B 328 -6.16 -12.49 8.77
CA PHE B 328 -7.33 -12.59 7.90
C PHE B 328 -7.19 -13.75 6.93
N GLU B 329 -5.96 -14.03 6.48
CA GLU B 329 -5.76 -14.99 5.40
C GLU B 329 -5.91 -16.44 5.85
N LEU B 330 -5.36 -16.78 7.02
CA LEU B 330 -5.31 -18.18 7.46
C LEU B 330 -6.62 -18.54 8.18
N SER B 331 -7.63 -18.86 7.37
CA SER B 331 -8.97 -19.16 7.86
C SER B 331 -9.29 -20.66 7.76
N MET B 332 -8.32 -21.49 7.41
CA MET B 332 -8.55 -22.92 7.32
C MET B 332 -8.89 -23.50 8.68
N TRP B 333 -9.56 -24.66 8.67
CA TRP B 333 -9.93 -25.34 9.90
C TRP B 333 -9.11 -26.59 10.19
N ARG B 334 -8.54 -27.24 9.18
CA ARG B 334 -7.71 -28.41 9.41
C ARG B 334 -6.37 -28.00 10.02
N CYS B 335 -5.94 -28.74 11.04
CA CYS B 335 -4.71 -28.40 11.72
C CYS B 335 -4.10 -29.64 12.37
N ASN B 336 -2.90 -29.46 12.92
CA ASN B 336 -2.16 -30.49 13.61
C ASN B 336 -2.94 -31.01 14.81
N ASP B 337 -2.39 -32.07 15.41
CA ASP B 337 -2.75 -32.38 16.79
C ASP B 337 -2.11 -31.39 17.74
N GLU B 338 -0.87 -30.95 17.44
CA GLU B 338 -0.18 -30.01 18.30
C GLU B 338 -0.82 -28.62 18.22
N LEU B 339 -1.23 -28.20 17.02
CA LEU B 339 -1.91 -26.91 16.89
C LEU B 339 -3.29 -26.95 17.53
N ARG B 340 -4.01 -28.06 17.34
CA ARG B 340 -5.33 -28.23 17.96
C ARG B 340 -5.25 -28.06 19.46
N VAL B 341 -4.32 -28.76 20.10
CA VAL B 341 -4.14 -28.64 21.55
C VAL B 341 -3.74 -27.22 21.92
N ARG B 342 -2.82 -26.62 21.15
CA ARG B 342 -2.45 -25.24 21.41
C ARG B 342 -3.66 -24.32 21.29
N ALA B 343 -4.39 -24.39 20.17
CA ALA B 343 -5.53 -23.48 19.99
C ALA B 343 -6.57 -23.66 21.09
N GLU B 344 -6.76 -24.89 21.58
CA GLU B 344 -7.72 -25.09 22.68
C GLU B 344 -7.15 -24.61 24.01
N GLU B 345 -5.83 -24.71 24.19
CA GLU B 345 -5.21 -24.22 25.42
C GLU B 345 -5.41 -22.71 25.57
N LEU B 346 -5.16 -21.96 24.50
CA LEU B 346 -5.20 -20.51 24.59
C LEU B 346 -6.64 -20.01 24.54
N HIS B 347 -7.50 -20.67 23.77
CA HIS B 347 -8.93 -20.33 23.80
C HIS B 347 -9.50 -20.51 25.20
N SER B 348 -9.09 -21.57 25.90
CA SER B 348 -9.57 -21.78 27.26
C SER B 348 -8.96 -20.76 28.21
N SER B 349 -7.64 -20.59 28.18
CA SER B 349 -6.98 -19.69 29.11
C SER B 349 -7.29 -18.22 28.84
N SER B 350 -7.79 -17.89 27.67
CA SER B 350 -8.16 -16.51 27.34
C SER B 350 -9.64 -16.30 27.64
N GLY B 351 -9.93 -15.41 28.58
CA GLY B 351 -11.32 -15.07 28.85
C GLY B 351 -11.97 -14.42 27.65
N SER B 352 -13.30 -14.55 27.57
CA SER B 352 -14.04 -14.09 26.41
C SER B 352 -14.24 -12.58 26.42
N LYS B 353 -13.19 -11.84 26.72
CA LYS B 353 -13.24 -10.39 26.66
C LYS B 353 -13.25 -9.91 25.20
N VAL B 354 -13.81 -8.72 24.99
CA VAL B 354 -13.76 -8.07 23.69
C VAL B 354 -12.87 -6.84 23.80
N THR B 355 -12.35 -6.41 22.65
CA THR B 355 -11.55 -5.20 22.53
C THR B 355 -12.24 -4.30 21.51
N LYS B 356 -13.00 -3.32 22.00
CA LYS B 356 -13.89 -2.55 21.14
C LYS B 356 -13.13 -1.71 20.11
N TYR B 357 -11.85 -1.41 20.35
CA TYR B 357 -11.08 -0.60 19.42
C TYR B 357 -10.30 -1.42 18.40
N TYR B 358 -10.37 -2.74 18.48
CA TYR B 358 -9.79 -3.60 17.44
C TYR B 358 -10.67 -3.52 16.19
N ILE B 359 -10.05 -3.24 15.04
CA ILE B 359 -10.82 -3.12 13.80
C ILE B 359 -11.32 -4.49 13.35
N GLU B 360 -10.44 -5.49 13.36
CA GLU B 360 -10.82 -6.86 13.03
C GLU B 360 -10.45 -7.80 14.18
N PHE B 361 -11.25 -8.83 14.36
CA PHE B 361 -11.08 -9.81 15.44
C PHE B 361 -11.07 -9.11 16.80
N TRP B 362 -12.16 -8.41 17.06
CA TRP B 362 -12.33 -7.66 18.30
C TRP B 362 -12.99 -8.48 19.40
N LYS B 363 -13.64 -9.59 19.05
CA LYS B 363 -14.17 -10.53 20.04
C LYS B 363 -13.22 -11.72 20.15
N GLN B 364 -13.55 -12.64 21.04
CA GLN B 364 -12.76 -13.86 21.17
C GLN B 364 -12.90 -14.71 19.91
N ILE B 365 -11.82 -15.43 19.59
CA ILE B 365 -11.75 -16.19 18.34
C ILE B 365 -12.18 -17.63 18.59
N PRO B 366 -13.03 -18.19 17.73
CA PRO B 366 -13.51 -19.55 17.97
C PRO B 366 -12.40 -20.56 17.74
N PRO B 367 -12.41 -21.67 18.49
CA PRO B 367 -11.33 -22.66 18.35
C PRO B 367 -11.37 -23.45 17.06
N ASN B 368 -12.43 -23.36 16.27
CA ASN B 368 -12.44 -23.99 14.95
C ASN B 368 -11.75 -23.16 13.89
N GLU B 369 -11.20 -22.00 14.26
CA GLU B 369 -10.28 -21.24 13.43
C GLU B 369 -8.92 -21.26 14.12
N PRO B 370 -8.21 -22.40 14.09
CA PRO B 370 -7.03 -22.55 14.95
C PRO B 370 -5.91 -21.58 14.62
N TYR B 371 -5.65 -21.35 13.33
CA TYR B 371 -4.57 -20.44 12.94
C TYR B 371 -4.85 -19.01 13.38
N ARG B 372 -6.12 -18.61 13.41
CA ARG B 372 -6.45 -17.28 13.89
C ARG B 372 -6.29 -17.17 15.40
N VAL B 373 -6.47 -18.28 16.12
CA VAL B 373 -6.28 -18.27 17.57
C VAL B 373 -4.82 -18.03 17.92
N ILE B 374 -3.91 -18.76 17.28
CA ILE B 374 -2.49 -18.62 17.59
C ILE B 374 -1.98 -17.26 17.13
N LEU B 375 -2.31 -16.87 15.89
CA LEU B 375 -1.87 -15.59 15.38
C LEU B 375 -2.48 -14.41 16.12
N GLY B 376 -3.67 -14.58 16.71
CA GLY B 376 -4.23 -13.54 17.55
C GLY B 376 -3.42 -13.31 18.82
N HIS B 377 -2.90 -14.39 19.41
CA HIS B 377 -2.01 -14.24 20.56
C HIS B 377 -0.67 -13.63 20.13
N VAL B 378 -0.15 -14.05 18.98
CA VAL B 378 1.06 -13.44 18.43
C VAL B 378 0.85 -11.94 18.24
N ARG B 379 -0.33 -11.56 17.74
CA ARG B 379 -0.63 -10.17 17.46
C ARG B 379 -0.58 -9.32 18.73
N ASP B 380 -1.25 -9.78 19.79
CA ASP B 380 -1.24 -9.05 21.05
C ASP B 380 0.16 -9.00 21.66
N LYS B 381 0.95 -10.07 21.50
CA LYS B 381 2.32 -10.06 22.00
C LYS B 381 3.20 -9.11 21.20
N LEU B 382 2.86 -8.86 19.93
CA LEU B 382 3.57 -7.88 19.14
C LEU B 382 3.18 -6.45 19.51
N TYR B 383 1.91 -6.24 19.88
CA TYR B 383 1.48 -4.91 20.31
C TYR B 383 2.21 -4.51 21.59
N ASN B 384 2.44 -5.46 22.49
CA ASN B 384 3.24 -5.16 23.68
C ASN B 384 4.69 -4.87 23.31
N THR B 385 5.24 -5.65 22.37
CA THR B 385 6.62 -5.43 21.94
C THR B 385 6.80 -4.03 21.35
N ARG B 386 5.83 -3.58 20.54
CA ARG B 386 5.94 -2.23 19.97
C ARG B 386 5.85 -1.16 21.05
N GLU B 387 4.91 -1.31 21.99
CA GLU B 387 4.72 -0.27 23.00
C GLU B 387 5.85 -0.29 24.02
N ARG B 388 6.37 -1.47 24.36
CA ARG B 388 7.47 -1.54 25.31
C ARG B 388 8.72 -0.86 24.74
N ALA B 389 8.96 -1.02 23.44
CA ALA B 389 10.05 -0.28 22.81
C ALA B 389 9.79 1.21 22.81
N ARG B 390 8.52 1.61 22.62
CA ARG B 390 8.16 3.01 22.65
C ARG B 390 8.43 3.62 24.02
N HIS B 391 8.14 2.88 25.10
CA HIS B 391 8.33 3.40 26.44
C HIS B 391 9.81 3.51 26.79
N LEU B 392 10.58 2.46 26.48
CA LEU B 392 12.03 2.51 26.70
C LEU B 392 12.67 3.66 25.93
N LEU B 393 12.16 3.94 24.73
CA LEU B 393 12.74 5.01 23.91
C LEU B 393 12.41 6.39 24.48
N ALA B 394 11.17 6.60 24.91
CA ALA B 394 10.77 7.90 25.42
C ALA B 394 11.40 8.16 26.79
N SER B 395 11.05 7.34 27.78
CA SER B 395 11.67 7.43 29.09
C SER B 395 12.87 6.50 29.16
N GLY B 396 12.75 5.44 29.96
CA GLY B 396 13.80 4.44 30.07
C GLY B 396 13.30 3.18 30.75
N VAL B 397 11.98 3.09 30.88
CA VAL B 397 11.33 2.00 31.61
C VAL B 397 9.93 1.83 31.04
N SER B 398 9.39 0.63 31.18
CA SER B 398 8.07 0.33 30.63
C SER B 398 7.24 -0.41 31.68
N GLU B 399 5.94 -0.11 31.68
CA GLU B 399 5.01 -0.87 32.51
C GLU B 399 4.88 -2.31 32.04
N ILE B 400 5.01 -2.55 30.74
CA ILE B 400 4.78 -3.88 30.17
C ILE B 400 6.00 -4.74 30.39
N SER B 401 5.77 -5.97 30.86
CA SER B 401 6.84 -6.90 31.19
C SER B 401 7.58 -7.33 29.93
N ALA B 402 8.74 -7.96 30.13
CA ALA B 402 9.38 -8.72 29.07
C ALA B 402 8.66 -10.03 28.81
N GLU B 403 8.04 -10.60 29.85
CA GLU B 403 7.25 -11.82 29.69
C GLU B 403 5.97 -11.57 28.89
N SER B 404 5.56 -10.31 28.74
CA SER B 404 4.38 -9.97 27.94
C SER B 404 4.69 -9.76 26.47
N SER B 405 5.96 -9.66 26.10
CA SER B 405 6.37 -9.31 24.75
C SER B 405 7.36 -10.34 24.21
N PHE B 406 7.80 -10.12 22.97
CA PHE B 406 8.76 -10.99 22.31
C PHE B 406 10.16 -10.50 22.61
N THR B 407 10.92 -11.30 23.36
CA THR B 407 12.29 -10.94 23.71
C THR B 407 13.33 -11.73 22.96
N SER B 408 12.92 -12.67 22.10
CA SER B 408 13.86 -13.49 21.36
C SER B 408 13.22 -13.97 20.06
N ILE B 409 14.07 -14.25 19.08
CA ILE B 409 13.59 -14.77 17.80
C ILE B 409 12.92 -16.13 18.00
N GLU B 410 13.45 -16.92 18.92
CA GLU B 410 12.88 -18.24 19.17
C GLU B 410 11.46 -18.15 19.72
N GLU B 411 11.23 -17.21 20.64
CA GLU B 411 9.88 -16.98 21.16
C GLU B 411 8.91 -16.59 20.05
N PHE B 412 9.38 -15.83 19.07
CA PHE B 412 8.54 -15.39 17.95
C PHE B 412 8.33 -16.51 16.94
N LEU B 413 9.37 -17.32 16.68
CA LEU B 413 9.28 -18.32 15.63
C LEU B 413 8.44 -19.52 16.03
N GLU B 414 8.34 -19.81 17.33
CA GLU B 414 7.63 -21.02 17.76
C GLU B 414 6.18 -21.04 17.28
N PRO B 415 5.36 -19.99 17.43
CA PRO B 415 4.00 -20.08 16.90
C PRO B 415 3.94 -20.14 15.38
N LEU B 416 4.83 -19.41 14.68
CA LEU B 416 4.77 -19.39 13.23
C LEU B 416 5.17 -20.74 12.64
N GLU B 417 6.22 -21.35 13.17
CA GLU B 417 6.63 -22.67 12.67
C GLU B 417 5.60 -23.73 13.02
N LEU B 418 4.87 -23.56 14.12
CA LEU B 418 3.78 -24.47 14.43
C LEU B 418 2.68 -24.40 13.39
N CYS B 419 2.32 -23.18 12.97
CA CYS B 419 1.32 -23.04 11.91
C CYS B 419 1.82 -23.62 10.60
N TYR B 420 3.09 -23.40 10.28
CA TYR B 420 3.63 -23.91 9.02
C TYR B 420 3.59 -25.43 8.97
N LYS B 421 4.10 -26.08 10.02
CA LYS B 421 4.06 -27.53 10.06
C LYS B 421 2.64 -28.05 10.07
N SER B 422 1.71 -27.32 10.69
CA SER B 422 0.32 -27.74 10.74
C SER B 422 -0.29 -27.76 9.34
N LEU B 423 -0.21 -26.63 8.63
CA LEU B 423 -0.76 -26.55 7.28
C LEU B 423 -0.18 -27.64 6.39
N CYS B 424 1.11 -27.94 6.53
CA CYS B 424 1.72 -28.98 5.71
C CYS B 424 1.17 -30.35 6.03
N ASP B 425 0.97 -30.66 7.31
CA ASP B 425 0.49 -31.99 7.70
C ASP B 425 -0.94 -32.24 7.25
N CYS B 426 -1.68 -31.20 6.88
CA CYS B 426 -3.03 -31.34 6.37
C CYS B 426 -3.08 -31.31 4.84
N GLY B 427 -1.94 -31.49 4.18
CA GLY B 427 -1.89 -31.38 2.74
C GLY B 427 -2.01 -29.97 2.20
N ASP B 428 -1.91 -28.96 3.06
CA ASP B 428 -2.06 -27.56 2.67
C ASP B 428 -0.72 -26.85 2.59
N LYS B 429 0.30 -27.54 2.08
CA LYS B 429 1.62 -26.93 1.96
C LYS B 429 1.58 -25.73 1.00
N ALA B 430 0.78 -25.83 -0.06
CA ALA B 430 0.67 -24.74 -1.01
C ALA B 430 0.14 -23.47 -0.36
N ILE B 431 -0.68 -23.60 0.68
CA ILE B 431 -1.10 -22.42 1.42
C ILE B 431 0.02 -21.90 2.32
N ALA B 432 0.71 -22.80 3.00
CA ALA B 432 1.80 -22.39 3.89
C ALA B 432 2.91 -21.66 3.15
N ASP B 433 3.06 -21.89 1.86
CA ASP B 433 4.08 -21.24 1.05
C ASP B 433 3.66 -19.87 0.53
N GLY B 434 2.54 -19.34 1.00
CA GLY B 434 2.11 -18.01 0.61
C GLY B 434 2.62 -16.95 1.57
N SER B 435 1.70 -16.18 2.16
CA SER B 435 2.11 -15.09 3.05
C SER B 435 2.84 -15.60 4.28
N LEU B 436 2.55 -16.83 4.72
CA LEU B 436 3.21 -17.37 5.90
C LEU B 436 4.70 -17.59 5.65
N LEU B 437 5.04 -18.15 4.47
CA LEU B 437 6.45 -18.36 4.15
C LEU B 437 7.19 -17.04 4.03
N ASP B 438 6.55 -16.03 3.44
CA ASP B 438 7.19 -14.71 3.33
C ASP B 438 7.50 -14.13 4.70
N LEU B 439 6.59 -14.33 5.67
CA LEU B 439 6.81 -13.78 7.00
C LEU B 439 7.90 -14.56 7.74
N LEU B 440 7.89 -15.89 7.62
CA LEU B 440 8.94 -16.70 8.22
C LEU B 440 10.30 -16.31 7.68
N ARG B 441 10.42 -16.13 6.36
CA ARG B 441 11.68 -15.69 5.79
C ARG B 441 12.05 -14.29 6.29
N GLN B 442 11.05 -13.43 6.51
CA GLN B 442 11.34 -12.10 7.03
C GLN B 442 11.88 -12.15 8.46
N VAL B 443 11.43 -13.12 9.26
CA VAL B 443 11.93 -13.23 10.62
C VAL B 443 13.40 -13.64 10.63
N PHE B 444 13.76 -14.65 9.84
CA PHE B 444 15.15 -15.10 9.79
C PHE B 444 16.06 -14.05 9.17
N THR B 445 15.51 -13.19 8.31
CA THR B 445 16.33 -12.18 7.64
C THR B 445 16.49 -10.94 8.49
N PHE B 446 15.43 -10.51 9.17
CA PHE B 446 15.41 -9.24 9.86
C PHE B 446 15.37 -9.36 11.37
N GLY B 447 14.71 -10.39 11.91
CA GLY B 447 14.68 -10.54 13.35
C GLY B 447 13.94 -9.40 14.04
N LEU B 448 14.08 -9.40 15.37
CA LEU B 448 13.40 -8.42 16.20
C LEU B 448 14.02 -7.03 16.13
N SER B 449 15.20 -6.88 15.51
CA SER B 449 15.87 -5.60 15.40
C SER B 449 15.92 -5.06 13.97
N LEU B 450 15.32 -5.77 13.02
CA LEU B 450 15.35 -5.41 11.60
C LEU B 450 16.76 -5.47 11.04
N VAL B 451 17.69 -4.71 11.62
CA VAL B 451 19.09 -4.73 11.23
C VAL B 451 19.94 -4.86 12.49
N LYS B 452 21.04 -5.59 12.37
CA LYS B 452 22.01 -5.71 13.45
C LYS B 452 23.03 -4.59 13.33
N LEU B 453 23.29 -3.90 14.44
CA LEU B 453 24.18 -2.75 14.43
C LEU B 453 25.63 -3.18 14.61
N ASP B 454 26.51 -2.54 13.86
CA ASP B 454 27.95 -2.69 14.02
C ASP B 454 28.51 -1.48 14.76
N ILE B 455 29.47 -1.72 15.64
CA ILE B 455 30.13 -0.66 16.40
C ILE B 455 31.55 -0.52 15.86
N ARG B 456 31.97 0.72 15.62
CA ARG B 456 33.31 0.98 15.10
C ARG B 456 33.97 2.12 15.87
N GLN B 457 35.18 1.86 16.35
CA GLN B 457 36.02 2.85 17.00
C GLN B 457 37.46 2.57 16.62
N GLU B 458 38.27 3.62 16.59
CA GLU B 458 39.66 3.48 16.16
C GLU B 458 40.53 2.91 17.28
N SER B 459 41.60 2.24 16.87
CA SER B 459 42.44 1.51 17.82
C SER B 459 43.08 2.43 18.84
N GLU B 460 43.50 3.62 18.42
CA GLU B 460 44.20 4.51 19.33
C GLU B 460 43.29 4.97 20.47
N ARG B 461 42.00 5.11 20.21
CA ARG B 461 41.07 5.44 21.28
C ARG B 461 41.00 4.35 22.33
N HIS B 462 41.20 3.09 21.92
CA HIS B 462 41.25 2.00 22.89
C HIS B 462 42.56 2.02 23.67
N THR B 463 43.68 2.23 22.96
CA THR B 463 44.97 2.33 23.66
C THR B 463 44.98 3.51 24.60
N ASP B 464 44.26 4.59 24.27
CA ASP B 464 44.16 5.74 25.16
C ASP B 464 43.59 5.33 26.51
N VAL B 465 42.50 4.58 26.51
CA VAL B 465 41.85 4.14 27.74
C VAL B 465 42.75 3.19 28.52
N ILE B 466 43.39 2.24 27.83
CA ILE B 466 44.21 1.24 28.51
C ILE B 466 45.46 1.90 29.08
N ASP B 467 46.00 2.90 28.39
CA ASP B 467 47.13 3.64 28.94
C ASP B 467 46.71 4.39 30.20
N ALA B 468 45.51 4.97 30.20
CA ALA B 468 45.01 5.64 31.40
C ALA B 468 44.83 4.66 32.56
N ILE B 469 44.50 3.40 32.26
CA ILE B 469 44.35 2.40 33.32
C ILE B 469 45.71 2.08 33.94
N THR B 470 46.69 1.71 33.11
CA THR B 470 47.99 1.34 33.64
C THR B 470 48.66 2.50 34.35
N THR B 471 48.54 3.71 33.78
CA THR B 471 49.12 4.89 34.42
C THR B 471 48.49 5.13 35.79
N HIS B 472 47.16 5.08 35.87
CA HIS B 472 46.46 5.32 37.12
C HIS B 472 46.72 4.21 38.14
N LEU B 473 46.96 2.98 37.67
CA LEU B 473 47.27 1.87 38.57
C LEU B 473 48.76 1.77 38.89
N GLY B 474 49.61 2.42 38.11
CA GLY B 474 51.04 2.32 38.32
C GLY B 474 51.68 1.11 37.70
N ILE B 475 50.97 0.37 36.84
CA ILE B 475 51.58 -0.73 36.13
C ILE B 475 52.67 -0.22 35.20
N GLY B 476 52.44 0.93 34.59
CA GLY B 476 53.39 1.54 33.70
C GLY B 476 52.66 2.39 32.67
N SER B 477 53.13 2.31 31.43
CA SER B 477 52.50 3.00 30.30
C SER B 477 52.25 1.98 29.20
N TYR B 478 50.97 1.62 28.99
CA TYR B 478 50.62 0.69 27.93
C TYR B 478 51.04 1.23 26.56
N ARG B 479 50.97 2.55 26.37
CA ARG B 479 51.28 3.14 25.08
C ARG B 479 52.74 2.91 24.68
N GLU B 480 53.65 2.91 25.65
CA GLU B 480 55.07 2.78 25.33
C GLU B 480 55.54 1.34 25.27
N TRP B 481 54.72 0.36 25.64
CA TRP B 481 55.12 -1.03 25.57
C TRP B 481 55.20 -1.49 24.12
N SER B 482 56.12 -2.42 23.86
CA SER B 482 56.17 -3.07 22.57
C SER B 482 54.91 -3.92 22.38
N GLU B 483 54.64 -4.29 21.12
CA GLU B 483 53.44 -5.05 20.82
C GLU B 483 53.48 -6.44 21.44
N ASP B 484 54.66 -7.07 21.46
CA ASP B 484 54.80 -8.36 22.11
C ASP B 484 54.51 -8.27 23.60
N LYS B 485 54.94 -7.17 24.23
CA LYS B 485 54.63 -6.96 25.64
C LYS B 485 53.13 -6.72 25.83
N ARG B 486 52.55 -5.86 24.99
CA ARG B 486 51.10 -5.63 25.04
C ARG B 486 50.33 -6.93 24.97
N GLN B 487 50.72 -7.83 24.08
CA GLN B 487 50.01 -9.09 23.93
C GLN B 487 50.09 -9.93 25.20
N GLU B 488 51.26 -10.00 25.83
CA GLU B 488 51.40 -10.84 27.01
C GLU B 488 50.67 -10.24 28.21
N TRP B 489 50.59 -8.92 28.30
CA TRP B 489 49.91 -8.30 29.43
C TRP B 489 48.40 -8.50 29.36
N LEU B 490 47.81 -8.17 28.20
CA LEU B 490 46.36 -8.33 28.05
C LEU B 490 45.96 -9.79 28.13
N LEU B 491 46.81 -10.70 27.63
CA LEU B 491 46.50 -12.12 27.73
C LEU B 491 46.58 -12.61 29.17
N SER B 492 47.41 -11.99 30.00
CA SER B 492 47.42 -12.32 31.43
C SER B 492 46.20 -11.76 32.14
N GLU B 493 45.66 -10.63 31.66
CA GLU B 493 44.49 -10.04 32.29
C GLU B 493 43.21 -10.71 31.83
N LEU B 494 43.15 -11.12 30.55
CA LEU B 494 41.99 -11.86 30.07
C LEU B 494 41.91 -13.24 30.72
N ARG B 495 43.07 -13.86 30.96
CA ARG B 495 43.10 -15.15 31.66
C ARG B 495 42.85 -14.99 33.15
N GLY B 496 43.08 -13.80 33.70
CA GLY B 496 42.86 -13.59 35.12
C GLY B 496 41.41 -13.31 35.45
N LYS B 497 41.06 -13.54 36.71
CA LYS B 497 39.70 -13.37 37.19
C LYS B 497 39.50 -12.08 37.98
N ARG B 498 40.56 -11.35 38.30
CA ARG B 498 40.40 -10.12 39.06
C ARG B 498 40.02 -8.97 38.13
N PRO B 499 39.07 -8.13 38.54
CA PRO B 499 38.72 -6.95 37.74
C PRO B 499 39.92 -6.03 37.53
N LEU B 500 39.78 -5.12 36.58
CA LEU B 500 40.89 -4.21 36.26
C LEU B 500 40.46 -2.76 36.27
N LEU B 501 39.34 -2.45 35.60
CA LEU B 501 38.90 -1.06 35.46
C LEU B 501 38.46 -0.51 36.80
N PRO B 502 39.14 0.51 37.33
CA PRO B 502 38.70 1.11 38.58
C PRO B 502 37.64 2.18 38.33
N PRO B 503 36.61 2.25 39.16
CA PRO B 503 35.66 3.37 39.06
C PRO B 503 36.29 4.70 39.44
N ASP B 504 37.48 4.69 40.04
CA ASP B 504 38.21 5.91 40.37
C ASP B 504 38.92 6.52 39.18
N LEU B 505 38.76 5.96 37.99
CA LEU B 505 39.63 6.30 36.86
C LEU B 505 39.39 7.73 36.36
N PRO B 506 40.41 8.58 36.35
CA PRO B 506 40.27 9.88 35.67
C PRO B 506 40.13 9.68 34.17
N GLN B 507 39.15 10.37 33.59
CA GLN B 507 38.79 10.17 32.20
C GLN B 507 38.66 11.52 31.50
N THR B 508 39.15 11.60 30.26
CA THR B 508 38.81 12.74 29.41
C THR B 508 37.36 12.57 28.97
N GLU B 509 36.96 13.41 28.01
CA GLU B 509 35.68 13.19 27.35
C GLU B 509 35.76 12.02 26.37
N GLU B 510 36.94 11.80 25.76
CA GLU B 510 37.08 10.72 24.80
C GLU B 510 37.18 9.37 25.50
N ILE B 511 38.05 9.26 26.50
CA ILE B 511 38.13 8.04 27.29
C ILE B 511 36.79 7.71 27.92
N ALA B 512 35.99 8.74 28.21
CA ALA B 512 34.64 8.50 28.73
C ALA B 512 33.71 7.97 27.64
N ASP B 513 33.81 8.52 26.43
CA ASP B 513 32.96 8.04 25.33
C ASP B 513 33.23 6.58 25.02
N VAL B 514 34.49 6.15 25.16
CA VAL B 514 34.83 4.76 24.86
C VAL B 514 34.21 3.82 25.89
N ILE B 515 34.30 4.18 27.18
CA ILE B 515 33.74 3.32 28.22
C ILE B 515 32.22 3.38 28.21
N GLY B 516 31.66 4.58 28.03
CA GLY B 516 30.21 4.70 28.00
C GLY B 516 29.58 3.92 26.86
N ALA B 517 30.28 3.86 25.72
CA ALA B 517 29.79 3.04 24.61
C ALA B 517 29.79 1.56 24.98
N PHE B 518 30.84 1.10 25.66
CA PHE B 518 30.85 -0.28 26.14
C PHE B 518 29.78 -0.52 27.17
N HIS B 519 29.47 0.48 28.01
CA HIS B 519 28.40 0.33 28.98
C HIS B 519 27.05 0.14 28.30
N VAL B 520 26.78 0.93 27.25
CA VAL B 520 25.52 0.83 26.54
C VAL B 520 25.40 -0.53 25.85
N LEU B 521 26.52 -1.08 25.37
CA LEU B 521 26.49 -2.43 24.79
C LEU B 521 26.06 -3.46 25.82
N ALA B 522 26.42 -3.27 27.09
CA ALA B 522 26.07 -4.24 28.11
C ALA B 522 24.59 -4.17 28.47
N GLU B 523 23.96 -3.01 28.27
CA GLU B 523 22.56 -2.84 28.63
C GLU B 523 21.62 -3.43 27.59
N LEU B 524 21.92 -3.23 26.31
CA LEU B 524 21.01 -3.60 25.23
C LEU B 524 21.13 -5.08 24.89
N PRO B 525 20.08 -5.67 24.29
CA PRO B 525 20.09 -7.11 24.05
C PRO B 525 21.16 -7.49 23.04
N PRO B 526 21.76 -8.68 23.17
CA PRO B 526 22.83 -9.06 22.24
C PRO B 526 22.38 -9.21 20.79
N ASP B 527 21.12 -9.55 20.54
CA ASP B 527 20.69 -9.78 19.17
C ASP B 527 20.49 -8.50 18.37
N SER B 528 20.77 -7.33 18.95
CA SER B 528 20.69 -6.06 18.24
C SER B 528 22.04 -5.61 17.69
N PHE B 529 23.11 -6.33 18.01
CA PHE B 529 24.46 -5.92 17.63
C PHE B 529 25.10 -6.94 16.70
N GLY B 530 26.03 -6.47 15.89
CA GLY B 530 26.92 -7.33 15.14
C GLY B 530 28.29 -7.36 15.79
N PRO B 531 29.33 -7.16 14.99
CA PRO B 531 30.70 -7.14 15.53
C PRO B 531 31.15 -5.75 15.93
N TYR B 532 32.16 -5.73 16.81
CA TYR B 532 32.86 -4.50 17.17
C TYR B 532 34.06 -4.34 16.24
N ILE B 533 34.07 -3.27 15.46
CA ILE B 533 35.05 -3.06 14.41
C ILE B 533 36.08 -2.05 14.90
N ILE B 534 37.36 -2.33 14.63
CA ILE B 534 38.48 -1.50 15.08
C ILE B 534 39.06 -0.79 13.85
N SER B 535 38.86 0.52 13.77
CA SER B 535 39.43 1.29 12.68
C SER B 535 40.95 1.36 12.80
N MET B 536 41.61 1.37 11.64
CA MET B 536 43.06 1.42 11.55
C MET B 536 43.73 0.42 12.49
N ALA B 537 43.20 -0.80 12.50
CA ALA B 537 43.84 -1.89 13.22
C ALA B 537 45.20 -2.18 12.61
N THR B 538 46.19 -2.43 13.48
CA THR B 538 47.56 -2.68 13.04
C THR B 538 48.12 -4.01 13.52
N ALA B 539 47.73 -4.49 14.69
CA ALA B 539 48.42 -5.61 15.33
C ALA B 539 47.45 -6.32 16.26
N PRO B 540 47.77 -7.56 16.66
CA PRO B 540 46.81 -8.33 17.48
C PRO B 540 46.48 -7.74 18.83
N SER B 541 47.26 -6.79 19.35
CA SER B 541 46.89 -6.19 20.64
C SER B 541 45.66 -5.31 20.50
N ASP B 542 45.47 -4.69 19.33
CA ASP B 542 44.26 -3.89 19.12
C ASP B 542 43.01 -4.75 19.24
N VAL B 543 43.07 -5.99 18.75
CA VAL B 543 41.96 -6.92 18.92
C VAL B 543 41.83 -7.31 20.39
N LEU B 544 42.95 -7.67 21.02
CA LEU B 544 42.90 -8.11 22.41
C LEU B 544 42.53 -6.99 23.36
N ALA B 545 42.88 -5.74 23.02
CA ALA B 545 42.48 -4.61 23.85
C ALA B 545 40.97 -4.48 23.94
N VAL B 546 40.28 -4.60 22.79
CA VAL B 546 38.83 -4.50 22.78
C VAL B 546 38.20 -5.69 23.51
N GLU B 547 38.78 -6.88 23.35
CA GLU B 547 38.26 -8.06 24.04
C GLU B 547 38.26 -7.86 25.54
N LEU B 548 39.36 -7.32 26.09
CA LEU B 548 39.43 -7.08 27.53
C LEU B 548 38.48 -5.95 27.94
N LEU B 549 38.52 -4.83 27.22
CA LEU B 549 37.67 -3.69 27.55
C LEU B 549 36.21 -4.07 27.59
N GLN B 550 35.79 -4.97 26.68
CA GLN B 550 34.41 -5.44 26.68
C GLN B 550 34.07 -6.14 27.98
N ARG B 551 34.94 -7.05 28.43
CA ARG B 551 34.65 -7.84 29.62
C ARG B 551 34.77 -7.00 30.88
N GLU B 552 35.77 -6.11 30.95
CA GLU B 552 35.92 -5.28 32.13
C GLU B 552 34.92 -4.13 32.17
N CYS B 553 34.12 -3.93 31.13
CA CYS B 553 33.00 -3.02 31.15
C CYS B 553 31.66 -3.72 31.37
N GLY B 554 31.69 -5.03 31.60
CA GLY B 554 30.50 -5.77 31.97
C GLY B 554 29.66 -6.30 30.82
N VAL B 555 30.18 -6.31 29.60
CA VAL B 555 29.46 -6.89 28.47
C VAL B 555 29.36 -8.41 28.72
N ARG B 556 28.16 -8.88 29.05
CA ARG B 556 28.03 -10.25 29.55
C ARG B 556 28.11 -11.28 28.44
N GLN B 557 27.78 -10.91 27.20
CA GLN B 557 28.05 -11.75 26.03
C GLN B 557 28.77 -10.89 25.00
N PRO B 558 30.10 -10.99 24.92
CA PRO B 558 30.86 -10.00 24.14
C PRO B 558 30.62 -10.09 22.65
N LEU B 559 30.73 -8.94 22.00
CA LEU B 559 30.64 -8.87 20.56
C LEU B 559 31.91 -9.45 19.94
N PRO B 560 31.81 -10.11 18.79
CA PRO B 560 33.03 -10.51 18.07
C PRO B 560 33.82 -9.29 17.62
N VAL B 561 35.13 -9.36 17.80
CA VAL B 561 36.03 -8.24 17.50
C VAL B 561 36.57 -8.43 16.09
N VAL B 562 36.43 -7.40 15.26
CA VAL B 562 36.82 -7.45 13.86
C VAL B 562 37.83 -6.34 13.59
N PRO B 563 39.05 -6.67 13.16
CA PRO B 563 40.01 -5.63 12.79
C PRO B 563 39.74 -5.08 11.39
N LEU B 564 39.86 -3.77 11.25
CA LEU B 564 39.73 -3.11 9.96
C LEU B 564 41.11 -2.63 9.55
N PHE B 565 41.70 -3.30 8.55
CA PHE B 565 43.02 -2.95 8.04
C PHE B 565 42.82 -1.95 6.90
N GLU B 566 43.06 -0.67 7.20
CA GLU B 566 42.74 0.42 6.29
C GLU B 566 43.94 0.95 5.51
N ARG B 567 45.15 0.85 6.04
CA ARG B 567 46.32 1.41 5.37
C ARG B 567 47.22 0.30 4.85
N LEU B 568 48.08 0.68 3.90
CA LEU B 568 48.89 -0.29 3.16
C LEU B 568 49.76 -1.12 4.08
N ALA B 569 50.52 -0.45 4.97
CA ALA B 569 51.39 -1.17 5.89
C ALA B 569 50.61 -2.16 6.76
N ASP B 570 49.36 -1.82 7.09
CA ASP B 570 48.56 -2.70 7.93
C ASP B 570 48.13 -3.94 7.16
N LEU B 571 47.83 -3.79 5.86
CA LEU B 571 47.43 -4.93 5.05
C LEU B 571 48.60 -5.87 4.79
N GLN B 572 49.82 -5.34 4.69
CA GLN B 572 50.97 -6.19 4.43
C GLN B 572 51.25 -7.12 5.60
N SER B 573 51.07 -6.63 6.83
CA SER B 573 51.26 -7.44 8.03
C SER B 573 49.98 -8.11 8.50
N ALA B 574 48.87 -7.93 7.78
CA ALA B 574 47.60 -8.48 8.21
C ALA B 574 47.58 -10.01 8.26
N PRO B 575 48.15 -10.74 7.30
CA PRO B 575 48.22 -12.21 7.48
C PRO B 575 49.05 -12.62 8.69
N ALA B 576 50.06 -11.83 9.06
CA ALA B 576 50.83 -12.15 10.26
C ALA B 576 50.03 -11.87 11.52
N SER B 577 49.31 -10.75 11.57
CA SER B 577 48.49 -10.44 12.74
C SER B 577 47.42 -11.49 12.95
N VAL B 578 46.83 -12.00 11.88
CA VAL B 578 45.79 -13.02 11.99
C VAL B 578 46.39 -14.33 12.47
N GLU B 579 47.61 -14.64 12.02
CA GLU B 579 48.24 -15.89 12.45
C GLU B 579 48.62 -15.84 13.93
N ARG B 580 49.05 -14.67 14.41
CA ARG B 580 49.35 -14.52 15.83
C ARG B 580 48.09 -14.75 16.68
N LEU B 581 46.95 -14.21 16.24
CA LEU B 581 45.70 -14.39 16.97
C LEU B 581 45.24 -15.84 16.91
N PHE B 582 45.40 -16.50 15.76
CA PHE B 582 44.98 -17.89 15.64
C PHE B 582 45.90 -18.85 16.37
N SER B 583 47.03 -18.38 16.90
CA SER B 583 48.00 -19.24 17.56
C SER B 583 47.98 -19.13 19.08
N VAL B 584 47.17 -18.25 19.65
CA VAL B 584 47.03 -18.14 21.09
C VAL B 584 45.77 -18.89 21.53
N ASP B 585 45.92 -19.74 22.54
CA ASP B 585 44.85 -20.68 22.88
C ASP B 585 43.61 -19.96 23.39
N TRP B 586 43.79 -18.86 24.11
CA TRP B 586 42.63 -18.14 24.67
C TRP B 586 41.73 -17.63 23.55
N TYR B 587 42.32 -17.02 22.52
CA TYR B 587 41.53 -16.42 21.45
C TYR B 587 40.88 -17.47 20.57
N MET B 588 41.53 -18.62 20.37
CA MET B 588 40.91 -19.68 19.58
C MET B 588 39.70 -20.26 20.30
N ASP B 589 39.79 -20.43 21.62
CA ASP B 589 38.64 -20.90 22.38
C ASP B 589 37.49 -19.90 22.31
N ARG B 590 37.80 -18.61 22.18
CA ARG B 590 36.76 -17.59 22.16
C ARG B 590 36.02 -17.58 20.82
N ILE B 591 36.77 -17.52 19.71
CA ILE B 591 36.13 -17.33 18.40
C ILE B 591 35.46 -18.59 17.87
N LYS B 592 35.85 -19.78 18.35
CA LYS B 592 35.18 -21.03 17.99
C LYS B 592 35.11 -21.23 16.47
N GLY B 593 36.29 -21.19 15.83
CA GLY B 593 36.41 -21.53 14.42
C GLY B 593 35.81 -20.55 13.44
N LYS B 594 35.50 -19.33 13.86
CA LYS B 594 34.95 -18.31 12.96
C LYS B 594 35.61 -16.98 13.25
N GLN B 595 36.15 -16.35 12.20
CA GLN B 595 36.81 -15.06 12.31
C GLN B 595 36.36 -14.17 11.16
N GLN B 596 36.17 -12.89 11.46
CA GLN B 596 35.79 -11.88 10.47
C GLN B 596 36.81 -10.76 10.48
N VAL B 597 37.26 -10.38 9.28
CA VAL B 597 38.26 -9.33 9.10
C VAL B 597 37.74 -8.35 8.04
N MET B 598 37.77 -7.06 8.36
CA MET B 598 37.37 -6.03 7.43
C MET B 598 38.59 -5.47 6.72
N VAL B 599 38.44 -5.21 5.42
CA VAL B 599 39.48 -4.58 4.60
C VAL B 599 38.91 -3.29 4.03
N GLY B 600 39.63 -2.19 4.24
CA GLY B 600 39.16 -0.89 3.81
C GLY B 600 39.64 -0.55 2.41
N TYR B 601 38.69 -0.18 1.56
CA TYR B 601 39.01 0.24 0.20
C TYR B 601 39.21 1.75 0.07
N SER B 602 38.73 2.52 1.05
CA SER B 602 38.81 3.98 0.95
C SER B 602 40.17 4.50 1.39
N ASP B 603 40.63 4.12 2.58
CA ASP B 603 41.85 4.68 3.12
C ASP B 603 43.10 4.03 2.53
N SER B 604 43.00 2.81 2.00
CA SER B 604 44.17 2.18 1.38
C SER B 604 44.48 2.82 0.03
N GLY B 605 43.46 3.10 -0.77
CA GLY B 605 43.64 3.83 -2.02
C GLY B 605 44.19 5.22 -1.82
N LYS B 606 44.00 5.79 -0.63
CA LYS B 606 44.55 7.09 -0.27
C LYS B 606 45.97 7.00 0.23
N ASP B 607 46.33 5.87 0.87
CA ASP B 607 47.69 5.69 1.36
C ASP B 607 48.65 5.47 0.20
N ALA B 608 48.38 4.47 -0.63
CA ALA B 608 49.14 4.22 -1.84
C ALA B 608 48.36 4.73 -3.04
N GLY B 609 48.61 4.18 -4.22
CA GLY B 609 47.81 4.50 -5.38
C GLY B 609 46.58 3.59 -5.48
N ARG B 610 45.82 3.78 -6.55
CA ARG B 610 44.69 2.88 -6.79
C ARG B 610 45.18 1.49 -7.22
N LEU B 611 46.25 1.45 -8.02
CA LEU B 611 46.80 0.17 -8.46
C LEU B 611 47.35 -0.62 -7.28
N SER B 612 48.18 0.02 -6.45
CA SER B 612 48.85 -0.68 -5.37
C SER B 612 47.88 -1.07 -4.25
N ALA B 613 46.88 -0.23 -3.97
CA ALA B 613 45.87 -0.60 -2.99
C ALA B 613 45.11 -1.84 -3.44
N ALA B 614 44.59 -1.82 -4.67
CA ALA B 614 43.81 -2.95 -5.18
C ALA B 614 44.63 -4.23 -5.23
N TRP B 615 45.95 -4.13 -5.43
CA TRP B 615 46.76 -5.34 -5.50
C TRP B 615 47.10 -5.89 -4.12
N GLN B 616 47.44 -5.01 -3.16
CA GLN B 616 47.68 -5.47 -1.81
C GLN B 616 46.39 -5.98 -1.18
N LEU B 617 45.26 -5.33 -1.50
CA LEU B 617 43.98 -5.84 -1.03
C LEU B 617 43.72 -7.25 -1.59
N TYR B 618 44.11 -7.50 -2.84
CA TYR B 618 44.03 -8.86 -3.37
C TYR B 618 44.90 -9.81 -2.54
N ARG B 619 46.15 -9.40 -2.28
CA ARG B 619 47.07 -10.27 -1.57
C ARG B 619 46.67 -10.47 -0.12
N ALA B 620 46.16 -9.41 0.53
CA ALA B 620 45.73 -9.51 1.92
C ALA B 620 44.65 -10.58 2.07
N GLN B 621 43.55 -10.45 1.30
CA GLN B 621 42.51 -11.47 1.32
C GLN B 621 43.07 -12.84 1.01
N GLU B 622 43.95 -12.92 0.01
CA GLU B 622 44.48 -14.20 -0.44
C GLU B 622 45.23 -14.92 0.67
N GLU B 623 46.20 -14.24 1.28
CA GLU B 623 47.04 -14.89 2.29
C GLU B 623 46.30 -15.08 3.61
N MET B 624 45.38 -14.18 3.95
CA MET B 624 44.61 -14.34 5.18
C MET B 624 43.75 -15.60 5.13
N ALA B 625 43.13 -15.87 3.97
CA ALA B 625 42.36 -17.10 3.83
C ALA B 625 43.24 -18.33 3.94
N GLN B 626 44.50 -18.24 3.49
CA GLN B 626 45.42 -19.36 3.63
C GLN B 626 45.81 -19.59 5.08
N VAL B 627 46.01 -18.51 5.83
CA VAL B 627 46.25 -18.64 7.27
C VAL B 627 45.05 -19.28 7.96
N ALA B 628 43.85 -18.80 7.62
CA ALA B 628 42.63 -19.32 8.26
C ALA B 628 42.44 -20.81 7.97
N LYS B 629 42.69 -21.24 6.74
CA LYS B 629 42.52 -22.64 6.38
C LYS B 629 43.52 -23.52 7.13
N ARG B 630 44.74 -23.03 7.34
CA ARG B 630 45.73 -23.80 8.08
C ARG B 630 45.27 -24.06 9.50
N TYR B 631 44.69 -23.06 10.15
CA TYR B 631 44.22 -23.18 11.52
C TYR B 631 42.77 -23.64 11.62
N GLY B 632 42.16 -24.03 10.51
CA GLY B 632 40.80 -24.54 10.54
C GLY B 632 39.74 -23.51 10.86
N VAL B 633 40.00 -22.24 10.55
CA VAL B 633 39.08 -21.15 10.85
C VAL B 633 38.34 -20.75 9.59
N LYS B 634 37.04 -20.49 9.72
CA LYS B 634 36.22 -19.99 8.62
C LYS B 634 36.29 -18.48 8.61
N LEU B 635 36.99 -17.91 7.63
CA LEU B 635 37.22 -16.48 7.56
C LEU B 635 36.15 -15.80 6.73
N THR B 636 35.56 -14.74 7.29
CA THR B 636 34.57 -13.92 6.60
C THR B 636 35.17 -12.56 6.33
N LEU B 637 35.21 -12.16 5.06
CA LEU B 637 35.76 -10.88 4.67
C LEU B 637 34.66 -9.83 4.65
N PHE B 638 34.98 -8.65 5.19
CA PHE B 638 34.10 -7.50 5.20
C PHE B 638 34.74 -6.43 4.32
N HIS B 639 34.12 -6.14 3.19
CA HIS B 639 34.67 -5.24 2.19
C HIS B 639 34.07 -3.85 2.36
N GLY B 640 34.90 -2.88 2.72
CA GLY B 640 34.44 -1.52 2.90
C GLY B 640 34.49 -0.71 1.63
N ARG B 641 33.57 -0.99 0.71
CA ARG B 641 33.56 -0.37 -0.61
C ARG B 641 32.68 0.86 -0.61
N GLY B 642 33.09 1.86 -1.39
CA GLY B 642 32.32 3.07 -1.57
C GLY B 642 31.63 3.11 -2.93
N GLY B 643 31.10 4.29 -3.25
CA GLY B 643 30.41 4.48 -4.50
C GLY B 643 31.35 4.76 -5.65
N THR B 644 32.33 5.63 -5.41
CA THR B 644 33.30 5.99 -6.42
C THR B 644 34.30 4.87 -6.65
N VAL B 645 34.92 4.88 -7.84
CA VAL B 645 35.94 3.87 -8.14
C VAL B 645 37.16 4.07 -7.26
N GLY B 646 37.48 5.32 -6.91
CA GLY B 646 38.63 5.58 -6.06
C GLY B 646 38.53 4.93 -4.70
N ARG B 647 37.31 4.76 -4.18
CA ARG B 647 37.09 4.11 -2.89
C ARG B 647 36.64 2.67 -3.03
N GLY B 648 36.94 2.03 -4.17
CA GLY B 648 36.61 0.64 -4.39
C GLY B 648 35.27 0.37 -5.01
N GLY B 649 34.60 1.37 -5.52
CA GLY B 649 33.28 1.17 -6.09
C GLY B 649 33.32 0.55 -7.46
N GLY B 650 32.12 0.21 -7.95
CA GLY B 650 31.98 -0.44 -9.23
C GLY B 650 30.85 -1.43 -9.23
N PRO B 651 30.56 -2.02 -10.39
CA PRO B 651 29.47 -3.00 -10.48
C PRO B 651 29.69 -4.15 -9.51
N THR B 652 28.61 -4.53 -8.83
CA THR B 652 28.69 -5.50 -7.75
C THR B 652 29.25 -6.84 -8.23
N HIS B 653 28.70 -7.36 -9.33
CA HIS B 653 29.19 -8.63 -9.86
C HIS B 653 30.62 -8.51 -10.39
N LEU B 654 31.04 -7.31 -10.80
CA LEU B 654 32.43 -7.13 -11.22
C LEU B 654 33.37 -7.13 -10.02
N ALA B 655 32.95 -6.51 -8.92
CA ALA B 655 33.80 -6.47 -7.73
C ALA B 655 33.99 -7.86 -7.13
N ILE B 656 32.91 -8.66 -7.08
CA ILE B 656 33.02 -10.01 -6.56
C ILE B 656 33.90 -10.87 -7.47
N LEU B 657 33.93 -10.57 -8.76
CA LEU B 657 34.80 -11.28 -9.68
C LEU B 657 36.27 -10.90 -9.49
N SER B 658 36.53 -9.68 -9.01
CA SER B 658 37.90 -9.22 -8.79
C SER B 658 38.54 -9.86 -7.57
N GLN B 659 37.74 -10.40 -6.66
CA GLN B 659 38.30 -10.90 -5.42
C GLN B 659 38.95 -12.27 -5.65
N PRO B 660 40.02 -12.56 -4.92
CA PRO B 660 40.82 -13.76 -5.22
C PRO B 660 39.98 -15.01 -5.06
N PRO B 661 40.33 -16.08 -5.78
CA PRO B 661 39.56 -17.32 -5.67
C PRO B 661 39.65 -17.92 -4.27
N ASP B 662 38.57 -18.59 -3.87
CA ASP B 662 38.51 -19.31 -2.59
C ASP B 662 38.70 -18.37 -1.40
N THR B 663 38.10 -17.18 -1.48
CA THR B 663 38.11 -16.25 -0.35
C THR B 663 36.71 -15.87 0.11
N ILE B 664 35.65 -16.25 -0.63
CA ILE B 664 34.29 -15.92 -0.25
C ILE B 664 33.63 -17.15 0.36
N ASN B 665 33.38 -18.16 -0.48
CA ASN B 665 32.82 -19.45 -0.05
C ASN B 665 31.55 -19.27 0.75
N GLY B 666 30.64 -18.45 0.22
CA GLY B 666 29.34 -18.27 0.82
C GLY B 666 29.30 -17.49 2.12
N SER B 667 30.28 -16.62 2.35
CA SER B 667 30.31 -15.79 3.56
C SER B 667 31.02 -14.49 3.20
N ILE B 668 30.28 -13.40 3.15
CA ILE B 668 30.85 -12.11 2.75
C ILE B 668 29.94 -11.00 3.26
N ARG B 669 30.57 -9.91 3.68
CA ARG B 669 29.89 -8.68 4.08
C ARG B 669 30.42 -7.53 3.24
N VAL B 670 29.52 -6.65 2.81
CA VAL B 670 29.87 -5.52 1.96
C VAL B 670 29.13 -4.28 2.48
N THR B 671 29.84 -3.15 2.53
CA THR B 671 29.22 -1.90 2.91
C THR B 671 28.44 -1.31 1.75
N VAL B 672 27.25 -0.78 2.05
CA VAL B 672 26.46 0.02 1.12
C VAL B 672 26.43 1.42 1.72
N GLN B 673 27.25 2.32 1.18
CA GLN B 673 27.58 3.58 1.84
C GLN B 673 26.80 4.74 1.25
N GLY B 674 25.99 5.38 2.08
CA GLY B 674 25.35 6.64 1.76
C GLY B 674 24.51 6.65 0.50
N GLU B 675 24.97 7.42 -0.50
CA GLU B 675 24.22 7.55 -1.75
C GLU B 675 24.05 6.21 -2.47
N VAL B 676 24.91 5.24 -2.20
CA VAL B 676 24.77 3.93 -2.83
C VAL B 676 23.50 3.22 -2.34
N ILE B 677 23.07 3.53 -1.11
CA ILE B 677 21.82 2.95 -0.62
C ILE B 677 20.67 3.34 -1.54
N GLU B 678 20.66 4.60 -2.01
CA GLU B 678 19.66 5.02 -2.98
C GLU B 678 19.87 4.30 -4.32
N PHE B 679 21.12 4.19 -4.77
CA PHE B 679 21.40 3.58 -6.06
C PHE B 679 20.87 2.15 -6.13
N CYS B 680 20.96 1.41 -5.02
CA CYS B 680 20.69 -0.02 -5.02
C CYS B 680 19.31 -0.39 -4.46
N PHE B 681 18.62 0.54 -3.80
CA PHE B 681 17.36 0.20 -3.16
C PHE B 681 16.33 1.31 -3.26
N GLY B 682 16.53 2.28 -4.15
CA GLY B 682 15.61 3.40 -4.25
C GLY B 682 14.25 3.01 -4.79
N GLU B 683 14.18 1.96 -5.61
CA GLU B 683 12.93 1.46 -6.14
C GLU B 683 12.96 -0.05 -6.09
N GLU B 684 11.79 -0.68 -6.30
CA GLU B 684 11.68 -2.12 -6.08
C GLU B 684 12.55 -2.91 -7.05
N HIS B 685 12.52 -2.55 -8.34
CA HIS B 685 13.31 -3.28 -9.32
C HIS B 685 14.81 -3.12 -9.08
N LEU B 686 15.22 -2.02 -8.44
CA LEU B 686 16.62 -1.87 -8.05
C LEU B 686 16.98 -2.82 -6.91
N CYS B 687 16.07 -2.97 -5.93
CA CYS B 687 16.32 -3.89 -4.84
C CYS B 687 16.41 -5.32 -5.34
N PHE B 688 15.47 -5.72 -6.21
CA PHE B 688 15.53 -7.05 -6.79
C PHE B 688 16.82 -7.24 -7.59
N GLN B 689 17.26 -6.19 -8.30
CA GLN B 689 18.50 -6.29 -9.05
C GLN B 689 19.70 -6.46 -8.13
N THR B 690 19.76 -5.67 -7.05
CA THR B 690 20.90 -5.72 -6.15
C THR B 690 21.02 -7.06 -5.46
N LEU B 691 19.90 -7.55 -4.89
CA LEU B 691 19.92 -8.85 -4.24
C LEU B 691 20.33 -9.97 -5.20
N GLN B 692 19.97 -9.84 -6.47
CA GLN B 692 20.28 -10.88 -7.43
C GLN B 692 21.75 -10.87 -7.82
N ARG B 693 22.32 -9.67 -8.01
CA ARG B 693 23.74 -9.57 -8.33
C ARG B 693 24.59 -10.19 -7.23
N PHE B 694 24.38 -9.76 -5.99
CA PHE B 694 25.16 -10.28 -4.86
C PHE B 694 24.99 -11.80 -4.73
N THR B 695 23.76 -12.29 -4.82
CA THR B 695 23.51 -13.72 -4.68
C THR B 695 24.17 -14.50 -5.81
N ALA B 696 23.94 -14.09 -7.05
CA ALA B 696 24.47 -14.84 -8.20
C ALA B 696 25.99 -14.76 -8.27
N ALA B 697 26.56 -13.55 -8.09
CA ALA B 697 28.01 -13.41 -8.15
C ALA B 697 28.70 -14.23 -7.07
N THR B 698 28.21 -14.13 -5.82
CA THR B 698 28.80 -14.89 -4.73
C THR B 698 28.68 -16.39 -4.96
N LEU B 699 27.53 -16.84 -5.45
CA LEU B 699 27.33 -18.27 -5.69
C LEU B 699 28.25 -18.78 -6.79
N GLU B 700 28.37 -18.03 -7.89
CA GLU B 700 29.26 -18.44 -8.98
C GLU B 700 30.72 -18.41 -8.55
N HIS B 701 31.09 -17.44 -7.71
CA HIS B 701 32.47 -17.33 -7.24
C HIS B 701 32.90 -18.56 -6.45
N GLY B 702 31.96 -19.17 -5.72
CA GLY B 702 32.29 -20.30 -4.87
C GLY B 702 32.54 -21.59 -5.63
N MET B 703 31.68 -21.91 -6.60
CA MET B 703 31.79 -23.16 -7.34
C MET B 703 32.48 -23.00 -8.70
N HIS B 704 32.62 -21.78 -9.19
CA HIS B 704 33.21 -21.52 -10.50
C HIS B 704 34.14 -20.32 -10.36
N PRO B 705 35.24 -20.47 -9.65
CA PRO B 705 36.04 -19.31 -9.24
C PRO B 705 36.80 -18.73 -10.42
N PRO B 706 37.25 -17.48 -10.31
CA PRO B 706 38.17 -16.94 -11.32
C PRO B 706 39.51 -17.65 -11.27
N VAL B 707 40.31 -17.39 -12.30
CA VAL B 707 41.62 -18.00 -12.41
C VAL B 707 42.60 -17.25 -11.52
N SER B 708 43.51 -18.00 -10.88
CA SER B 708 44.55 -17.34 -10.13
C SER B 708 45.61 -16.80 -11.08
N PRO B 709 46.29 -15.73 -10.70
CA PRO B 709 47.29 -15.13 -11.59
C PRO B 709 48.49 -16.04 -11.79
N LYS B 710 49.11 -15.89 -12.96
CA LYS B 710 50.30 -16.67 -13.27
C LYS B 710 51.50 -16.11 -12.50
N PRO B 711 52.51 -16.94 -12.23
CA PRO B 711 53.70 -16.44 -11.52
C PRO B 711 54.31 -15.21 -12.15
N GLU B 712 54.42 -15.17 -13.48
CA GLU B 712 54.89 -13.97 -14.16
C GLU B 712 53.97 -12.79 -13.86
N TRP B 713 52.65 -13.03 -13.77
CA TRP B 713 51.71 -11.96 -13.50
C TRP B 713 51.89 -11.41 -12.09
N ARG B 714 52.14 -12.29 -11.12
CA ARG B 714 52.38 -11.84 -9.74
C ARG B 714 53.60 -10.94 -9.67
N LYS B 715 54.74 -11.41 -10.21
CA LYS B 715 55.98 -10.66 -10.10
C LYS B 715 55.86 -9.28 -10.73
N LEU B 716 55.24 -9.20 -11.92
CA LEU B 716 55.01 -7.92 -12.55
C LEU B 716 54.09 -7.04 -11.71
N MET B 717 53.02 -7.63 -11.16
CA MET B 717 52.11 -6.86 -10.32
C MET B 717 52.83 -6.31 -9.10
N ASP B 718 53.68 -7.13 -8.46
CA ASP B 718 54.43 -6.65 -7.31
C ASP B 718 55.35 -5.49 -7.69
N GLU B 719 55.92 -5.53 -8.90
CA GLU B 719 56.93 -4.54 -9.26
C GLU B 719 56.30 -3.20 -9.62
N MET B 720 55.14 -3.21 -10.27
CA MET B 720 54.46 -1.95 -10.56
C MET B 720 53.81 -1.35 -9.33
N ALA B 721 53.37 -2.20 -8.39
CA ALA B 721 52.84 -1.69 -7.13
C ALA B 721 53.85 -0.78 -6.44
N VAL B 722 55.12 -1.18 -6.44
CA VAL B 722 56.18 -0.34 -5.88
C VAL B 722 56.31 0.94 -6.69
N VAL B 723 56.30 0.82 -8.02
CA VAL B 723 56.46 1.99 -8.88
C VAL B 723 55.23 2.89 -8.81
N ALA B 724 54.04 2.31 -8.66
CA ALA B 724 52.83 3.12 -8.61
C ALA B 724 52.73 3.89 -7.30
N THR B 725 53.01 3.21 -6.17
CA THR B 725 53.00 3.90 -4.89
C THR B 725 54.04 5.01 -4.84
N GLU B 726 55.26 4.71 -5.31
CA GLU B 726 56.31 5.72 -5.32
C GLU B 726 55.90 6.91 -6.17
N GLU B 727 55.24 6.66 -7.30
CA GLU B 727 54.73 7.77 -8.10
C GLU B 727 53.62 8.51 -7.37
N TYR B 728 52.79 7.78 -6.61
CA TYR B 728 51.69 8.42 -5.88
C TYR B 728 52.22 9.25 -4.72
N ARG B 729 52.99 8.64 -3.84
CA ARG B 729 53.48 9.34 -2.66
C ARG B 729 54.38 10.52 -3.04
N SER B 730 55.02 10.45 -4.21
CA SER B 730 55.93 11.51 -4.65
C SER B 730 55.21 12.83 -4.92
N VAL B 731 53.93 12.79 -5.26
CA VAL B 731 53.18 14.00 -5.56
C VAL B 731 52.24 14.41 -4.44
N VAL B 732 51.74 13.48 -3.63
CA VAL B 732 50.79 13.80 -2.58
C VAL B 732 51.47 13.93 -1.21
N VAL B 733 52.50 13.12 -0.95
CA VAL B 733 53.18 13.17 0.35
C VAL B 733 54.41 14.06 0.22
N LYS B 734 55.34 13.69 -0.65
CA LYS B 734 56.47 14.56 -0.95
C LYS B 734 55.99 15.79 -1.73
N GLU B 735 56.88 16.77 -1.86
CA GLU B 735 56.55 18.09 -2.39
C GLU B 735 55.55 18.78 -1.48
N ALA B 736 55.98 19.87 -0.83
CA ALA B 736 55.16 20.51 0.19
C ALA B 736 54.04 21.35 -0.42
N ARG B 737 54.25 21.92 -1.59
CA ARG B 737 53.26 22.80 -2.20
C ARG B 737 52.04 22.06 -2.73
N PHE B 738 52.02 20.72 -2.68
CA PHE B 738 50.85 19.98 -3.14
C PHE B 738 49.59 20.39 -2.38
N VAL B 739 49.71 20.61 -1.07
CA VAL B 739 48.56 21.00 -0.26
C VAL B 739 48.00 22.33 -0.74
N GLU B 740 48.89 23.33 -0.89
CA GLU B 740 48.45 24.64 -1.33
C GLU B 740 47.84 24.57 -2.73
N TYR B 741 48.39 23.72 -3.59
CA TYR B 741 47.77 23.50 -4.90
C TYR B 741 46.41 22.83 -4.76
N PHE B 742 46.35 21.79 -3.93
CA PHE B 742 45.10 21.05 -3.70
C PHE B 742 43.99 21.99 -3.25
N ARG B 743 44.20 22.70 -2.13
CA ARG B 743 43.18 23.60 -1.62
C ARG B 743 42.91 24.78 -2.54
N SER B 744 43.76 25.01 -3.55
CA SER B 744 43.53 26.08 -4.52
C SER B 744 42.72 25.61 -5.72
N ALA B 745 43.03 24.43 -6.25
CA ALA B 745 42.48 23.98 -7.52
C ALA B 745 41.19 23.16 -7.39
N THR B 746 40.84 22.72 -6.18
CA THR B 746 39.64 21.95 -5.94
C THR B 746 38.76 22.67 -4.92
N PRO B 747 37.46 22.32 -4.84
CA PRO B 747 36.61 22.89 -3.80
C PRO B 747 36.57 22.04 -2.54
N GLU B 748 37.72 21.48 -2.14
CA GLU B 748 37.75 20.62 -0.96
C GLU B 748 37.37 21.38 0.29
N THR B 749 37.79 22.63 0.40
CA THR B 749 37.62 23.39 1.64
C THR B 749 36.17 23.77 1.90
N GLU B 750 35.23 23.46 1.01
CA GLU B 750 33.83 23.80 1.21
C GLU B 750 32.91 22.59 1.16
N TYR B 751 33.47 21.38 1.21
CA TYR B 751 32.64 20.17 1.19
C TYR B 751 31.74 20.09 2.43
N GLY B 752 32.22 20.58 3.56
CA GLY B 752 31.42 20.58 4.77
C GLY B 752 30.20 21.47 4.72
N ARG B 753 30.11 22.38 3.74
CA ARG B 753 29.01 23.31 3.64
C ARG B 753 27.75 22.68 3.04
N MET B 754 27.82 21.45 2.55
CA MET B 754 26.63 20.77 2.06
C MET B 754 25.81 20.16 3.19
N ASN B 755 26.37 20.08 4.39
CA ASN B 755 25.67 19.54 5.57
C ASN B 755 25.12 18.15 5.28
N ILE B 756 25.99 17.30 4.73
CA ILE B 756 25.57 15.95 4.37
C ILE B 756 25.45 15.07 5.61
N GLY B 757 26.51 15.00 6.42
CA GLY B 757 26.57 14.10 7.55
C GLY B 757 26.72 14.83 8.88
N SER B 758 26.81 14.03 9.94
CA SER B 758 26.92 14.56 11.29
C SER B 758 28.36 14.73 11.75
N ARG B 759 29.32 14.27 10.97
CA ARG B 759 30.73 14.45 11.29
C ARG B 759 31.09 15.94 11.22
N PRO B 760 31.54 16.55 12.32
CA PRO B 760 31.95 17.97 12.27
C PRO B 760 33.44 18.12 12.01
N GLY B 767 46.23 18.49 12.42
CA GLY B 767 45.90 18.78 11.04
C GLY B 767 46.87 18.18 10.03
N GLY B 768 46.96 18.80 8.86
CA GLY B 768 47.87 18.33 7.82
C GLY B 768 47.15 17.78 6.61
N ILE B 769 47.77 16.81 5.95
CA ILE B 769 47.19 16.20 4.77
C ILE B 769 46.72 14.78 5.02
N THR B 770 47.43 14.02 5.86
CA THR B 770 46.96 12.75 6.34
C THR B 770 45.74 12.89 7.24
N THR B 771 45.33 14.12 7.55
CA THR B 771 44.15 14.33 8.38
C THR B 771 42.87 14.32 7.57
N LEU B 772 42.96 14.45 6.26
CA LEU B 772 41.76 14.53 5.44
C LEU B 772 41.16 13.14 5.27
N ARG B 773 39.84 13.08 5.33
CA ARG B 773 39.14 11.82 5.21
C ARG B 773 38.92 11.47 3.74
N ALA B 774 38.62 10.19 3.50
CA ALA B 774 38.68 9.65 2.14
C ALA B 774 37.62 10.27 1.25
N ILE B 775 36.44 10.57 1.80
CA ILE B 775 35.32 11.03 0.99
C ILE B 775 35.61 12.43 0.44
N PRO B 776 35.98 13.43 1.26
CA PRO B 776 36.35 14.73 0.67
C PRO B 776 37.52 14.63 -0.29
N TRP B 777 38.45 13.71 -0.04
CA TRP B 777 39.59 13.51 -0.94
C TRP B 777 39.12 13.16 -2.34
N ILE B 778 38.28 12.12 -2.47
CA ILE B 778 37.77 11.74 -3.78
C ILE B 778 36.81 12.81 -4.32
N PHE B 779 35.97 13.37 -3.43
CA PHE B 779 35.01 14.39 -3.85
C PHE B 779 35.70 15.56 -4.53
N SER B 780 36.87 15.96 -4.04
CA SER B 780 37.55 17.13 -4.55
C SER B 780 37.96 16.95 -6.02
N TRP B 781 38.63 15.84 -6.32
CA TRP B 781 39.09 15.59 -7.68
C TRP B 781 37.98 15.08 -8.60
N THR B 782 36.81 14.75 -8.05
CA THR B 782 35.68 14.37 -8.88
C THR B 782 34.97 15.60 -9.43
N GLN B 783 34.88 16.66 -8.61
CA GLN B 783 34.19 17.87 -9.05
C GLN B 783 34.95 18.59 -10.15
N THR B 784 36.28 18.60 -10.09
CA THR B 784 37.08 19.18 -11.15
C THR B 784 37.24 18.25 -12.34
N ARG B 785 36.63 17.05 -12.29
CA ARG B 785 36.69 16.07 -13.37
C ARG B 785 38.13 15.72 -13.74
N PHE B 786 39.01 15.69 -12.73
CA PHE B 786 40.41 15.30 -12.90
C PHE B 786 40.72 13.92 -12.33
N HIS B 787 40.12 13.57 -11.19
CA HIS B 787 40.18 12.21 -10.64
C HIS B 787 41.61 11.77 -10.37
N LEU B 788 42.43 12.68 -9.86
CA LEU B 788 43.84 12.39 -9.63
C LEU B 788 44.10 11.12 -8.82
N PRO B 789 43.46 10.86 -7.67
CA PRO B 789 43.83 9.68 -6.90
C PRO B 789 43.54 8.37 -7.61
N VAL B 790 42.56 8.36 -8.51
CA VAL B 790 42.11 7.10 -9.10
C VAL B 790 43.14 6.54 -10.09
N TRP B 791 43.91 7.40 -10.76
CA TRP B 791 44.78 6.95 -11.83
C TRP B 791 46.25 7.31 -11.66
N LEU B 792 46.63 7.97 -10.57
CA LEU B 792 47.96 8.57 -10.44
C LEU B 792 49.09 7.60 -10.78
N GLY B 793 49.42 6.70 -9.87
CA GLY B 793 50.55 5.81 -10.05
C GLY B 793 50.42 4.82 -11.18
N VAL B 794 49.25 4.73 -11.82
CA VAL B 794 49.06 3.74 -12.88
C VAL B 794 49.91 4.07 -14.10
N GLY B 795 50.15 5.35 -14.37
CA GLY B 795 50.91 5.71 -15.55
C GLY B 795 52.38 5.30 -15.43
N ALA B 796 53.03 5.73 -14.35
CA ALA B 796 54.40 5.31 -14.11
C ALA B 796 54.51 3.79 -14.02
N ALA B 797 53.50 3.13 -13.45
CA ALA B 797 53.51 1.68 -13.37
C ALA B 797 53.57 1.04 -14.75
N PHE B 798 52.72 1.51 -15.67
CA PHE B 798 52.62 0.86 -16.97
C PHE B 798 53.88 1.04 -17.80
N LYS B 799 54.39 2.27 -17.88
CA LYS B 799 55.60 2.52 -18.65
C LYS B 799 56.80 1.79 -18.05
N PHE B 800 56.88 1.74 -16.72
CA PHE B 800 57.96 1.00 -16.09
C PHE B 800 57.99 -0.45 -16.58
N ALA B 801 56.82 -1.08 -16.68
CA ALA B 801 56.76 -2.46 -17.15
C ALA B 801 57.17 -2.57 -18.61
N ILE B 802 56.80 -1.59 -19.44
CA ILE B 802 57.12 -1.65 -20.86
C ILE B 802 58.61 -1.41 -21.09
N ASP B 803 59.19 -0.44 -20.36
CA ASP B 803 60.59 -0.11 -20.58
C ASP B 803 61.53 -1.16 -19.98
N LYS B 804 61.16 -1.75 -18.85
CA LYS B 804 61.97 -2.80 -18.26
C LYS B 804 62.14 -3.97 -19.23
N ASP B 805 61.09 -4.30 -19.97
CA ASP B 805 61.14 -5.33 -20.98
C ASP B 805 59.99 -5.08 -21.95
N VAL B 806 60.31 -5.04 -23.25
CA VAL B 806 59.27 -4.78 -24.24
C VAL B 806 58.27 -5.92 -24.31
N ARG B 807 58.66 -7.13 -23.90
CA ARG B 807 57.74 -8.26 -23.92
C ARG B 807 56.66 -8.13 -22.86
N ASN B 808 56.87 -7.30 -21.84
CA ASN B 808 55.84 -7.10 -20.82
C ASN B 808 54.59 -6.44 -21.38
N PHE B 809 54.69 -5.79 -22.55
CA PHE B 809 53.51 -5.17 -23.16
C PHE B 809 52.50 -6.24 -23.56
N GLN B 810 52.95 -7.35 -24.13
CA GLN B 810 52.03 -8.44 -24.42
C GLN B 810 51.58 -9.13 -23.13
N VAL B 811 52.43 -9.14 -22.10
CA VAL B 811 52.04 -9.72 -20.83
C VAL B 811 50.95 -8.89 -20.17
N LEU B 812 51.06 -7.56 -20.26
CA LEU B 812 49.99 -6.70 -19.78
C LEU B 812 48.70 -6.96 -20.56
N LYS B 813 48.82 -7.21 -21.86
CA LYS B 813 47.64 -7.52 -22.67
C LYS B 813 47.07 -8.88 -22.29
N GLU B 814 47.93 -9.88 -22.05
CA GLU B 814 47.45 -11.19 -21.67
C GLU B 814 46.70 -11.15 -20.34
N MET B 815 47.21 -10.38 -19.38
CA MET B 815 46.52 -10.25 -18.10
C MET B 815 45.18 -9.56 -18.25
N TYR B 816 45.09 -8.60 -19.17
CA TYR B 816 43.83 -7.90 -19.42
C TYR B 816 42.80 -8.81 -20.05
N ASN B 817 43.23 -9.73 -20.92
CA ASN B 817 42.28 -10.61 -21.61
C ASN B 817 41.82 -11.78 -20.73
N GLU B 818 42.64 -12.21 -19.78
CA GLU B 818 42.38 -13.45 -19.06
C GLU B 818 42.16 -13.28 -17.56
N TRP B 819 42.90 -12.39 -16.91
CA TRP B 819 42.82 -12.26 -15.46
C TRP B 819 41.67 -11.34 -15.08
N PRO B 820 40.63 -11.84 -14.38
CA PRO B 820 39.47 -10.99 -14.07
C PRO B 820 39.81 -9.81 -13.18
N PHE B 821 40.71 -9.97 -12.22
CA PHE B 821 41.06 -8.86 -11.33
C PHE B 821 41.70 -7.73 -12.12
N PHE B 822 42.71 -8.04 -12.92
CA PHE B 822 43.37 -7.00 -13.71
C PHE B 822 42.43 -6.37 -14.72
N ARG B 823 41.49 -7.16 -15.25
CA ARG B 823 40.58 -6.64 -16.26
C ARG B 823 39.54 -5.70 -15.65
N VAL B 824 38.99 -6.04 -14.49
CA VAL B 824 38.00 -5.18 -13.86
C VAL B 824 38.64 -3.89 -13.36
N THR B 825 39.86 -3.98 -12.83
CA THR B 825 40.53 -2.79 -12.30
C THR B 825 40.77 -1.77 -13.41
N LEU B 826 41.26 -2.22 -14.57
CA LEU B 826 41.51 -1.30 -15.66
C LEU B 826 40.21 -0.85 -16.33
N ASP B 827 39.21 -1.72 -16.40
CA ASP B 827 37.92 -1.34 -16.99
C ASP B 827 37.26 -0.23 -16.18
N LEU B 828 37.39 -0.28 -14.86
CA LEU B 828 36.88 0.79 -14.01
C LEU B 828 37.65 2.08 -14.22
N LEU B 829 38.94 1.98 -14.55
CA LEU B 829 39.74 3.17 -14.77
C LEU B 829 39.27 3.93 -16.02
N GLU B 830 39.00 3.21 -17.10
CA GLU B 830 38.57 3.88 -18.33
C GLU B 830 37.20 4.55 -18.16
N MET B 831 36.33 3.97 -17.33
CA MET B 831 35.06 4.62 -17.03
C MET B 831 35.28 5.94 -16.29
N VAL B 832 36.28 5.98 -15.41
CA VAL B 832 36.63 7.23 -14.75
C VAL B 832 37.16 8.24 -15.75
N PHE B 833 38.04 7.80 -16.65
CA PHE B 833 38.56 8.70 -17.68
C PHE B 833 37.46 9.19 -18.61
N ALA B 834 36.41 8.37 -18.81
CA ALA B 834 35.27 8.82 -19.59
C ALA B 834 34.61 10.03 -18.95
N LYS B 835 34.47 10.02 -17.63
CA LYS B 835 33.93 11.16 -16.89
C LYS B 835 35.00 12.18 -16.53
N GLY B 836 36.21 12.04 -17.08
CA GLY B 836 37.28 12.98 -16.84
C GLY B 836 37.47 13.93 -18.00
N ASP B 837 38.05 15.10 -17.69
CA ASP B 837 38.34 16.13 -18.69
C ASP B 837 39.40 17.08 -18.14
N PRO B 838 40.64 16.98 -18.63
CA PRO B 838 41.71 17.86 -18.11
C PRO B 838 41.45 19.34 -18.40
N GLY B 839 40.68 19.67 -19.44
CA GLY B 839 40.38 21.07 -19.71
C GLY B 839 39.73 21.77 -18.53
N ILE B 840 38.79 21.09 -17.88
CA ILE B 840 38.13 21.67 -16.71
C ILE B 840 39.11 21.81 -15.55
N ALA B 841 39.93 20.79 -15.32
CA ALA B 841 40.97 20.89 -14.31
C ALA B 841 41.93 22.03 -14.63
N GLY B 842 42.26 22.22 -15.92
CA GLY B 842 43.08 23.34 -16.31
C GLY B 842 42.40 24.67 -16.11
N LEU B 843 41.07 24.70 -16.23
CA LEU B 843 40.31 25.91 -15.94
C LEU B 843 40.57 26.36 -14.51
N TYR B 844 40.08 25.58 -13.54
CA TYR B 844 40.23 25.87 -12.11
C TYR B 844 41.61 26.38 -11.76
N ASP B 845 42.64 25.86 -12.43
CA ASP B 845 44.00 26.35 -12.21
C ASP B 845 44.14 27.80 -12.65
N GLU B 846 43.71 28.12 -13.87
CA GLU B 846 43.96 29.45 -14.42
C GLU B 846 43.27 30.55 -13.61
N LEU B 847 42.18 30.22 -12.91
CA LEU B 847 41.48 31.24 -12.13
C LEU B 847 41.97 31.30 -10.68
N LEU B 848 42.27 30.16 -10.08
CA LEU B 848 42.37 30.07 -8.63
C LEU B 848 43.75 29.76 -8.09
N VAL B 849 44.58 29.02 -8.80
CA VAL B 849 45.87 28.62 -8.26
C VAL B 849 46.91 29.67 -8.63
N ALA B 850 47.91 29.80 -7.76
CA ALA B 850 48.95 30.82 -7.93
C ALA B 850 49.86 30.47 -9.10
N GLU B 851 50.54 31.50 -9.61
CA GLU B 851 51.37 31.34 -10.80
C GLU B 851 52.52 30.35 -10.57
N GLU B 852 53.08 30.36 -9.35
CA GLU B 852 54.20 29.46 -9.06
C GLU B 852 53.82 27.99 -9.16
N LEU B 853 52.53 27.67 -9.09
CA LEU B 853 52.10 26.28 -8.93
C LEU B 853 51.54 25.66 -10.21
N LYS B 854 51.08 26.46 -11.16
CA LYS B 854 50.51 25.88 -12.38
C LYS B 854 51.51 25.08 -13.22
N PRO B 855 52.81 25.39 -13.26
CA PRO B 855 53.75 24.40 -13.80
C PRO B 855 53.54 23.01 -13.21
N PHE B 856 53.34 22.94 -11.89
CA PHE B 856 53.02 21.68 -11.24
C PHE B 856 51.66 21.15 -11.70
N GLY B 857 50.67 22.04 -11.86
CA GLY B 857 49.35 21.61 -12.29
C GLY B 857 49.35 21.02 -13.69
N LYS B 858 50.13 21.61 -14.60
CA LYS B 858 50.21 21.08 -15.96
C LYS B 858 51.01 19.79 -16.02
N GLN B 859 51.98 19.61 -15.13
CA GLN B 859 52.69 18.34 -15.05
C GLN B 859 51.74 17.19 -14.73
N LEU B 860 50.83 17.40 -13.77
CA LEU B 860 49.84 16.38 -13.47
C LEU B 860 48.88 16.20 -14.64
N ARG B 861 48.48 17.30 -15.28
CA ARG B 861 47.56 17.21 -16.41
C ARG B 861 48.11 16.34 -17.54
N ASP B 862 49.43 16.28 -17.69
CA ASP B 862 50.03 15.49 -18.76
C ASP B 862 50.27 14.04 -18.37
N LYS B 863 50.39 13.74 -17.08
CA LYS B 863 50.41 12.35 -16.67
C LYS B 863 49.02 11.73 -16.72
N TYR B 864 47.98 12.56 -16.59
CA TYR B 864 46.62 12.14 -16.95
C TYR B 864 46.57 11.67 -18.39
N VAL B 865 46.95 12.56 -19.31
CA VAL B 865 46.92 12.25 -20.74
C VAL B 865 47.82 11.06 -21.04
N GLU B 866 48.96 10.98 -20.37
CA GLU B 866 49.87 9.87 -20.57
C GLU B 866 49.24 8.55 -20.14
N THR B 867 48.80 8.48 -18.87
CA THR B 867 48.19 7.26 -18.37
C THR B 867 46.98 6.84 -19.18
N GLN B 868 46.19 7.82 -19.62
CA GLN B 868 45.05 7.50 -20.49
C GLN B 868 45.52 6.85 -21.78
N GLN B 869 46.68 7.29 -22.29
CA GLN B 869 47.21 6.70 -23.52
C GLN B 869 47.58 5.24 -23.32
N LEU B 870 48.41 4.94 -22.32
CA LEU B 870 48.86 3.57 -22.10
C LEU B 870 47.71 2.67 -21.66
N LEU B 871 46.74 3.20 -20.92
CA LEU B 871 45.61 2.39 -20.50
C LEU B 871 44.79 1.93 -21.70
N LEU B 872 44.54 2.84 -22.64
CA LEU B 872 43.81 2.47 -23.85
C LEU B 872 44.63 1.47 -24.68
N GLN B 873 45.95 1.61 -24.67
CA GLN B 873 46.79 0.70 -25.44
C GLN B 873 46.84 -0.70 -24.81
N ILE B 874 46.78 -0.78 -23.48
CA ILE B 874 46.68 -2.09 -22.84
C ILE B 874 45.32 -2.70 -23.12
N ALA B 875 44.26 -1.90 -23.05
CA ALA B 875 42.92 -2.39 -23.36
C ALA B 875 42.75 -2.70 -24.84
N GLY B 876 43.56 -2.11 -25.69
CA GLY B 876 43.37 -2.28 -27.12
C GLY B 876 42.12 -1.62 -27.65
N HIS B 877 41.74 -0.47 -27.09
CA HIS B 877 40.54 0.24 -27.48
C HIS B 877 40.90 1.48 -28.28
N LYS B 878 40.10 1.76 -29.31
CA LYS B 878 40.32 2.96 -30.12
C LYS B 878 40.11 4.23 -29.30
N ASP B 879 38.95 4.34 -28.65
CA ASP B 879 38.58 5.50 -27.86
C ASP B 879 38.02 5.03 -26.52
N ILE B 880 37.65 6.00 -25.68
CA ILE B 880 37.11 5.70 -24.36
C ILE B 880 35.66 5.24 -24.51
N LEU B 881 35.33 4.12 -23.86
CA LEU B 881 33.99 3.55 -23.87
C LEU B 881 33.49 3.31 -25.28
N GLU B 882 34.13 2.32 -25.92
CA GLU B 882 33.77 1.94 -27.28
C GLU B 882 32.42 1.22 -27.31
N GLY B 883 32.40 -0.01 -26.79
CA GLY B 883 31.23 -0.87 -26.82
C GLY B 883 30.16 -0.56 -25.82
N ASP B 884 30.30 0.52 -25.04
CA ASP B 884 29.26 0.97 -24.13
C ASP B 884 28.65 2.26 -24.67
N PRO B 885 27.81 2.17 -25.70
CA PRO B 885 27.45 3.39 -26.44
C PRO B 885 26.45 4.28 -25.71
N PHE B 886 25.44 3.70 -25.09
CA PHE B 886 24.37 4.50 -24.50
C PHE B 886 24.87 5.32 -23.32
N LEU B 887 25.56 4.68 -22.38
CA LEU B 887 26.04 5.40 -21.21
C LEU B 887 27.20 6.34 -21.53
N LYS B 888 27.71 6.31 -22.76
CA LYS B 888 28.55 7.39 -23.27
C LYS B 888 27.71 8.50 -23.89
N GLN B 889 26.57 8.14 -24.50
CA GLN B 889 25.63 9.15 -24.96
C GLN B 889 24.84 9.77 -23.81
N GLY B 890 24.80 9.11 -22.66
CA GLY B 890 24.34 9.78 -21.45
C GLY B 890 25.32 10.83 -20.96
N LEU B 891 26.60 10.70 -21.33
CA LEU B 891 27.58 11.72 -20.99
C LEU B 891 27.44 12.93 -21.90
N VAL B 892 27.25 12.69 -23.21
CA VAL B 892 27.16 13.80 -24.16
C VAL B 892 25.96 14.68 -23.87
N LEU B 893 24.93 14.13 -23.22
CA LEU B 893 23.76 14.93 -22.87
C LEU B 893 23.99 15.70 -21.57
N ARG B 894 24.65 15.08 -20.61
CA ARG B 894 24.83 15.69 -19.30
C ARG B 894 25.98 16.70 -19.30
N ASN B 895 27.09 16.35 -19.96
CA ASN B 895 28.34 17.11 -19.79
C ASN B 895 28.22 18.60 -20.11
N PRO B 896 27.49 19.04 -21.13
CA PRO B 896 27.29 20.49 -21.29
C PRO B 896 26.80 21.17 -20.01
N TYR B 897 25.81 20.57 -19.34
CA TYR B 897 25.33 21.13 -18.09
C TYR B 897 26.37 21.04 -16.99
N ILE B 898 27.09 19.91 -16.92
CA ILE B 898 28.17 19.78 -15.95
C ILE B 898 29.23 20.84 -16.18
N THR B 899 29.55 21.13 -17.45
CA THR B 899 30.57 22.12 -17.75
C THR B 899 30.14 23.53 -17.35
N THR B 900 28.85 23.87 -17.50
CA THR B 900 28.42 25.21 -17.07
C THR B 900 28.57 25.38 -15.56
N LEU B 901 28.29 24.33 -14.79
CA LEU B 901 28.47 24.44 -13.34
C LEU B 901 29.94 24.41 -12.95
N ASN B 902 30.78 23.70 -13.73
CA ASN B 902 32.22 23.75 -13.50
C ASN B 902 32.74 25.18 -13.63
N VAL B 903 32.31 25.88 -14.68
CA VAL B 903 32.67 27.28 -14.83
C VAL B 903 32.03 28.12 -13.72
N PHE B 904 30.83 27.75 -13.29
CA PHE B 904 30.16 28.48 -12.22
C PHE B 904 30.91 28.31 -10.89
N GLN B 905 31.43 27.12 -10.62
CA GLN B 905 32.15 26.87 -9.37
C GLN B 905 33.46 27.64 -9.32
N ALA B 906 34.28 27.51 -10.35
CA ALA B 906 35.59 28.14 -10.35
C ALA B 906 35.47 29.66 -10.25
N TYR B 907 34.52 30.24 -10.98
CA TYR B 907 34.34 31.69 -10.92
C TYR B 907 33.77 32.13 -9.58
N THR B 908 32.85 31.33 -9.01
CA THR B 908 32.31 31.67 -7.70
C THR B 908 33.37 31.53 -6.61
N LEU B 909 34.17 30.46 -6.66
CA LEU B 909 35.31 30.34 -5.75
C LEU B 909 36.25 31.53 -5.90
N LYS B 910 36.40 32.05 -7.12
CA LYS B 910 37.29 33.19 -7.33
C LYS B 910 36.80 34.42 -6.60
N ARG B 911 35.51 34.74 -6.71
CA ARG B 911 35.01 35.92 -6.04
C ARG B 911 34.89 35.74 -4.52
N ILE B 912 34.97 34.52 -4.02
CA ILE B 912 34.96 34.31 -2.58
C ILE B 912 36.34 34.52 -1.98
N ARG B 913 37.35 33.81 -2.50
CA ARG B 913 38.70 33.95 -2.00
C ARG B 913 39.31 35.30 -2.33
N ASP B 914 38.92 35.86 -3.47
CA ASP B 914 39.38 37.16 -3.95
C ASP B 914 38.27 38.17 -3.72
N PRO B 915 38.27 38.88 -2.58
CA PRO B 915 37.29 39.98 -2.41
C PRO B 915 37.59 41.17 -3.31
N ASN B 916 38.74 41.20 -3.96
CA ASN B 916 39.14 42.32 -4.81
C ASN B 916 38.58 42.25 -6.22
N PHE B 917 38.26 41.05 -6.71
CA PHE B 917 37.91 40.83 -8.12
C PHE B 917 36.63 41.57 -8.48
N LYS B 918 36.78 42.63 -9.26
CA LYS B 918 35.63 43.44 -9.69
C LYS B 918 34.76 42.70 -10.69
N VAL B 919 33.45 42.86 -10.56
CA VAL B 919 32.48 42.29 -11.50
C VAL B 919 31.36 43.30 -11.70
N THR B 920 30.86 43.40 -12.93
CA THR B 920 29.84 44.38 -13.26
C THR B 920 28.45 43.77 -13.12
N PRO B 921 27.61 44.27 -12.23
CA PRO B 921 26.26 43.69 -12.09
C PRO B 921 25.37 44.05 -13.27
N GLN B 922 24.59 43.07 -13.72
CA GLN B 922 23.66 43.21 -14.82
C GLN B 922 22.22 43.16 -14.30
N PRO B 923 21.25 43.58 -15.12
CA PRO B 923 19.87 43.61 -14.65
C PRO B 923 19.37 42.21 -14.32
N PRO B 924 18.40 42.10 -13.42
CA PRO B 924 17.92 40.76 -13.02
C PRO B 924 17.16 40.07 -14.14
N LEU B 925 17.20 38.74 -14.10
CA LEU B 925 16.51 37.89 -15.06
C LEU B 925 15.16 37.40 -14.56
N SER B 926 15.07 37.03 -13.29
CA SER B 926 13.84 36.47 -12.75
C SER B 926 12.81 37.56 -12.53
N LYS B 927 11.61 37.36 -13.09
CA LYS B 927 10.52 38.30 -12.87
C LYS B 927 10.02 38.29 -11.43
N GLU B 928 10.40 37.30 -10.62
CA GLU B 928 10.04 37.31 -9.21
C GLU B 928 10.76 38.44 -8.47
N PHE B 929 12.02 38.67 -8.81
CA PHE B 929 12.77 39.79 -8.23
C PHE B 929 13.37 40.65 -9.34
N ALA B 936 14.24 39.95 -2.00
CA ALA B 936 15.08 38.80 -2.31
C ALA B 936 14.87 37.68 -1.28
N GLY B 937 13.65 37.13 -1.28
CA GLY B 937 13.34 36.07 -0.33
C GLY B 937 14.19 34.82 -0.51
N LEU B 938 14.54 34.50 -1.75
CA LEU B 938 15.35 33.32 -2.01
C LEU B 938 16.76 33.48 -1.44
N VAL B 939 17.30 34.70 -1.43
CA VAL B 939 18.62 34.92 -0.86
C VAL B 939 18.58 34.75 0.65
N LYS B 940 17.51 35.24 1.29
CA LYS B 940 17.50 35.29 2.75
C LYS B 940 17.15 33.96 3.39
N LEU B 941 17.11 32.88 2.62
CA LEU B 941 17.08 31.54 3.21
C LEU B 941 18.40 31.20 3.89
N ASN B 942 19.49 31.87 3.50
CA ASN B 942 20.76 31.79 4.20
C ASN B 942 20.94 33.08 4.98
N PRO B 943 20.58 33.14 6.27
CA PRO B 943 20.66 34.40 7.01
C PRO B 943 22.08 34.91 7.18
N ALA B 944 22.85 34.25 8.06
CA ALA B 944 24.20 34.68 8.39
C ALA B 944 25.20 33.79 7.65
N SER B 945 25.52 34.19 6.43
CA SER B 945 26.52 33.49 5.64
C SER B 945 27.89 34.14 5.82
N GLU B 946 28.93 33.31 5.91
CA GLU B 946 30.29 33.83 6.00
C GLU B 946 30.65 34.66 4.77
N TYR B 947 30.03 34.38 3.65
CA TYR B 947 30.30 35.02 2.38
C TYR B 947 29.24 36.06 2.06
N PRO B 948 29.48 36.96 1.12
CA PRO B 948 28.48 37.98 0.76
C PRO B 948 27.19 37.35 0.28
N PRO B 949 26.17 38.13 -0.06
CA PRO B 949 24.86 37.54 -0.41
C PRO B 949 24.91 36.67 -1.66
N GLY B 950 24.45 35.43 -1.52
CA GLY B 950 24.18 34.56 -2.64
C GLY B 950 25.32 33.65 -3.07
N LEU B 951 26.55 33.98 -2.67
CA LEU B 951 27.72 33.24 -3.16
C LEU B 951 27.84 31.87 -2.49
N GLU B 952 27.52 31.78 -1.20
CA GLU B 952 27.56 30.48 -0.54
C GLU B 952 26.50 29.54 -1.11
N ASP B 953 25.26 30.02 -1.22
CA ASP B 953 24.20 29.18 -1.76
C ASP B 953 24.51 28.77 -3.19
N THR B 954 25.03 29.69 -4.01
CA THR B 954 25.41 29.34 -5.37
C THR B 954 26.55 28.32 -5.38
N LEU B 955 27.52 28.47 -4.47
CA LEU B 955 28.62 27.53 -4.41
C LEU B 955 28.13 26.14 -4.00
N ILE B 956 27.16 26.06 -3.09
CA ILE B 956 26.65 24.77 -2.64
C ILE B 956 25.81 24.12 -3.73
N LEU B 957 24.93 24.90 -4.36
CA LEU B 957 24.14 24.37 -5.47
C LEU B 957 25.03 23.85 -6.59
N THR B 958 26.14 24.55 -6.84
CA THR B 958 27.16 24.04 -7.75
C THR B 958 27.57 22.63 -7.36
N MET B 959 28.03 22.47 -6.12
CA MET B 959 28.58 21.18 -5.67
C MET B 959 27.57 20.05 -5.84
N LYS B 960 26.30 20.29 -5.46
CA LYS B 960 25.29 19.26 -5.61
C LYS B 960 25.03 18.97 -7.08
N GLY B 961 25.10 20.00 -7.92
CA GLY B 961 24.85 19.80 -9.34
C GLY B 961 25.87 18.90 -9.99
N ILE B 962 27.16 19.16 -9.75
CA ILE B 962 28.21 18.32 -10.32
C ILE B 962 28.13 16.91 -9.76
N ALA B 963 27.83 16.79 -8.46
CA ALA B 963 27.63 15.47 -7.88
C ALA B 963 26.50 14.74 -8.58
N ALA B 964 25.45 15.46 -8.96
CA ALA B 964 24.35 14.85 -9.70
C ALA B 964 24.78 14.47 -11.11
N GLY B 965 25.45 15.38 -11.81
CA GLY B 965 25.90 15.08 -13.16
C GLY B 965 26.92 13.97 -13.20
N MET B 966 27.86 13.97 -12.25
CA MET B 966 28.85 12.89 -12.17
C MET B 966 28.25 11.60 -11.61
N GLN B 967 27.03 11.63 -11.09
CA GLN B 967 26.38 10.45 -10.49
C GLN B 967 27.19 9.89 -9.33
N ASN B 968 27.97 10.74 -8.68
CA ASN B 968 28.79 10.34 -7.55
C ASN B 968 29.17 11.60 -6.76
N THR B 969 29.38 11.42 -5.46
CA THR B 969 29.87 12.51 -4.62
C THR B 969 31.29 12.27 -4.12
N GLY B 970 31.55 11.13 -3.48
CA GLY B 970 32.87 10.83 -2.99
C GLY B 970 33.11 9.36 -2.71
N GLY C . -14.87 -26.62 2.73
CA GLY C . -14.31 -27.82 2.15
C GLY C . -12.89 -28.12 2.61
O GLY C . -12.18 -28.91 1.99
OXT GLY C . -12.43 -27.58 3.63
C1 G6P D . -14.34 -9.56 11.58
C2 G6P D . -15.12 -10.13 12.77
C3 G6P D . -14.72 -11.57 13.05
C4 G6P D . -14.81 -12.39 11.78
C5 G6P D . -13.96 -11.76 10.69
C6 G6P D . -14.06 -12.54 9.40
O1 G6P D . -12.97 -9.43 11.95
O2 G6P D . -14.87 -9.32 13.93
O3 G6P D . -15.59 -12.12 14.05
O4 G6P D . -14.33 -13.72 12.04
O5 G6P D . -14.45 -10.43 10.45
O6 G6P D . -15.40 -12.51 8.91
P G6P D . -16.12 -13.89 8.49
O1P G6P D . -17.44 -13.43 7.91
O2P G6P D . -16.24 -14.66 9.79
O3P G6P D . -15.19 -14.51 7.48
C1 EDO E . -37.39 0.14 -11.04
O1 EDO E . -36.84 1.43 -11.35
C2 EDO E . -38.57 -0.16 -11.96
O2 EDO E . -39.29 -1.29 -11.46
C1 EDO F . -39.54 4.97 -10.38
O1 EDO F . -38.76 5.46 -9.30
C2 EDO F . -39.81 3.48 -10.18
O2 EDO F . -40.53 3.30 -8.96
C1 EDO G . -21.88 -9.58 6.53
O1 EDO G . -21.18 -9.79 7.77
C2 EDO G . -22.99 -8.57 6.75
O2 EDO G . -23.55 -8.21 5.49
C1 EDO H . -33.71 -10.93 -10.32
O1 EDO H . -32.33 -10.59 -10.33
C2 EDO H . -34.12 -11.19 -8.90
O2 EDO H . -35.37 -10.54 -8.65
P PGA I . -36.50 -3.18 4.69
O1P PGA I . -36.11 -2.51 3.28
O2P PGA I . -36.49 -4.69 4.53
O3P PGA I . -35.55 -2.74 5.77
O4P PGA I . -37.91 -2.76 5.05
C2 PGA I . -36.66 -1.26 2.95
C1 PGA I . -35.98 -0.75 1.69
O1 PGA I . -35.24 0.25 1.74
O2 PGA I . -36.16 -1.34 0.61
N GLY J . 16.12 27.05 -3.67
CA GLY J . 14.70 27.26 -3.74
C GLY J . 14.14 27.28 -5.15
O GLY J . 12.94 27.50 -5.34
OXT GLY J . 14.86 27.08 -6.13
C1 G6P K . 13.41 13.22 8.73
C2 G6P K . 14.22 14.05 9.73
C3 G6P K . 13.73 15.49 9.69
C4 G6P K . 13.85 16.02 8.26
C5 G6P K . 13.07 15.11 7.31
C6 G6P K . 13.22 15.60 5.88
O1 G6P K . 12.03 13.21 9.10
O2 G6P K . 14.06 13.53 11.05
O3 G6P K . 14.50 16.31 10.59
O4 G6P K . 13.36 17.36 8.18
O5 G6P K . 13.55 13.78 7.42
O6 G6P K . 14.57 15.40 5.46
P G6P K . 15.37 16.55 4.66
O1P G6P K . 15.37 17.73 5.61
O2P G6P K . 16.74 15.95 4.42
O3P G6P K . 14.56 16.78 3.40
C1 EDO L . 40.77 -5.85 -4.74
O1 EDO L . 40.44 -4.46 -4.72
C2 EDO L . 39.58 -6.70 -4.31
O2 EDO L . 39.83 -8.07 -4.57
C1 EDO M . 38.59 -2.58 -7.77
O1 EDO M . 39.85 -2.45 -8.43
C2 EDO M . 38.18 -4.04 -7.73
O2 EDO M . 36.97 -4.17 -6.96
C1 GOL N . -1.61 -17.37 3.39
O1 GOL N . -0.37 -17.98 3.57
C2 GOL N . -2.18 -17.90 2.05
O2 GOL N . -3.54 -17.64 1.94
C3 GOL N . -1.38 -17.19 0.95
O3 GOL N . -2.03 -17.47 -0.25
C1 GOL O . 1.15 -12.55 -0.90
O1 GOL O . 1.16 -12.23 0.46
C2 GOL O . 1.55 -14.04 -1.01
O2 GOL O . 2.91 -14.22 -0.80
C3 GOL O . 1.11 -14.46 -2.43
O3 GOL O . 1.26 -15.84 -2.52
P PGA P . 36.22 5.78 6.32
O1P PGA P . 36.07 4.52 5.33
O2P PGA P . 35.59 6.98 5.66
O3P PGA P . 35.52 5.50 7.63
O4P PGA P . 37.68 6.06 6.58
C2 PGA P . 36.43 3.23 5.75
C1 PGA P . 36.03 2.22 4.70
O1 PGA P . 35.07 1.45 4.92
O2 PGA P . 36.64 2.15 3.62
#